data_5DC0
# 
_entry.id   5DC0 
# 
_audit_conform.dict_name       mmcif_pdbx.dic 
_audit_conform.dict_version    5.387 
_audit_conform.dict_location   http://mmcif.pdb.org/dictionaries/ascii/mmcif_pdbx.dic 
# 
loop_
_database_2.database_id 
_database_2.database_code 
_database_2.pdbx_database_accession 
_database_2.pdbx_DOI 
PDB   5DC0         pdb_00005dc0 10.2210/pdb5dc0/pdb 
WWPDB D_1000212986 ?            ?                   
# 
loop_
_pdbx_audit_revision_history.ordinal 
_pdbx_audit_revision_history.data_content_type 
_pdbx_audit_revision_history.major_revision 
_pdbx_audit_revision_history.minor_revision 
_pdbx_audit_revision_history.revision_date 
1 'Structure model' 1 0 2016-03-02 
2 'Structure model' 1 1 2016-03-09 
3 'Structure model' 1 2 2016-05-11 
4 'Structure model' 1 3 2017-09-20 
5 'Structure model' 1 4 2019-12-04 
6 'Structure model' 1 5 2024-03-06 
# 
_pdbx_audit_revision_details.ordinal             1 
_pdbx_audit_revision_details.revision_ordinal    1 
_pdbx_audit_revision_details.data_content_type   'Structure model' 
_pdbx_audit_revision_details.provider            repository 
_pdbx_audit_revision_details.type                'Initial release' 
_pdbx_audit_revision_details.description         ? 
_pdbx_audit_revision_details.details             ? 
# 
loop_
_pdbx_audit_revision_group.ordinal 
_pdbx_audit_revision_group.revision_ordinal 
_pdbx_audit_revision_group.data_content_type 
_pdbx_audit_revision_group.group 
1 2 'Structure model' 'Database references'        
2 3 'Structure model' 'Database references'        
3 4 'Structure model' 'Author supporting evidence' 
4 4 'Structure model' 'Database references'        
5 4 'Structure model' 'Derived calculations'       
6 5 'Structure model' 'Author supporting evidence' 
7 6 'Structure model' 'Data collection'            
8 6 'Structure model' 'Database references'        
# 
loop_
_pdbx_audit_revision_category.ordinal 
_pdbx_audit_revision_category.revision_ordinal 
_pdbx_audit_revision_category.data_content_type 
_pdbx_audit_revision_category.category 
1 4 'Structure model' citation              
2 4 'Structure model' pdbx_audit_support    
3 4 'Structure model' pdbx_struct_oper_list 
4 5 'Structure model' pdbx_audit_support    
5 6 'Structure model' chem_comp_atom        
6 6 'Structure model' chem_comp_bond        
7 6 'Structure model' database_2            
# 
loop_
_pdbx_audit_revision_item.ordinal 
_pdbx_audit_revision_item.revision_ordinal 
_pdbx_audit_revision_item.data_content_type 
_pdbx_audit_revision_item.item 
1 4 'Structure model' '_citation.journal_id_CSD'                  
2 4 'Structure model' '_pdbx_audit_support.funding_organization'  
3 4 'Structure model' '_pdbx_struct_oper_list.symmetry_operation' 
4 5 'Structure model' '_pdbx_audit_support.funding_organization'  
5 6 'Structure model' '_database_2.pdbx_DOI'                      
6 6 'Structure model' '_database_2.pdbx_database_accession'       
# 
_pdbx_database_status.status_code                     REL 
_pdbx_database_status.status_code_sf                  REL 
_pdbx_database_status.status_code_mr                  ? 
_pdbx_database_status.entry_id                        5DC0 
_pdbx_database_status.recvd_initial_deposition_date   2015-08-22 
_pdbx_database_status.SG_entry                        N 
_pdbx_database_status.deposit_site                    RCSB 
_pdbx_database_status.process_site                    RCSB 
_pdbx_database_status.status_code_cs                  ? 
_pdbx_database_status.methods_development_category    ? 
_pdbx_database_status.pdb_format_compatible           Y 
_pdbx_database_status.status_code_nmr_data            ? 
# 
loop_
_pdbx_database_related.db_name 
_pdbx_database_related.details 
_pdbx_database_related.db_id 
_pdbx_database_related.content_type 
PDB . 5DC9 unspecified 
PDB . 5DC4 unspecified 
# 
loop_
_audit_author.name 
_audit_author.pdbx_ordinal 
'Wojcik, J.B.' 1 
'Grabe, G.'    2 
'Koide, S.'    3 
# 
_citation.abstract                  ? 
_citation.abstract_id_CAS           ? 
_citation.book_id_ISBN              ? 
_citation.book_publisher            ? 
_citation.book_publisher_city       ? 
_citation.book_title                ? 
_citation.coordinate_linkage        ? 
_citation.country                   US 
_citation.database_id_Medline       ? 
_citation.details                   ? 
_citation.id                        primary 
_citation.journal_abbrev            J.Biol.Chem. 
_citation.journal_id_ASTM           JBCHA3 
_citation.journal_id_CSD            0071 
_citation.journal_id_ISSN           1083-351X 
_citation.journal_full              ? 
_citation.journal_issue             ? 
_citation.journal_volume            291 
_citation.language                  ? 
_citation.page_first                8836 
_citation.page_last                 8847 
_citation.title                     
'Allosteric Inhibition of Bcr-Abl Kinase by High Affinity Monobody Inhibitors Directed to the Src Homology 2 (SH2)-Kinase Interface.' 
_citation.year                      2016 
_citation.database_id_CSD           ? 
_citation.pdbx_database_id_DOI      10.1074/jbc.M115.707901 
_citation.pdbx_database_id_PubMed   26912659 
_citation.unpublished_flag          ? 
# 
loop_
_citation_author.citation_id 
_citation_author.name 
_citation_author.ordinal 
_citation_author.identifier_ORCID 
primary 'Wojcik, J.'        1 ? 
primary 'Lamontanara, A.J.' 2 ? 
primary 'Grabe, G.'         3 ? 
primary 'Koide, A.'         4 ? 
primary 'Akin, L.'          5 ? 
primary 'Gerig, B.'         6 ? 
primary 'Hantschel, O.'     7 ? 
primary 'Koide, S.'         8 ? 
# 
loop_
_entity.id 
_entity.type 
_entity.src_method 
_entity.pdbx_description 
_entity.formula_weight 
_entity.pdbx_number_of_molecules 
_entity.pdbx_ec 
_entity.pdbx_mutation 
_entity.pdbx_fragment 
_entity.details 
1 polymer man Fibronectin                    9866.981  1  ?        ? ? ? 
2 polymer man 'Tyrosine-protein kinase ABL1' 13571.003 1  2.7.10.2 ? ? ? 
3 water   nat water                          18.015    55 ?        ? ? ? 
# 
loop_
_entity_name_com.entity_id 
_entity_name_com.name 
1 'FN,Cold-insoluble globulin,CIG'                                                                               
2 'Abelson murine leukemia viral oncogene homolog 1,Abelson tyrosine-protein kinase 1,Proto-oncogene c-Abl,p150' 
# 
loop_
_entity_poly.entity_id 
_entity_poly.type 
_entity_poly.nstd_linkage 
_entity_poly.nstd_monomer 
_entity_poly.pdbx_seq_one_letter_code 
_entity_poly.pdbx_seq_one_letter_code_can 
_entity_poly.pdbx_strand_id 
_entity_poly.pdbx_target_identifier 
1 'polypeptide(L)' no no 
;VSDVPTKLEVVAATPTSLLISWDAPAVTVVHYVITYGETGGNSPVQEFTVPGSKSTATISGLSPGVDYTITVYALLSSSH
WVYESPISINYRT
;
;VSDVPTKLEVVAATPTSLLISWDAPAVTVVHYVITYGETGGNSPVQEFTVPGSKSTATISGLSPGVDYTITVYALLSSSH
WVYESPISINYRT
;
A ? 
2 'polypeptide(L)' no no 
;PSNYITPVNSLEKHSWYHGPVSRNAAEYLLSSGINGSFLVRESESSPGQRSISLRYEGRVYHYRINTASDGKLYVSSESR
FNTLAELVHHHSTVADGLITTLHYPAPKRNKPTVYGVSPNY
;
;PSNYITPVNSLEKHSWYHGPVSRNAAEYLLSSGINGSFLVRESESSPGQRSISLRYEGRVYHYRINTASDGKLYVSSESR
FNTLAELVHHHSTVADGLITTLHYPAPKRNKPTVYGVSPNY
;
B ? 
# 
_pdbx_entity_nonpoly.entity_id   3 
_pdbx_entity_nonpoly.name        water 
_pdbx_entity_nonpoly.comp_id     HOH 
# 
loop_
_entity_poly_seq.entity_id 
_entity_poly_seq.num 
_entity_poly_seq.mon_id 
_entity_poly_seq.hetero 
1 1   VAL n 
1 2   SER n 
1 3   ASP n 
1 4   VAL n 
1 5   PRO n 
1 6   THR n 
1 7   LYS n 
1 8   LEU n 
1 9   GLU n 
1 10  VAL n 
1 11  VAL n 
1 12  ALA n 
1 13  ALA n 
1 14  THR n 
1 15  PRO n 
1 16  THR n 
1 17  SER n 
1 18  LEU n 
1 19  LEU n 
1 20  ILE n 
1 21  SER n 
1 22  TRP n 
1 23  ASP n 
1 24  ALA n 
1 25  PRO n 
1 26  ALA n 
1 27  VAL n 
1 28  THR n 
1 29  VAL n 
1 30  VAL n 
1 31  HIS n 
1 32  TYR n 
1 33  VAL n 
1 34  ILE n 
1 35  THR n 
1 36  TYR n 
1 37  GLY n 
1 38  GLU n 
1 39  THR n 
1 40  GLY n 
1 41  GLY n 
1 42  ASN n 
1 43  SER n 
1 44  PRO n 
1 45  VAL n 
1 46  GLN n 
1 47  GLU n 
1 48  PHE n 
1 49  THR n 
1 50  VAL n 
1 51  PRO n 
1 52  GLY n 
1 53  SER n 
1 54  LYS n 
1 55  SER n 
1 56  THR n 
1 57  ALA n 
1 58  THR n 
1 59  ILE n 
1 60  SER n 
1 61  GLY n 
1 62  LEU n 
1 63  SER n 
1 64  PRO n 
1 65  GLY n 
1 66  VAL n 
1 67  ASP n 
1 68  TYR n 
1 69  THR n 
1 70  ILE n 
1 71  THR n 
1 72  VAL n 
1 73  TYR n 
1 74  ALA n 
1 75  LEU n 
1 76  LEU n 
1 77  SER n 
1 78  SER n 
1 79  SER n 
1 80  HIS n 
1 81  TRP n 
1 82  VAL n 
1 83  TYR n 
1 84  GLU n 
1 85  SER n 
1 86  PRO n 
1 87  ILE n 
1 88  SER n 
1 89  ILE n 
1 90  ASN n 
1 91  TYR n 
1 92  ARG n 
1 93  THR n 
2 1   PRO n 
2 2   SER n 
2 3   ASN n 
2 4   TYR n 
2 5   ILE n 
2 6   THR n 
2 7   PRO n 
2 8   VAL n 
2 9   ASN n 
2 10  SER n 
2 11  LEU n 
2 12  GLU n 
2 13  LYS n 
2 14  HIS n 
2 15  SER n 
2 16  TRP n 
2 17  TYR n 
2 18  HIS n 
2 19  GLY n 
2 20  PRO n 
2 21  VAL n 
2 22  SER n 
2 23  ARG n 
2 24  ASN n 
2 25  ALA n 
2 26  ALA n 
2 27  GLU n 
2 28  TYR n 
2 29  LEU n 
2 30  LEU n 
2 31  SER n 
2 32  SER n 
2 33  GLY n 
2 34  ILE n 
2 35  ASN n 
2 36  GLY n 
2 37  SER n 
2 38  PHE n 
2 39  LEU n 
2 40  VAL n 
2 41  ARG n 
2 42  GLU n 
2 43  SER n 
2 44  GLU n 
2 45  SER n 
2 46  SER n 
2 47  PRO n 
2 48  GLY n 
2 49  GLN n 
2 50  ARG n 
2 51  SER n 
2 52  ILE n 
2 53  SER n 
2 54  LEU n 
2 55  ARG n 
2 56  TYR n 
2 57  GLU n 
2 58  GLY n 
2 59  ARG n 
2 60  VAL n 
2 61  TYR n 
2 62  HIS n 
2 63  TYR n 
2 64  ARG n 
2 65  ILE n 
2 66  ASN n 
2 67  THR n 
2 68  ALA n 
2 69  SER n 
2 70  ASP n 
2 71  GLY n 
2 72  LYS n 
2 73  LEU n 
2 74  TYR n 
2 75  VAL n 
2 76  SER n 
2 77  SER n 
2 78  GLU n 
2 79  SER n 
2 80  ARG n 
2 81  PHE n 
2 82  ASN n 
2 83  THR n 
2 84  LEU n 
2 85  ALA n 
2 86  GLU n 
2 87  LEU n 
2 88  VAL n 
2 89  HIS n 
2 90  HIS n 
2 91  HIS n 
2 92  SER n 
2 93  THR n 
2 94  VAL n 
2 95  ALA n 
2 96  ASP n 
2 97  GLY n 
2 98  LEU n 
2 99  ILE n 
2 100 THR n 
2 101 THR n 
2 102 LEU n 
2 103 HIS n 
2 104 TYR n 
2 105 PRO n 
2 106 ALA n 
2 107 PRO n 
2 108 LYS n 
2 109 ARG n 
2 110 ASN n 
2 111 LYS n 
2 112 PRO n 
2 113 THR n 
2 114 VAL n 
2 115 TYR n 
2 116 GLY n 
2 117 VAL n 
2 118 SER n 
2 119 PRO n 
2 120 ASN n 
2 121 TYR n 
# 
loop_
_entity_src_gen.entity_id 
_entity_src_gen.pdbx_src_id 
_entity_src_gen.pdbx_alt_source_flag 
_entity_src_gen.pdbx_seq_type 
_entity_src_gen.pdbx_beg_seq_num 
_entity_src_gen.pdbx_end_seq_num 
_entity_src_gen.gene_src_common_name 
_entity_src_gen.gene_src_genus 
_entity_src_gen.pdbx_gene_src_gene 
_entity_src_gen.gene_src_species 
_entity_src_gen.gene_src_strain 
_entity_src_gen.gene_src_tissue 
_entity_src_gen.gene_src_tissue_fraction 
_entity_src_gen.gene_src_details 
_entity_src_gen.pdbx_gene_src_fragment 
_entity_src_gen.pdbx_gene_src_scientific_name 
_entity_src_gen.pdbx_gene_src_ncbi_taxonomy_id 
_entity_src_gen.pdbx_gene_src_variant 
_entity_src_gen.pdbx_gene_src_cell_line 
_entity_src_gen.pdbx_gene_src_atcc 
_entity_src_gen.pdbx_gene_src_organ 
_entity_src_gen.pdbx_gene_src_organelle 
_entity_src_gen.pdbx_gene_src_cell 
_entity_src_gen.pdbx_gene_src_cellular_location 
_entity_src_gen.host_org_common_name 
_entity_src_gen.pdbx_host_org_scientific_name 
_entity_src_gen.pdbx_host_org_ncbi_taxonomy_id 
_entity_src_gen.host_org_genus 
_entity_src_gen.pdbx_host_org_gene 
_entity_src_gen.pdbx_host_org_organ 
_entity_src_gen.host_org_species 
_entity_src_gen.pdbx_host_org_tissue 
_entity_src_gen.pdbx_host_org_tissue_fraction 
_entity_src_gen.pdbx_host_org_strain 
_entity_src_gen.pdbx_host_org_variant 
_entity_src_gen.pdbx_host_org_cell_line 
_entity_src_gen.pdbx_host_org_atcc 
_entity_src_gen.pdbx_host_org_culture_collection 
_entity_src_gen.pdbx_host_org_cell 
_entity_src_gen.pdbx_host_org_organelle 
_entity_src_gen.pdbx_host_org_cellular_location 
_entity_src_gen.pdbx_host_org_vector_type 
_entity_src_gen.pdbx_host_org_vector 
_entity_src_gen.host_org_details 
_entity_src_gen.expression_system_id 
_entity_src_gen.plasmid_name 
_entity_src_gen.plasmid_details 
_entity_src_gen.pdbx_description 
1 1 sample 'Biological sequence' 1 93  Human ? 'FN1, FN'         ? ? ? ? ? ? 'Homo sapiens' 9606 ? ? ? ? ? ? ? ? 
'Escherichia coli' 469008 ? ? ? ? ? ? 'BL21(DE3)' ? ? ? ? ? ? ? PLASMID ? ? ? pHFT2 ? ? 
2 1 sample 'Biological sequence' 1 121 Human ? 'ABL1, ABL, JTK7' ? ? ? ? ? ? 'Homo sapiens' 9606 ? ? ? ? ? ? ? ? 
'Escherichia coli' 469008 ? ? ? ? ? ? 'BL21(DE3)' ? ? ? ? ? ? ? PLASMID ? ? ? pHFT2 ? ? 
# 
loop_
_chem_comp.id 
_chem_comp.type 
_chem_comp.mon_nstd_flag 
_chem_comp.name 
_chem_comp.pdbx_synonyms 
_chem_comp.formula 
_chem_comp.formula_weight 
ALA 'L-peptide linking' y ALANINE         ? 'C3 H7 N O2'     89.093  
ARG 'L-peptide linking' y ARGININE        ? 'C6 H15 N4 O2 1' 175.209 
ASN 'L-peptide linking' y ASPARAGINE      ? 'C4 H8 N2 O3'    132.118 
ASP 'L-peptide linking' y 'ASPARTIC ACID' ? 'C4 H7 N O4'     133.103 
GLN 'L-peptide linking' y GLUTAMINE       ? 'C5 H10 N2 O3'   146.144 
GLU 'L-peptide linking' y 'GLUTAMIC ACID' ? 'C5 H9 N O4'     147.129 
GLY 'peptide linking'   y GLYCINE         ? 'C2 H5 N O2'     75.067  
HIS 'L-peptide linking' y HISTIDINE       ? 'C6 H10 N3 O2 1' 156.162 
HOH non-polymer         . WATER           ? 'H2 O'           18.015  
ILE 'L-peptide linking' y ISOLEUCINE      ? 'C6 H13 N O2'    131.173 
LEU 'L-peptide linking' y LEUCINE         ? 'C6 H13 N O2'    131.173 
LYS 'L-peptide linking' y LYSINE          ? 'C6 H15 N2 O2 1' 147.195 
PHE 'L-peptide linking' y PHENYLALANINE   ? 'C9 H11 N O2'    165.189 
PRO 'L-peptide linking' y PROLINE         ? 'C5 H9 N O2'     115.130 
SER 'L-peptide linking' y SERINE          ? 'C3 H7 N O3'     105.093 
THR 'L-peptide linking' y THREONINE       ? 'C4 H9 N O3'     119.119 
TRP 'L-peptide linking' y TRYPTOPHAN      ? 'C11 H12 N2 O2'  204.225 
TYR 'L-peptide linking' y TYROSINE        ? 'C9 H11 N O3'    181.189 
VAL 'L-peptide linking' y VALINE          ? 'C5 H11 N O2'    117.146 
# 
loop_
_pdbx_poly_seq_scheme.asym_id 
_pdbx_poly_seq_scheme.entity_id 
_pdbx_poly_seq_scheme.seq_id 
_pdbx_poly_seq_scheme.mon_id 
_pdbx_poly_seq_scheme.ndb_seq_num 
_pdbx_poly_seq_scheme.pdb_seq_num 
_pdbx_poly_seq_scheme.auth_seq_num 
_pdbx_poly_seq_scheme.pdb_mon_id 
_pdbx_poly_seq_scheme.auth_mon_id 
_pdbx_poly_seq_scheme.pdb_strand_id 
_pdbx_poly_seq_scheme.pdb_ins_code 
_pdbx_poly_seq_scheme.hetero 
A 1 1   VAL 1   1   ?   ?   ?   A . n 
A 1 2   SER 2   2   ?   ?   ?   A . n 
A 1 3   ASP 3   3   3   ASP ASP A . n 
A 1 4   VAL 4   4   4   VAL VAL A . n 
A 1 5   PRO 5   5   5   PRO PRO A . n 
A 1 6   THR 6   6   6   THR THR A . n 
A 1 7   LYS 7   7   7   LYS LYS A . n 
A 1 8   LEU 8   8   8   LEU LEU A . n 
A 1 9   GLU 9   9   9   GLU GLU A . n 
A 1 10  VAL 10  10  10  VAL VAL A . n 
A 1 11  VAL 11  11  11  VAL VAL A . n 
A 1 12  ALA 12  12  12  ALA ALA A . n 
A 1 13  ALA 13  13  13  ALA ALA A . n 
A 1 14  THR 14  14  14  THR THR A . n 
A 1 15  PRO 15  15  15  PRO PRO A . n 
A 1 16  THR 16  16  16  THR THR A . n 
A 1 17  SER 17  17  17  SER SER A . n 
A 1 18  LEU 18  18  18  LEU LEU A . n 
A 1 19  LEU 19  19  19  LEU LEU A . n 
A 1 20  ILE 20  20  20  ILE ILE A . n 
A 1 21  SER 21  21  21  SER SER A . n 
A 1 22  TRP 22  22  22  TRP TRP A . n 
A 1 23  ASP 23  23  23  ASP ASP A . n 
A 1 24  ALA 24  24  24  ALA ALA A . n 
A 1 25  PRO 25  25  25  PRO PRO A . n 
A 1 26  ALA 26  26  26  ALA ALA A . n 
A 1 27  VAL 27  27  27  VAL VAL A . n 
A 1 28  THR 28  28  28  THR THR A . n 
A 1 29  VAL 29  29  29  VAL VAL A . n 
A 1 30  VAL 30  30  30  VAL VAL A . n 
A 1 31  HIS 31  31  31  HIS HIS A . n 
A 1 32  TYR 32  32  32  TYR TYR A . n 
A 1 33  VAL 33  33  33  VAL VAL A . n 
A 1 34  ILE 34  34  34  ILE ILE A . n 
A 1 35  THR 35  35  35  THR THR A . n 
A 1 36  TYR 36  36  36  TYR TYR A . n 
A 1 37  GLY 37  37  37  GLY GLY A . n 
A 1 38  GLU 38  38  38  GLU GLU A . n 
A 1 39  THR 39  39  39  THR THR A . n 
A 1 40  GLY 40  40  40  GLY GLY A . n 
A 1 41  GLY 41  41  41  GLY GLY A . n 
A 1 42  ASN 42  42  42  ASN ASN A . n 
A 1 43  SER 43  43  43  SER SER A . n 
A 1 44  PRO 44  44  44  PRO PRO A . n 
A 1 45  VAL 45  45  45  VAL VAL A . n 
A 1 46  GLN 46  46  46  GLN GLN A . n 
A 1 47  GLU 47  47  47  GLU GLU A . n 
A 1 48  PHE 48  48  48  PHE PHE A . n 
A 1 49  THR 49  49  49  THR THR A . n 
A 1 50  VAL 50  50  50  VAL VAL A . n 
A 1 51  PRO 51  51  51  PRO PRO A . n 
A 1 52  GLY 52  52  52  GLY GLY A . n 
A 1 53  SER 53  53  53  SER SER A . n 
A 1 54  LYS 54  54  54  LYS LYS A . n 
A 1 55  SER 55  55  55  SER SER A . n 
A 1 56  THR 56  56  56  THR THR A . n 
A 1 57  ALA 57  57  57  ALA ALA A . n 
A 1 58  THR 58  58  58  THR THR A . n 
A 1 59  ILE 59  59  59  ILE ILE A . n 
A 1 60  SER 60  60  60  SER SER A . n 
A 1 61  GLY 61  61  61  GLY GLY A . n 
A 1 62  LEU 62  62  62  LEU LEU A . n 
A 1 63  SER 63  63  63  SER SER A . n 
A 1 64  PRO 64  64  64  PRO PRO A . n 
A 1 65  GLY 65  65  65  GLY GLY A . n 
A 1 66  VAL 66  66  66  VAL VAL A . n 
A 1 67  ASP 67  67  67  ASP ASP A . n 
A 1 68  TYR 68  68  68  TYR TYR A . n 
A 1 69  THR 69  69  69  THR THR A . n 
A 1 70  ILE 70  70  70  ILE ILE A . n 
A 1 71  THR 71  71  71  THR THR A . n 
A 1 72  VAL 72  72  72  VAL VAL A . n 
A 1 73  TYR 73  73  73  TYR TYR A . n 
A 1 74  ALA 74  74  74  ALA ALA A . n 
A 1 75  LEU 75  75  75  LEU LEU A . n 
A 1 76  LEU 76  76  76  LEU LEU A . n 
A 1 77  SER 77  77  77  SER SER A . n 
A 1 78  SER 78  78  78  SER SER A . n 
A 1 79  SER 79  79  79  SER SER A . n 
A 1 80  HIS 80  80  80  HIS HIS A . n 
A 1 81  TRP 81  81  81  TRP TRP A . n 
A 1 82  VAL 82  82  82  VAL VAL A . n 
A 1 83  TYR 83  83  83  TYR TYR A . n 
A 1 84  GLU 84  84  84  GLU GLU A . n 
A 1 85  SER 85  85  85  SER SER A . n 
A 1 86  PRO 86  86  86  PRO PRO A . n 
A 1 87  ILE 87  87  87  ILE ILE A . n 
A 1 88  SER 88  88  88  SER SER A . n 
A 1 89  ILE 89  89  89  ILE ILE A . n 
A 1 90  ASN 90  90  90  ASN ASN A . n 
A 1 91  TYR 91  91  91  TYR TYR A . n 
A 1 92  ARG 92  92  92  ARG ARG A . n 
A 1 93  THR 93  93  93  THR THR A . n 
B 2 1   PRO 1   131 ?   ?   ?   B . n 
B 2 2   SER 2   132 ?   ?   ?   B . n 
B 2 3   ASN 3   133 ?   ?   ?   B . n 
B 2 4   TYR 4   134 ?   ?   ?   B . n 
B 2 5   ILE 5   135 ?   ?   ?   B . n 
B 2 6   THR 6   136 ?   ?   ?   B . n 
B 2 7   PRO 7   137 ?   ?   ?   B . n 
B 2 8   VAL 8   138 ?   ?   ?   B . n 
B 2 9   ASN 9   139 ?   ?   ?   B . n 
B 2 10  SER 10  140 ?   ?   ?   B . n 
B 2 11  LEU 11  141 141 LEU LEU B . n 
B 2 12  GLU 12  142 142 GLU GLU B . n 
B 2 13  LYS 13  143 143 LYS LYS B . n 
B 2 14  HIS 14  144 144 HIS HIS B . n 
B 2 15  SER 15  145 145 SER SER B . n 
B 2 16  TRP 16  146 146 TRP TRP B . n 
B 2 17  TYR 17  147 147 TYR TYR B . n 
B 2 18  HIS 18  148 148 HIS HIS B . n 
B 2 19  GLY 19  149 149 GLY GLY B . n 
B 2 20  PRO 20  150 150 PRO PRO B . n 
B 2 21  VAL 21  151 151 VAL VAL B . n 
B 2 22  SER 22  152 152 SER SER B . n 
B 2 23  ARG 23  153 153 ARG ARG B . n 
B 2 24  ASN 24  154 154 ASN ASN B . n 
B 2 25  ALA 25  155 155 ALA ALA B . n 
B 2 26  ALA 26  156 156 ALA ALA B . n 
B 2 27  GLU 27  157 157 GLU GLU B . n 
B 2 28  TYR 28  158 158 TYR TYR B . n 
B 2 29  LEU 29  159 159 LEU LEU B . n 
B 2 30  LEU 30  160 160 LEU LEU B . n 
B 2 31  SER 31  161 161 SER SER B . n 
B 2 32  SER 32  162 162 SER SER B . n 
B 2 33  GLY 33  163 163 GLY GLY B . n 
B 2 34  ILE 34  164 164 ILE ILE B . n 
B 2 35  ASN 35  165 165 ASN ASN B . n 
B 2 36  GLY 36  166 166 GLY GLY B . n 
B 2 37  SER 37  167 167 SER SER B . n 
B 2 38  PHE 38  168 168 PHE PHE B . n 
B 2 39  LEU 39  169 169 LEU LEU B . n 
B 2 40  VAL 40  170 170 VAL VAL B . n 
B 2 41  ARG 41  171 171 ARG ARG B . n 
B 2 42  GLU 42  172 172 GLU GLU B . n 
B 2 43  SER 43  173 173 SER SER B . n 
B 2 44  GLU 44  174 174 GLU GLU B . n 
B 2 45  SER 45  175 175 SER SER B . n 
B 2 46  SER 46  176 176 SER SER B . n 
B 2 47  PRO 47  177 177 PRO PRO B . n 
B 2 48  GLY 48  178 178 GLY GLY B . n 
B 2 49  GLN 49  179 179 GLN GLN B . n 
B 2 50  ARG 50  180 180 ARG ARG B . n 
B 2 51  SER 51  181 181 SER SER B . n 
B 2 52  ILE 52  182 182 ILE ILE B . n 
B 2 53  SER 53  183 183 SER SER B . n 
B 2 54  LEU 54  184 184 LEU LEU B . n 
B 2 55  ARG 55  185 185 ARG ARG B . n 
B 2 56  TYR 56  186 186 TYR TYR B . n 
B 2 57  GLU 57  187 187 GLU GLU B . n 
B 2 58  GLY 58  188 188 GLY GLY B . n 
B 2 59  ARG 59  189 189 ARG ARG B . n 
B 2 60  VAL 60  190 190 VAL VAL B . n 
B 2 61  TYR 61  191 191 TYR TYR B . n 
B 2 62  HIS 62  192 192 HIS HIS B . n 
B 2 63  TYR 63  193 193 TYR TYR B . n 
B 2 64  ARG 64  194 194 ARG ARG B . n 
B 2 65  ILE 65  195 195 ILE ILE B . n 
B 2 66  ASN 66  196 196 ASN ASN B . n 
B 2 67  THR 67  197 197 THR THR B . n 
B 2 68  ALA 68  198 198 ALA ALA B . n 
B 2 69  SER 69  199 199 SER SER B . n 
B 2 70  ASP 70  200 200 ASP ASP B . n 
B 2 71  GLY 71  201 201 GLY GLY B . n 
B 2 72  LYS 72  202 202 LYS LYS B . n 
B 2 73  LEU 73  203 203 LEU LEU B . n 
B 2 74  TYR 74  204 204 TYR TYR B . n 
B 2 75  VAL 75  205 205 VAL VAL B . n 
B 2 76  SER 76  206 206 SER SER B . n 
B 2 77  SER 77  207 207 SER SER B . n 
B 2 78  GLU 78  208 208 GLU GLU B . n 
B 2 79  SER 79  209 209 SER SER B . n 
B 2 80  ARG 80  210 210 ARG ARG B . n 
B 2 81  PHE 81  211 211 PHE PHE B . n 
B 2 82  ASN 82  212 212 ASN ASN B . n 
B 2 83  THR 83  213 213 THR THR B . n 
B 2 84  LEU 84  214 214 LEU LEU B . n 
B 2 85  ALA 85  215 215 ALA ALA B . n 
B 2 86  GLU 86  216 216 GLU GLU B . n 
B 2 87  LEU 87  217 217 LEU LEU B . n 
B 2 88  VAL 88  218 218 VAL VAL B . n 
B 2 89  HIS 89  219 219 HIS HIS B . n 
B 2 90  HIS 90  220 220 HIS HIS B . n 
B 2 91  HIS 91  221 221 HIS HIS B . n 
B 2 92  SER 92  222 222 SER SER B . n 
B 2 93  THR 93  223 223 THR THR B . n 
B 2 94  VAL 94  224 224 VAL VAL B . n 
B 2 95  ALA 95  225 225 ALA ALA B . n 
B 2 96  ASP 96  226 226 ASP ASP B . n 
B 2 97  GLY 97  227 227 GLY GLY B . n 
B 2 98  LEU 98  228 228 LEU LEU B . n 
B 2 99  ILE 99  229 229 ILE ILE B . n 
B 2 100 THR 100 230 230 THR THR B . n 
B 2 101 THR 101 231 231 THR THR B . n 
B 2 102 LEU 102 232 232 LEU LEU B . n 
B 2 103 HIS 103 233 233 HIS HIS B . n 
B 2 104 TYR 104 234 234 TYR TYR B . n 
B 2 105 PRO 105 235 235 PRO PRO B . n 
B 2 106 ALA 106 236 236 ALA ALA B . n 
B 2 107 PRO 107 237 237 PRO PRO B . n 
B 2 108 LYS 108 238 238 LYS LYS B . n 
B 2 109 ARG 109 239 ?   ?   ?   B . n 
B 2 110 ASN 110 240 ?   ?   ?   B . n 
B 2 111 LYS 111 241 ?   ?   ?   B . n 
B 2 112 PRO 112 242 ?   ?   ?   B . n 
B 2 113 THR 113 243 ?   ?   ?   B . n 
B 2 114 VAL 114 244 ?   ?   ?   B . n 
B 2 115 TYR 115 245 ?   ?   ?   B . n 
B 2 116 GLY 116 246 ?   ?   ?   B . n 
B 2 117 VAL 117 247 ?   ?   ?   B . n 
B 2 118 SER 118 248 ?   ?   ?   B . n 
B 2 119 PRO 119 249 ?   ?   ?   B . n 
B 2 120 ASN 120 250 ?   ?   ?   B . n 
B 2 121 TYR 121 251 ?   ?   ?   B . n 
# 
loop_
_pdbx_nonpoly_scheme.asym_id 
_pdbx_nonpoly_scheme.entity_id 
_pdbx_nonpoly_scheme.mon_id 
_pdbx_nonpoly_scheme.ndb_seq_num 
_pdbx_nonpoly_scheme.pdb_seq_num 
_pdbx_nonpoly_scheme.auth_seq_num 
_pdbx_nonpoly_scheme.pdb_mon_id 
_pdbx_nonpoly_scheme.auth_mon_id 
_pdbx_nonpoly_scheme.pdb_strand_id 
_pdbx_nonpoly_scheme.pdb_ins_code 
C 3 HOH 1  101 44 HOH HOH A . 
C 3 HOH 2  102 36 HOH HOH A . 
C 3 HOH 3  103 8  HOH HOH A . 
C 3 HOH 4  104 5  HOH HOH A . 
C 3 HOH 5  105 17 HOH HOH A . 
C 3 HOH 6  106 34 HOH HOH A . 
C 3 HOH 7  107 14 HOH HOH A . 
C 3 HOH 8  108 50 HOH HOH A . 
C 3 HOH 9  109 13 HOH HOH A . 
C 3 HOH 10 110 52 HOH HOH A . 
C 3 HOH 11 111 7  HOH HOH A . 
C 3 HOH 12 112 42 HOH HOH A . 
C 3 HOH 13 113 21 HOH HOH A . 
C 3 HOH 14 114 6  HOH HOH A . 
C 3 HOH 15 115 1  HOH HOH A . 
C 3 HOH 16 116 24 HOH HOH A . 
C 3 HOH 17 117 15 HOH HOH A . 
C 3 HOH 18 118 10 HOH HOH A . 
C 3 HOH 19 119 23 HOH HOH A . 
C 3 HOH 20 120 48 HOH HOH A . 
C 3 HOH 21 121 3  HOH HOH A . 
C 3 HOH 22 122 20 HOH HOH A . 
C 3 HOH 23 123 4  HOH HOH A . 
C 3 HOH 24 124 51 HOH HOH A . 
C 3 HOH 25 125 46 HOH HOH A . 
C 3 HOH 26 126 56 HOH HOH A . 
C 3 HOH 27 127 54 HOH HOH A . 
C 3 HOH 28 128 41 HOH HOH A . 
C 3 HOH 29 129 27 HOH HOH A . 
C 3 HOH 30 130 47 HOH HOH A . 
C 3 HOH 31 131 26 HOH HOH A . 
C 3 HOH 32 132 28 HOH HOH A . 
C 3 HOH 33 133 38 HOH HOH A . 
C 3 HOH 34 134 57 HOH HOH A . 
D 3 HOH 1  301 2  HOH HOH B . 
D 3 HOH 2  302 30 HOH HOH B . 
D 3 HOH 3  303 32 HOH HOH B . 
D 3 HOH 4  304 19 HOH HOH B . 
D 3 HOH 5  305 22 HOH HOH B . 
D 3 HOH 6  306 35 HOH HOH B . 
D 3 HOH 7  307 45 HOH HOH B . 
D 3 HOH 8  308 18 HOH HOH B . 
D 3 HOH 9  309 29 HOH HOH B . 
D 3 HOH 10 310 49 HOH HOH B . 
D 3 HOH 11 311 25 HOH HOH B . 
D 3 HOH 12 312 11 HOH HOH B . 
D 3 HOH 13 313 37 HOH HOH B . 
D 3 HOH 14 314 43 HOH HOH B . 
D 3 HOH 15 315 16 HOH HOH B . 
D 3 HOH 16 316 39 HOH HOH B . 
D 3 HOH 17 317 12 HOH HOH B . 
D 3 HOH 18 318 55 HOH HOH B . 
D 3 HOH 19 319 40 HOH HOH B . 
D 3 HOH 20 320 31 HOH HOH B . 
D 3 HOH 21 321 9  HOH HOH B . 
# 
loop_
_software.citation_id 
_software.classification 
_software.compiler_name 
_software.compiler_version 
_software.contact_author 
_software.contact_author_email 
_software.date 
_software.description 
_software.dependencies 
_software.hardware 
_software.language 
_software.location 
_software.mods 
_software.name 
_software.os 
_software.os_version 
_software.type 
_software.version 
_software.pdbx_ordinal 
? refinement        ? ? ? ? ? ? ? ? ? ? ? REFMAC      ? ? ? 5.6.0117 1 
? 'data collection' ? ? ? ? ? ? ? ? ? ? ? HKL-2000    ? ? ? .        2 
? 'data scaling'    ? ? ? ? ? ? ? ? ? ? ? SCALEPACK   ? ? ? .        3 
? 'data extraction' ? ? ? ? ? ? ? ? ? ? ? PDB_EXTRACT ? ? ? 3.15     4 
? 'data reduction'  ? ? ? ? ? ? ? ? ? ? ? DENZO       ? ? ? .        5 
? phasing           ? ? ? ? ? ? ? ? ? ? ? PHASER      ? ? ? .        6 
# 
_cell.entry_id           5DC0 
_cell.length_a           131.437 
_cell.length_b           37.348 
_cell.length_c           39.705 
_cell.angle_alpha        90.00 
_cell.angle_beta         98.42 
_cell.angle_gamma        90.00 
_cell.Z_PDB              4 
_cell.pdbx_unique_axis   ? 
# 
_symmetry.entry_id                         5DC0 
_symmetry.space_group_name_H-M             'C 1 2 1' 
_symmetry.pdbx_full_space_group_name_H-M   ? 
_symmetry.cell_setting                     ? 
_symmetry.Int_Tables_number                5 
# 
_exptl.absorpt_coefficient_mu     ? 
_exptl.absorpt_correction_T_max   ? 
_exptl.absorpt_correction_T_min   ? 
_exptl.absorpt_correction_type    ? 
_exptl.absorpt_process_details    ? 
_exptl.entry_id                   5DC0 
_exptl.crystals_number            1 
_exptl.details                    ? 
_exptl.method                     'X-RAY DIFFRACTION' 
_exptl.method_details             ? 
# 
_exptl_crystal.colour                      ? 
_exptl_crystal.density_diffrn              ? 
_exptl_crystal.density_Matthews            2.04 
_exptl_crystal.density_method              ? 
_exptl_crystal.density_percent_sol         39.82 
_exptl_crystal.description                 ? 
_exptl_crystal.F_000                       ? 
_exptl_crystal.id                          1 
_exptl_crystal.preparation                 ? 
_exptl_crystal.size_max                    ? 
_exptl_crystal.size_mid                    ? 
_exptl_crystal.size_min                    ? 
_exptl_crystal.size_rad                    ? 
_exptl_crystal.colour_lustre               ? 
_exptl_crystal.colour_modifier             ? 
_exptl_crystal.colour_primary              ? 
_exptl_crystal.density_meas                ? 
_exptl_crystal.density_meas_esd            ? 
_exptl_crystal.density_meas_gt             ? 
_exptl_crystal.density_meas_lt             ? 
_exptl_crystal.density_meas_temp           ? 
_exptl_crystal.density_meas_temp_esd       ? 
_exptl_crystal.density_meas_temp_gt        ? 
_exptl_crystal.density_meas_temp_lt        ? 
_exptl_crystal.pdbx_crystal_image_url      ? 
_exptl_crystal.pdbx_crystal_image_format   ? 
_exptl_crystal.pdbx_mosaicity              ? 
_exptl_crystal.pdbx_mosaicity_esd          ? 
# 
_exptl_crystal_grow.apparatus       ? 
_exptl_crystal_grow.atmosphere      ? 
_exptl_crystal_grow.crystal_id      1 
_exptl_crystal_grow.details         ? 
_exptl_crystal_grow.method          'VAPOR DIFFUSION, HANGING DROP' 
_exptl_crystal_grow.method_ref      ? 
_exptl_crystal_grow.pH              8.0 
_exptl_crystal_grow.pressure        ? 
_exptl_crystal_grow.pressure_esd    ? 
_exptl_crystal_grow.seeding         ? 
_exptl_crystal_grow.seeding_ref     ? 
_exptl_crystal_grow.temp            291 
_exptl_crystal_grow.temp_details    ? 
_exptl_crystal_grow.temp_esd        ? 
_exptl_crystal_grow.time            ? 
_exptl_crystal_grow.pdbx_details    '0.1M sodium tartrate pH=8 and 25% w/v polyethylene glycol 3350' 
_exptl_crystal_grow.pdbx_pH_range   8.0 
# 
_diffrn.ambient_environment    ? 
_diffrn.ambient_temp           100 
_diffrn.ambient_temp_details   ? 
_diffrn.ambient_temp_esd       ? 
_diffrn.crystal_id             1 
_diffrn.crystal_support        ? 
_diffrn.crystal_treatment      ? 
_diffrn.details                ? 
_diffrn.id                     1 
_diffrn.ambient_pressure       ? 
_diffrn.ambient_pressure_esd   ? 
_diffrn.ambient_pressure_gt    ? 
_diffrn.ambient_pressure_lt    ? 
_diffrn.ambient_temp_gt        ? 
_diffrn.ambient_temp_lt        ? 
# 
_diffrn_detector.details                      ? 
_diffrn_detector.detector                     CCD 
_diffrn_detector.diffrn_id                    1 
_diffrn_detector.type                         'ADSC QUANTUM 315' 
_diffrn_detector.area_resol_mean              ? 
_diffrn_detector.dtime                        ? 
_diffrn_detector.pdbx_frames_total            ? 
_diffrn_detector.pdbx_collection_time_total   ? 
_diffrn_detector.pdbx_collection_date         2010-04-28 
# 
_diffrn_radiation.collimation                      ? 
_diffrn_radiation.diffrn_id                        1 
_diffrn_radiation.filter_edge                      ? 
_diffrn_radiation.inhomogeneity                    ? 
_diffrn_radiation.monochromator                    'SI 111 SIDE BOUNCE' 
_diffrn_radiation.polarisn_norm                    ? 
_diffrn_radiation.polarisn_ratio                   ? 
_diffrn_radiation.probe                            ? 
_diffrn_radiation.type                             ? 
_diffrn_radiation.xray_symbol                      ? 
_diffrn_radiation.wavelength_id                    1 
_diffrn_radiation.pdbx_monochromatic_or_laue_m_l   M 
_diffrn_radiation.pdbx_wavelength_list             ? 
_diffrn_radiation.pdbx_wavelength                  ? 
_diffrn_radiation.pdbx_diffrn_protocol             'SINGLE WAVELENGTH' 
_diffrn_radiation.pdbx_analyzer                    ? 
_diffrn_radiation.pdbx_scattering_type             x-ray 
# 
_diffrn_radiation_wavelength.id           1 
_diffrn_radiation_wavelength.wavelength   0.97872 
_diffrn_radiation_wavelength.wt           1.0 
# 
_diffrn_source.current                     ? 
_diffrn_source.details                     ? 
_diffrn_source.diffrn_id                   1 
_diffrn_source.power                       ? 
_diffrn_source.size                        ? 
_diffrn_source.source                      SYNCHROTRON 
_diffrn_source.target                      ? 
_diffrn_source.type                        'APS BEAMLINE 24-ID-E' 
_diffrn_source.voltage                     ? 
_diffrn_source.take-off_angle              ? 
_diffrn_source.pdbx_wavelength_list        0.97872 
_diffrn_source.pdbx_wavelength             ? 
_diffrn_source.pdbx_synchrotron_beamline   24-ID-E 
_diffrn_source.pdbx_synchrotron_site       APS 
# 
_reflns.B_iso_Wilson_estimate            ? 
_reflns.entry_id                         5DC0 
_reflns.data_reduction_details           ? 
_reflns.data_reduction_method            ? 
_reflns.d_resolution_high                2.23 
_reflns.d_resolution_low                 65.01 
_reflns.details                          ? 
_reflns.limit_h_max                      ? 
_reflns.limit_h_min                      ? 
_reflns.limit_k_max                      ? 
_reflns.limit_k_min                      ? 
_reflns.limit_l_max                      ? 
_reflns.limit_l_min                      ? 
_reflns.number_all                       ? 
_reflns.number_obs                       9392 
_reflns.observed_criterion               ? 
_reflns.observed_criterion_F_max         ? 
_reflns.observed_criterion_F_min         ? 
_reflns.observed_criterion_I_max         ? 
_reflns.observed_criterion_I_min         ? 
_reflns.observed_criterion_sigma_F       ? 
_reflns.observed_criterion_sigma_I       ? 
_reflns.percent_possible_obs             98.7 
_reflns.R_free_details                   ? 
_reflns.Rmerge_F_all                     ? 
_reflns.Rmerge_F_obs                     ? 
_reflns.Friedel_coverage                 ? 
_reflns.number_gt                        ? 
_reflns.threshold_expression             ? 
_reflns.pdbx_redundancy                  4.4 
_reflns.pdbx_Rmerge_I_obs                ? 
_reflns.pdbx_Rmerge_I_all                ? 
_reflns.pdbx_Rsym_value                  ? 
_reflns.pdbx_netI_over_av_sigmaI         ? 
_reflns.pdbx_netI_over_sigmaI            17.4 
_reflns.pdbx_res_netI_over_av_sigmaI_2   ? 
_reflns.pdbx_res_netI_over_sigmaI_2      ? 
_reflns.pdbx_chi_squared                 ? 
_reflns.pdbx_scaling_rejects             ? 
_reflns.pdbx_d_res_high_opt              ? 
_reflns.pdbx_d_res_low_opt               ? 
_reflns.pdbx_d_res_opt_method            ? 
_reflns.phase_calculation_details        ? 
_reflns.pdbx_Rrim_I_all                  ? 
_reflns.pdbx_Rpim_I_all                  ? 
_reflns.pdbx_d_opt                       ? 
_reflns.pdbx_number_measured_all         ? 
_reflns.pdbx_diffrn_id                   1 
_reflns.pdbx_ordinal                     1 
_reflns.pdbx_CC_half                     ? 
_reflns.pdbx_R_split                     ? 
# 
_refine.pdbx_refine_id                           'X-RAY DIFFRACTION' 
_refine.entry_id                                 5DC0 
_refine.pdbx_diffrn_id                           1 
_refine.pdbx_TLS_residual_ADP_flag               ? 
_refine.ls_number_reflns_obs                     8914 
_refine.ls_number_reflns_all                     ? 
_refine.pdbx_ls_sigma_I                          ? 
_refine.pdbx_ls_sigma_F                          ? 
_refine.pdbx_data_cutoff_high_absF               ? 
_refine.pdbx_data_cutoff_low_absF                ? 
_refine.pdbx_data_cutoff_high_rms_absF           ? 
_refine.ls_d_res_low                             65.01 
_refine.ls_d_res_high                            2.23 
_refine.ls_percent_reflns_obs                    98.80 
_refine.ls_R_factor_obs                          0.19380 
_refine.ls_R_factor_all                          ? 
_refine.ls_R_factor_R_work                       0.19129 
_refine.ls_R_factor_R_free                       0.24386 
_refine.ls_R_factor_R_free_error                 ? 
_refine.ls_R_factor_R_free_error_details         ? 
_refine.ls_percent_reflns_R_free                 4.8 
_refine.ls_number_reflns_R_free                  448 
_refine.ls_number_parameters                     ? 
_refine.ls_number_restraints                     ? 
_refine.occupancy_min                            ? 
_refine.occupancy_max                            ? 
_refine.correlation_coeff_Fo_to_Fc               0.941 
_refine.correlation_coeff_Fo_to_Fc_free          0.899 
_refine.B_iso_mean                               25.722 
_refine.aniso_B[1][1]                            0.23 
_refine.aniso_B[2][2]                            -0.26 
_refine.aniso_B[3][3]                            0.04 
_refine.aniso_B[1][2]                            0.00 
_refine.aniso_B[1][3]                            0.03 
_refine.aniso_B[2][3]                            -0.00 
_refine.solvent_model_details                    MASK 
_refine.solvent_model_param_ksol                 ? 
_refine.solvent_model_param_bsol                 ? 
_refine.pdbx_solvent_vdw_probe_radii             1.20 
_refine.pdbx_solvent_ion_probe_radii             0.80 
_refine.pdbx_solvent_shrinkage_radii             0.80 
_refine.pdbx_ls_cross_valid_method               THROUGHOUT 
_refine.details                                  'HYDROGENS HAVE BEEN USED IF PRESENT IN THE INPUT' 
_refine.pdbx_starting_model                      ? 
_refine.pdbx_method_to_determine_struct          'MOLECULAR REPLACEMENT' 
_refine.pdbx_isotropic_thermal_model             ? 
_refine.pdbx_stereochemistry_target_values       'MAXIMUM LIKELIHOOD' 
_refine.pdbx_stereochem_target_val_spec_case     ? 
_refine.pdbx_R_Free_selection_details            RANDOM 
_refine.pdbx_overall_ESU_R                       0.319 
_refine.pdbx_overall_ESU_R_Free                  0.229 
_refine.overall_SU_ML                            0.150 
_refine.pdbx_overall_phase_error                 ? 
_refine.overall_SU_B                             5.852 
_refine.overall_SU_R_Cruickshank_DPI             ? 
_refine.pdbx_overall_SU_R_free_Cruickshank_DPI   ? 
_refine.pdbx_overall_SU_R_Blow_DPI               ? 
_refine.pdbx_overall_SU_R_free_Blow_DPI          ? 
# 
_refine_hist.pdbx_refine_id                   'X-RAY DIFFRACTION' 
_refine_hist.cycle_id                         LAST 
_refine_hist.pdbx_number_atoms_protein        1463 
_refine_hist.pdbx_number_atoms_nucleic_acid   0 
_refine_hist.pdbx_number_atoms_ligand         0 
_refine_hist.number_atoms_solvent             55 
_refine_hist.number_atoms_total               1518 
_refine_hist.d_res_high                       2.23 
_refine_hist.d_res_low                        65.01 
# 
loop_
_refine_ls_restr.type 
_refine_ls_restr.dev_ideal 
_refine_ls_restr.dev_ideal_target 
_refine_ls_restr.weight 
_refine_ls_restr.number 
_refine_ls_restr.pdbx_refine_id 
_refine_ls_restr.pdbx_restraint_function 
r_bond_refined_d             0.010  0.020  ? 1503 'X-RAY DIFFRACTION' ? 
r_bond_other_d               ?      ?      ? ?    'X-RAY DIFFRACTION' ? 
r_angle_refined_deg          1.386  1.945  ? 2057 'X-RAY DIFFRACTION' ? 
r_angle_other_deg            ?      ?      ? ?    'X-RAY DIFFRACTION' ? 
r_dihedral_angle_1_deg       6.199  5.000  ? 187  'X-RAY DIFFRACTION' ? 
r_dihedral_angle_2_deg       34.570 22.667 ? 60   'X-RAY DIFFRACTION' ? 
r_dihedral_angle_3_deg       15.945 15.000 ? 223  'X-RAY DIFFRACTION' ? 
r_dihedral_angle_4_deg       12.394 15.000 ? 8    'X-RAY DIFFRACTION' ? 
r_chiral_restr               0.089  0.200  ? 237  'X-RAY DIFFRACTION' ? 
r_gen_planes_refined         0.005  0.021  ? 1137 'X-RAY DIFFRACTION' ? 
r_gen_planes_other           ?      ?      ? ?    'X-RAY DIFFRACTION' ? 
r_nbd_refined                ?      ?      ? ?    'X-RAY DIFFRACTION' ? 
r_nbd_other                  ?      ?      ? ?    'X-RAY DIFFRACTION' ? 
r_nbtor_refined              ?      ?      ? ?    'X-RAY DIFFRACTION' ? 
r_nbtor_other                ?      ?      ? ?    'X-RAY DIFFRACTION' ? 
r_xyhbond_nbd_refined        ?      ?      ? ?    'X-RAY DIFFRACTION' ? 
r_xyhbond_nbd_other          ?      ?      ? ?    'X-RAY DIFFRACTION' ? 
r_metal_ion_refined          ?      ?      ? ?    'X-RAY DIFFRACTION' ? 
r_metal_ion_other            ?      ?      ? ?    'X-RAY DIFFRACTION' ? 
r_symmetry_vdw_refined       ?      ?      ? ?    'X-RAY DIFFRACTION' ? 
r_symmetry_vdw_other         ?      ?      ? ?    'X-RAY DIFFRACTION' ? 
r_symmetry_hbond_refined     ?      ?      ? ?    'X-RAY DIFFRACTION' ? 
r_symmetry_hbond_other       ?      ?      ? ?    'X-RAY DIFFRACTION' ? 
r_symmetry_metal_ion_refined ?      ?      ? ?    'X-RAY DIFFRACTION' ? 
r_symmetry_metal_ion_other   ?      ?      ? ?    'X-RAY DIFFRACTION' ? 
r_mcbond_it                  ?      ?      ? ?    'X-RAY DIFFRACTION' ? 
r_mcbond_other               ?      ?      ? ?    'X-RAY DIFFRACTION' ? 
r_mcangle_it                 ?      ?      ? ?    'X-RAY DIFFRACTION' ? 
r_mcangle_other              ?      ?      ? ?    'X-RAY DIFFRACTION' ? 
r_scbond_it                  ?      ?      ? ?    'X-RAY DIFFRACTION' ? 
r_scbond_other               ?      ?      ? ?    'X-RAY DIFFRACTION' ? 
r_scangle_it                 ?      ?      ? ?    'X-RAY DIFFRACTION' ? 
r_scangle_other              ?      ?      ? ?    'X-RAY DIFFRACTION' ? 
r_long_range_B_refined       ?      ?      ? ?    'X-RAY DIFFRACTION' ? 
r_long_range_B_other         ?      ?      ? ?    'X-RAY DIFFRACTION' ? 
r_rigid_bond_restr           ?      ?      ? ?    'X-RAY DIFFRACTION' ? 
r_sphericity_free            ?      ?      ? ?    'X-RAY DIFFRACTION' ? 
r_sphericity_bonded          ?      ?      ? ?    'X-RAY DIFFRACTION' ? 
# 
_refine_ls_shell.pdbx_refine_id                   'X-RAY DIFFRACTION' 
_refine_ls_shell.pdbx_total_number_of_bins_used   20 
_refine_ls_shell.d_res_high                       2.234 
_refine_ls_shell.d_res_low                        2.292 
_refine_ls_shell.number_reflns_R_work             556 
_refine_ls_shell.R_factor_R_work                  0.218 
_refine_ls_shell.percent_reflns_obs               88.84 
_refine_ls_shell.R_factor_R_free                  0.261 
_refine_ls_shell.R_factor_R_free_error            ? 
_refine_ls_shell.percent_reflns_R_free            ? 
_refine_ls_shell.number_reflns_R_free             33 
_refine_ls_shell.number_reflns_all                ? 
_refine_ls_shell.R_factor_all                     ? 
_refine_ls_shell.R_factor_obs                     ? 
_refine_ls_shell.number_reflns_obs                ? 
# 
_struct.entry_id                     5DC0 
_struct.title                        'CRYSTAL STRUCTURE OF MONOBODY GG3/ABL1 SH2 DOMAIN COMPLEX' 
_struct.pdbx_model_details           ? 
_struct.pdbx_formula_weight          ? 
_struct.pdbx_formula_weight_method   ? 
_struct.pdbx_model_type_details      ? 
_struct.pdbx_CASP_flag               ? 
# 
_struct_keywords.entry_id        5DC0 
_struct_keywords.text            
'ENGINEERED BINDING PROTEIN, ANTIBODY MIMIC, PROTEIN-PROTEIN COMPLEX, SH2 DOMAIN, TYROSINE-PROTEIN KINASE, PROTEIN BINDING' 
_struct_keywords.pdbx_keywords   'PROTEIN BINDING' 
# 
loop_
_struct_asym.id 
_struct_asym.pdbx_blank_PDB_chainid_flag 
_struct_asym.pdbx_modified 
_struct_asym.entity_id 
_struct_asym.details 
A N N 1 ? 
B N N 2 ? 
C N N 3 ? 
D N N 3 ? 
# 
loop_
_struct_ref.id 
_struct_ref.db_name 
_struct_ref.db_code 
_struct_ref.pdbx_db_accession 
_struct_ref.pdbx_db_isoform 
_struct_ref.entity_id 
_struct_ref.pdbx_seq_one_letter_code 
_struct_ref.pdbx_align_begin 
1 PDB 5DC0       5DC0   ?        1 ? 1   
2 UNP ABL1_HUMAN P00519 P00519-2 2 
;PSNYITPVNSLEKHSWYHGPVSRNAAEYLLSSGINGSFLVRESESSPGQRSISLRYEGRVYHYRINTASDGKLYVSSESR
FNTLAELVHHHSTVADGLITTLHYPAPKRNKPTVYGVSPNY
;
131 
# 
loop_
_struct_ref_seq.align_id 
_struct_ref_seq.ref_id 
_struct_ref_seq.pdbx_PDB_id_code 
_struct_ref_seq.pdbx_strand_id 
_struct_ref_seq.seq_align_beg 
_struct_ref_seq.pdbx_seq_align_beg_ins_code 
_struct_ref_seq.seq_align_end 
_struct_ref_seq.pdbx_seq_align_end_ins_code 
_struct_ref_seq.pdbx_db_accession 
_struct_ref_seq.db_align_beg 
_struct_ref_seq.pdbx_db_align_beg_ins_code 
_struct_ref_seq.db_align_end 
_struct_ref_seq.pdbx_db_align_end_ins_code 
_struct_ref_seq.pdbx_auth_seq_align_beg 
_struct_ref_seq.pdbx_auth_seq_align_end 
1 1 5DC0 A 1 ? 93  ? 5DC0   1   ? 93  ? 1   93  
2 2 5DC0 B 1 ? 121 ? P00519 131 ? 251 ? 131 251 
# 
_pdbx_struct_assembly.id                   1 
_pdbx_struct_assembly.details              author_defined_assembly 
_pdbx_struct_assembly.method_details       ? 
_pdbx_struct_assembly.oligomeric_details   dimeric 
_pdbx_struct_assembly.oligomeric_count     2 
# 
loop_
_pdbx_struct_assembly_prop.biol_id 
_pdbx_struct_assembly_prop.type 
_pdbx_struct_assembly_prop.value 
_pdbx_struct_assembly_prop.details 
1 'ABSA (A^2)' 550   ? 
1 MORE         -2    ? 
1 'SSA (A^2)'  10110 ? 
# 
_pdbx_struct_assembly_gen.assembly_id       1 
_pdbx_struct_assembly_gen.oper_expression   1 
_pdbx_struct_assembly_gen.asym_id_list      A,B,C,D 
# 
_pdbx_struct_oper_list.id                   1 
_pdbx_struct_oper_list.type                 'identity operation' 
_pdbx_struct_oper_list.name                 1_555 
_pdbx_struct_oper_list.symmetry_operation   x,y,z 
_pdbx_struct_oper_list.matrix[1][1]         1.0000000000 
_pdbx_struct_oper_list.matrix[1][2]         0.0000000000 
_pdbx_struct_oper_list.matrix[1][3]         0.0000000000 
_pdbx_struct_oper_list.vector[1]            0.0000000000 
_pdbx_struct_oper_list.matrix[2][1]         0.0000000000 
_pdbx_struct_oper_list.matrix[2][2]         1.0000000000 
_pdbx_struct_oper_list.matrix[2][3]         0.0000000000 
_pdbx_struct_oper_list.vector[2]            0.0000000000 
_pdbx_struct_oper_list.matrix[3][1]         0.0000000000 
_pdbx_struct_oper_list.matrix[3][2]         0.0000000000 
_pdbx_struct_oper_list.matrix[3][3]         1.0000000000 
_pdbx_struct_oper_list.vector[3]            0.0000000000 
# 
loop_
_struct_conf.conf_type_id 
_struct_conf.id 
_struct_conf.pdbx_PDB_helix_id 
_struct_conf.beg_label_comp_id 
_struct_conf.beg_label_asym_id 
_struct_conf.beg_label_seq_id 
_struct_conf.pdbx_beg_PDB_ins_code 
_struct_conf.end_label_comp_id 
_struct_conf.end_label_asym_id 
_struct_conf.end_label_seq_id 
_struct_conf.pdbx_end_PDB_ins_code 
_struct_conf.beg_auth_comp_id 
_struct_conf.beg_auth_asym_id 
_struct_conf.beg_auth_seq_id 
_struct_conf.end_auth_comp_id 
_struct_conf.end_auth_asym_id 
_struct_conf.end_auth_seq_id 
_struct_conf.pdbx_PDB_helix_class 
_struct_conf.details 
_struct_conf.pdbx_PDB_helix_length 
HELX_P HELX_P1 AA1 SER B 22 ? LEU B 30 ? SER B 152 LEU B 160 1 ? 9  
HELX_P HELX_P2 AA2 THR B 83 ? SER B 92 ? THR B 213 SER B 222 1 ? 10 
# 
_struct_conf_type.id          HELX_P 
_struct_conf_type.criteria    ? 
_struct_conf_type.reference   ? 
# 
loop_
_struct_sheet.id 
_struct_sheet.type 
_struct_sheet.number_strands 
_struct_sheet.details 
AA1 ? 3 ? 
AA2 ? 4 ? 
AA3 ? 4 ? 
AA4 ? 3 ? 
AA5 ? 3 ? 
# 
loop_
_struct_sheet_order.sheet_id 
_struct_sheet_order.range_id_1 
_struct_sheet_order.range_id_2 
_struct_sheet_order.offset 
_struct_sheet_order.sense 
AA1 1 2 ? anti-parallel 
AA1 2 3 ? anti-parallel 
AA2 1 2 ? anti-parallel 
AA2 2 3 ? anti-parallel 
AA2 3 4 ? anti-parallel 
AA3 1 2 ? parallel      
AA3 2 3 ? anti-parallel 
AA3 3 4 ? anti-parallel 
AA4 1 2 ? parallel      
AA4 2 3 ? parallel      
AA5 1 2 ? anti-parallel 
AA5 2 3 ? anti-parallel 
# 
loop_
_struct_sheet_range.sheet_id 
_struct_sheet_range.id 
_struct_sheet_range.beg_label_comp_id 
_struct_sheet_range.beg_label_asym_id 
_struct_sheet_range.beg_label_seq_id 
_struct_sheet_range.pdbx_beg_PDB_ins_code 
_struct_sheet_range.end_label_comp_id 
_struct_sheet_range.end_label_asym_id 
_struct_sheet_range.end_label_seq_id 
_struct_sheet_range.pdbx_end_PDB_ins_code 
_struct_sheet_range.beg_auth_comp_id 
_struct_sheet_range.beg_auth_asym_id 
_struct_sheet_range.beg_auth_seq_id 
_struct_sheet_range.end_auth_comp_id 
_struct_sheet_range.end_auth_asym_id 
_struct_sheet_range.end_auth_seq_id 
AA1 1 THR A 6   ? ALA A 13  ? THR A 6   ALA A 13  
AA1 2 LEU A 18  ? ASP A 23  ? LEU A 18  ASP A 23  
AA1 3 THR A 56  ? ILE A 59  ? THR A 56  ILE A 59  
AA2 1 GLN A 46  ? PRO A 51  ? GLN A 46  PRO A 51  
AA2 2 HIS A 31  ? GLU A 38  ? HIS A 31  GLU A 38  
AA2 3 ASP A 67  ? LEU A 75  ? ASP A 67  LEU A 75  
AA2 4 ILE A 87  ? ARG A 92  ? ILE A 87  ARG A 92  
AA3 1 TYR B 17  ? PRO B 20  ? TYR B 147 PRO B 150 
AA3 2 SER B 37  ? GLU B 42  ? SER B 167 GLU B 172 
AA3 3 ARG B 50  ? TYR B 56  ? ARG B 180 TYR B 186 
AA3 4 ARG B 59  ? ARG B 64  ? ARG B 189 ARG B 194 
AA4 1 TYR B 17  ? PRO B 20  ? TYR B 147 PRO B 150 
AA4 2 SER B 37  ? GLU B 42  ? SER B 167 GLU B 172 
AA4 3 TYR B 104 ? PRO B 105 ? TYR B 234 PRO B 235 
AA5 1 ASN B 66  ? THR B 67  ? ASN B 196 THR B 197 
AA5 2 LEU B 73  ? TYR B 74  ? LEU B 203 TYR B 204 
AA5 3 ARG B 80  ? PHE B 81  ? ARG B 210 PHE B 211 
# 
loop_
_pdbx_struct_sheet_hbond.sheet_id 
_pdbx_struct_sheet_hbond.range_id_1 
_pdbx_struct_sheet_hbond.range_id_2 
_pdbx_struct_sheet_hbond.range_1_label_atom_id 
_pdbx_struct_sheet_hbond.range_1_label_comp_id 
_pdbx_struct_sheet_hbond.range_1_label_asym_id 
_pdbx_struct_sheet_hbond.range_1_label_seq_id 
_pdbx_struct_sheet_hbond.range_1_PDB_ins_code 
_pdbx_struct_sheet_hbond.range_1_auth_atom_id 
_pdbx_struct_sheet_hbond.range_1_auth_comp_id 
_pdbx_struct_sheet_hbond.range_1_auth_asym_id 
_pdbx_struct_sheet_hbond.range_1_auth_seq_id 
_pdbx_struct_sheet_hbond.range_2_label_atom_id 
_pdbx_struct_sheet_hbond.range_2_label_comp_id 
_pdbx_struct_sheet_hbond.range_2_label_asym_id 
_pdbx_struct_sheet_hbond.range_2_label_seq_id 
_pdbx_struct_sheet_hbond.range_2_PDB_ins_code 
_pdbx_struct_sheet_hbond.range_2_auth_atom_id 
_pdbx_struct_sheet_hbond.range_2_auth_comp_id 
_pdbx_struct_sheet_hbond.range_2_auth_asym_id 
_pdbx_struct_sheet_hbond.range_2_auth_seq_id 
AA1 1 2 N THR A 6  ? N THR A 6   O ASP A 23  ? O ASP A 23  
AA1 2 3 N ILE A 20 ? N ILE A 20  O ALA A 57  ? O ALA A 57  
AA2 1 2 O VAL A 50 ? O VAL A 50  N TYR A 32  ? N TYR A 32  
AA2 2 3 N VAL A 33 ? N VAL A 33  O TYR A 73  ? O TYR A 73  
AA2 3 4 N TYR A 68 ? N TYR A 68  O TYR A 91  ? O TYR A 91  
AA3 1 2 N HIS B 18 ? N HIS B 148 O VAL B 40  ? O VAL B 170 
AA3 2 3 N SER B 37 ? N SER B 167 O ARG B 55  ? O ARG B 185 
AA3 3 4 N ILE B 52 ? N ILE B 182 O TYR B 63  ? O TYR B 193 
AA4 1 2 N HIS B 18 ? N HIS B 148 O VAL B 40  ? O VAL B 170 
AA4 2 3 N PHE B 38 ? N PHE B 168 O TYR B 104 ? O TYR B 234 
AA5 1 2 N ASN B 66 ? N ASN B 196 O TYR B 74  ? O TYR B 204 
AA5 2 3 N LEU B 73 ? N LEU B 203 O PHE B 81  ? O PHE B 211 
# 
loop_
_pdbx_validate_torsion.id 
_pdbx_validate_torsion.PDB_model_num 
_pdbx_validate_torsion.auth_comp_id 
_pdbx_validate_torsion.auth_asym_id 
_pdbx_validate_torsion.auth_seq_id 
_pdbx_validate_torsion.PDB_ins_code 
_pdbx_validate_torsion.label_alt_id 
_pdbx_validate_torsion.phi 
_pdbx_validate_torsion.psi 
1 1 ASN A 42  ? ? -86.11  49.02  
2 1 TRP A 81  ? ? -98.81  43.20  
3 1 GLU B 187 ? ? 38.27   62.59  
4 1 HIS B 233 ? ? -134.04 -56.18 
# 
loop_
_pdbx_unobs_or_zero_occ_residues.id 
_pdbx_unobs_or_zero_occ_residues.PDB_model_num 
_pdbx_unobs_or_zero_occ_residues.polymer_flag 
_pdbx_unobs_or_zero_occ_residues.occupancy_flag 
_pdbx_unobs_or_zero_occ_residues.auth_asym_id 
_pdbx_unobs_or_zero_occ_residues.auth_comp_id 
_pdbx_unobs_or_zero_occ_residues.auth_seq_id 
_pdbx_unobs_or_zero_occ_residues.PDB_ins_code 
_pdbx_unobs_or_zero_occ_residues.label_asym_id 
_pdbx_unobs_or_zero_occ_residues.label_comp_id 
_pdbx_unobs_or_zero_occ_residues.label_seq_id 
1  1 Y 1 A VAL 1   ? A VAL 1   
2  1 Y 1 A SER 2   ? A SER 2   
3  1 Y 1 B PRO 131 ? B PRO 1   
4  1 Y 1 B SER 132 ? B SER 2   
5  1 Y 1 B ASN 133 ? B ASN 3   
6  1 Y 1 B TYR 134 ? B TYR 4   
7  1 Y 1 B ILE 135 ? B ILE 5   
8  1 Y 1 B THR 136 ? B THR 6   
9  1 Y 1 B PRO 137 ? B PRO 7   
10 1 Y 1 B VAL 138 ? B VAL 8   
11 1 Y 1 B ASN 139 ? B ASN 9   
12 1 Y 1 B SER 140 ? B SER 10  
13 1 Y 1 B ARG 239 ? B ARG 109 
14 1 Y 1 B ASN 240 ? B ASN 110 
15 1 Y 1 B LYS 241 ? B LYS 111 
16 1 Y 1 B PRO 242 ? B PRO 112 
17 1 Y 1 B THR 243 ? B THR 113 
18 1 Y 1 B VAL 244 ? B VAL 114 
19 1 Y 1 B TYR 245 ? B TYR 115 
20 1 Y 1 B GLY 246 ? B GLY 116 
21 1 Y 1 B VAL 247 ? B VAL 117 
22 1 Y 1 B SER 248 ? B SER 118 
23 1 Y 1 B PRO 249 ? B PRO 119 
24 1 Y 1 B ASN 250 ? B ASN 120 
25 1 Y 1 B TYR 251 ? B TYR 121 
# 
loop_
_chem_comp_atom.comp_id 
_chem_comp_atom.atom_id 
_chem_comp_atom.type_symbol 
_chem_comp_atom.pdbx_aromatic_flag 
_chem_comp_atom.pdbx_stereo_config 
_chem_comp_atom.pdbx_ordinal 
ALA N    N N N 1   
ALA CA   C N S 2   
ALA C    C N N 3   
ALA O    O N N 4   
ALA CB   C N N 5   
ALA OXT  O N N 6   
ALA H    H N N 7   
ALA H2   H N N 8   
ALA HA   H N N 9   
ALA HB1  H N N 10  
ALA HB2  H N N 11  
ALA HB3  H N N 12  
ALA HXT  H N N 13  
ARG N    N N N 14  
ARG CA   C N S 15  
ARG C    C N N 16  
ARG O    O N N 17  
ARG CB   C N N 18  
ARG CG   C N N 19  
ARG CD   C N N 20  
ARG NE   N N N 21  
ARG CZ   C N N 22  
ARG NH1  N N N 23  
ARG NH2  N N N 24  
ARG OXT  O N N 25  
ARG H    H N N 26  
ARG H2   H N N 27  
ARG HA   H N N 28  
ARG HB2  H N N 29  
ARG HB3  H N N 30  
ARG HG2  H N N 31  
ARG HG3  H N N 32  
ARG HD2  H N N 33  
ARG HD3  H N N 34  
ARG HE   H N N 35  
ARG HH11 H N N 36  
ARG HH12 H N N 37  
ARG HH21 H N N 38  
ARG HH22 H N N 39  
ARG HXT  H N N 40  
ASN N    N N N 41  
ASN CA   C N S 42  
ASN C    C N N 43  
ASN O    O N N 44  
ASN CB   C N N 45  
ASN CG   C N N 46  
ASN OD1  O N N 47  
ASN ND2  N N N 48  
ASN OXT  O N N 49  
ASN H    H N N 50  
ASN H2   H N N 51  
ASN HA   H N N 52  
ASN HB2  H N N 53  
ASN HB3  H N N 54  
ASN HD21 H N N 55  
ASN HD22 H N N 56  
ASN HXT  H N N 57  
ASP N    N N N 58  
ASP CA   C N S 59  
ASP C    C N N 60  
ASP O    O N N 61  
ASP CB   C N N 62  
ASP CG   C N N 63  
ASP OD1  O N N 64  
ASP OD2  O N N 65  
ASP OXT  O N N 66  
ASP H    H N N 67  
ASP H2   H N N 68  
ASP HA   H N N 69  
ASP HB2  H N N 70  
ASP HB3  H N N 71  
ASP HD2  H N N 72  
ASP HXT  H N N 73  
GLN N    N N N 74  
GLN CA   C N S 75  
GLN C    C N N 76  
GLN O    O N N 77  
GLN CB   C N N 78  
GLN CG   C N N 79  
GLN CD   C N N 80  
GLN OE1  O N N 81  
GLN NE2  N N N 82  
GLN OXT  O N N 83  
GLN H    H N N 84  
GLN H2   H N N 85  
GLN HA   H N N 86  
GLN HB2  H N N 87  
GLN HB3  H N N 88  
GLN HG2  H N N 89  
GLN HG3  H N N 90  
GLN HE21 H N N 91  
GLN HE22 H N N 92  
GLN HXT  H N N 93  
GLU N    N N N 94  
GLU CA   C N S 95  
GLU C    C N N 96  
GLU O    O N N 97  
GLU CB   C N N 98  
GLU CG   C N N 99  
GLU CD   C N N 100 
GLU OE1  O N N 101 
GLU OE2  O N N 102 
GLU OXT  O N N 103 
GLU H    H N N 104 
GLU H2   H N N 105 
GLU HA   H N N 106 
GLU HB2  H N N 107 
GLU HB3  H N N 108 
GLU HG2  H N N 109 
GLU HG3  H N N 110 
GLU HE2  H N N 111 
GLU HXT  H N N 112 
GLY N    N N N 113 
GLY CA   C N N 114 
GLY C    C N N 115 
GLY O    O N N 116 
GLY OXT  O N N 117 
GLY H    H N N 118 
GLY H2   H N N 119 
GLY HA2  H N N 120 
GLY HA3  H N N 121 
GLY HXT  H N N 122 
HIS N    N N N 123 
HIS CA   C N S 124 
HIS C    C N N 125 
HIS O    O N N 126 
HIS CB   C N N 127 
HIS CG   C Y N 128 
HIS ND1  N Y N 129 
HIS CD2  C Y N 130 
HIS CE1  C Y N 131 
HIS NE2  N Y N 132 
HIS OXT  O N N 133 
HIS H    H N N 134 
HIS H2   H N N 135 
HIS HA   H N N 136 
HIS HB2  H N N 137 
HIS HB3  H N N 138 
HIS HD1  H N N 139 
HIS HD2  H N N 140 
HIS HE1  H N N 141 
HIS HE2  H N N 142 
HIS HXT  H N N 143 
HOH O    O N N 144 
HOH H1   H N N 145 
HOH H2   H N N 146 
ILE N    N N N 147 
ILE CA   C N S 148 
ILE C    C N N 149 
ILE O    O N N 150 
ILE CB   C N S 151 
ILE CG1  C N N 152 
ILE CG2  C N N 153 
ILE CD1  C N N 154 
ILE OXT  O N N 155 
ILE H    H N N 156 
ILE H2   H N N 157 
ILE HA   H N N 158 
ILE HB   H N N 159 
ILE HG12 H N N 160 
ILE HG13 H N N 161 
ILE HG21 H N N 162 
ILE HG22 H N N 163 
ILE HG23 H N N 164 
ILE HD11 H N N 165 
ILE HD12 H N N 166 
ILE HD13 H N N 167 
ILE HXT  H N N 168 
LEU N    N N N 169 
LEU CA   C N S 170 
LEU C    C N N 171 
LEU O    O N N 172 
LEU CB   C N N 173 
LEU CG   C N N 174 
LEU CD1  C N N 175 
LEU CD2  C N N 176 
LEU OXT  O N N 177 
LEU H    H N N 178 
LEU H2   H N N 179 
LEU HA   H N N 180 
LEU HB2  H N N 181 
LEU HB3  H N N 182 
LEU HG   H N N 183 
LEU HD11 H N N 184 
LEU HD12 H N N 185 
LEU HD13 H N N 186 
LEU HD21 H N N 187 
LEU HD22 H N N 188 
LEU HD23 H N N 189 
LEU HXT  H N N 190 
LYS N    N N N 191 
LYS CA   C N S 192 
LYS C    C N N 193 
LYS O    O N N 194 
LYS CB   C N N 195 
LYS CG   C N N 196 
LYS CD   C N N 197 
LYS CE   C N N 198 
LYS NZ   N N N 199 
LYS OXT  O N N 200 
LYS H    H N N 201 
LYS H2   H N N 202 
LYS HA   H N N 203 
LYS HB2  H N N 204 
LYS HB3  H N N 205 
LYS HG2  H N N 206 
LYS HG3  H N N 207 
LYS HD2  H N N 208 
LYS HD3  H N N 209 
LYS HE2  H N N 210 
LYS HE3  H N N 211 
LYS HZ1  H N N 212 
LYS HZ2  H N N 213 
LYS HZ3  H N N 214 
LYS HXT  H N N 215 
PHE N    N N N 216 
PHE CA   C N S 217 
PHE C    C N N 218 
PHE O    O N N 219 
PHE CB   C N N 220 
PHE CG   C Y N 221 
PHE CD1  C Y N 222 
PHE CD2  C Y N 223 
PHE CE1  C Y N 224 
PHE CE2  C Y N 225 
PHE CZ   C Y N 226 
PHE OXT  O N N 227 
PHE H    H N N 228 
PHE H2   H N N 229 
PHE HA   H N N 230 
PHE HB2  H N N 231 
PHE HB3  H N N 232 
PHE HD1  H N N 233 
PHE HD2  H N N 234 
PHE HE1  H N N 235 
PHE HE2  H N N 236 
PHE HZ   H N N 237 
PHE HXT  H N N 238 
PRO N    N N N 239 
PRO CA   C N S 240 
PRO C    C N N 241 
PRO O    O N N 242 
PRO CB   C N N 243 
PRO CG   C N N 244 
PRO CD   C N N 245 
PRO OXT  O N N 246 
PRO H    H N N 247 
PRO HA   H N N 248 
PRO HB2  H N N 249 
PRO HB3  H N N 250 
PRO HG2  H N N 251 
PRO HG3  H N N 252 
PRO HD2  H N N 253 
PRO HD3  H N N 254 
PRO HXT  H N N 255 
SER N    N N N 256 
SER CA   C N S 257 
SER C    C N N 258 
SER O    O N N 259 
SER CB   C N N 260 
SER OG   O N N 261 
SER OXT  O N N 262 
SER H    H N N 263 
SER H2   H N N 264 
SER HA   H N N 265 
SER HB2  H N N 266 
SER HB3  H N N 267 
SER HG   H N N 268 
SER HXT  H N N 269 
THR N    N N N 270 
THR CA   C N S 271 
THR C    C N N 272 
THR O    O N N 273 
THR CB   C N R 274 
THR OG1  O N N 275 
THR CG2  C N N 276 
THR OXT  O N N 277 
THR H    H N N 278 
THR H2   H N N 279 
THR HA   H N N 280 
THR HB   H N N 281 
THR HG1  H N N 282 
THR HG21 H N N 283 
THR HG22 H N N 284 
THR HG23 H N N 285 
THR HXT  H N N 286 
TRP N    N N N 287 
TRP CA   C N S 288 
TRP C    C N N 289 
TRP O    O N N 290 
TRP CB   C N N 291 
TRP CG   C Y N 292 
TRP CD1  C Y N 293 
TRP CD2  C Y N 294 
TRP NE1  N Y N 295 
TRP CE2  C Y N 296 
TRP CE3  C Y N 297 
TRP CZ2  C Y N 298 
TRP CZ3  C Y N 299 
TRP CH2  C Y N 300 
TRP OXT  O N N 301 
TRP H    H N N 302 
TRP H2   H N N 303 
TRP HA   H N N 304 
TRP HB2  H N N 305 
TRP HB3  H N N 306 
TRP HD1  H N N 307 
TRP HE1  H N N 308 
TRP HE3  H N N 309 
TRP HZ2  H N N 310 
TRP HZ3  H N N 311 
TRP HH2  H N N 312 
TRP HXT  H N N 313 
TYR N    N N N 314 
TYR CA   C N S 315 
TYR C    C N N 316 
TYR O    O N N 317 
TYR CB   C N N 318 
TYR CG   C Y N 319 
TYR CD1  C Y N 320 
TYR CD2  C Y N 321 
TYR CE1  C Y N 322 
TYR CE2  C Y N 323 
TYR CZ   C Y N 324 
TYR OH   O N N 325 
TYR OXT  O N N 326 
TYR H    H N N 327 
TYR H2   H N N 328 
TYR HA   H N N 329 
TYR HB2  H N N 330 
TYR HB3  H N N 331 
TYR HD1  H N N 332 
TYR HD2  H N N 333 
TYR HE1  H N N 334 
TYR HE2  H N N 335 
TYR HH   H N N 336 
TYR HXT  H N N 337 
VAL N    N N N 338 
VAL CA   C N S 339 
VAL C    C N N 340 
VAL O    O N N 341 
VAL CB   C N N 342 
VAL CG1  C N N 343 
VAL CG2  C N N 344 
VAL OXT  O N N 345 
VAL H    H N N 346 
VAL H2   H N N 347 
VAL HA   H N N 348 
VAL HB   H N N 349 
VAL HG11 H N N 350 
VAL HG12 H N N 351 
VAL HG13 H N N 352 
VAL HG21 H N N 353 
VAL HG22 H N N 354 
VAL HG23 H N N 355 
VAL HXT  H N N 356 
# 
loop_
_chem_comp_bond.comp_id 
_chem_comp_bond.atom_id_1 
_chem_comp_bond.atom_id_2 
_chem_comp_bond.value_order 
_chem_comp_bond.pdbx_aromatic_flag 
_chem_comp_bond.pdbx_stereo_config 
_chem_comp_bond.pdbx_ordinal 
ALA N   CA   sing N N 1   
ALA N   H    sing N N 2   
ALA N   H2   sing N N 3   
ALA CA  C    sing N N 4   
ALA CA  CB   sing N N 5   
ALA CA  HA   sing N N 6   
ALA C   O    doub N N 7   
ALA C   OXT  sing N N 8   
ALA CB  HB1  sing N N 9   
ALA CB  HB2  sing N N 10  
ALA CB  HB3  sing N N 11  
ALA OXT HXT  sing N N 12  
ARG N   CA   sing N N 13  
ARG N   H    sing N N 14  
ARG N   H2   sing N N 15  
ARG CA  C    sing N N 16  
ARG CA  CB   sing N N 17  
ARG CA  HA   sing N N 18  
ARG C   O    doub N N 19  
ARG C   OXT  sing N N 20  
ARG CB  CG   sing N N 21  
ARG CB  HB2  sing N N 22  
ARG CB  HB3  sing N N 23  
ARG CG  CD   sing N N 24  
ARG CG  HG2  sing N N 25  
ARG CG  HG3  sing N N 26  
ARG CD  NE   sing N N 27  
ARG CD  HD2  sing N N 28  
ARG CD  HD3  sing N N 29  
ARG NE  CZ   sing N N 30  
ARG NE  HE   sing N N 31  
ARG CZ  NH1  sing N N 32  
ARG CZ  NH2  doub N N 33  
ARG NH1 HH11 sing N N 34  
ARG NH1 HH12 sing N N 35  
ARG NH2 HH21 sing N N 36  
ARG NH2 HH22 sing N N 37  
ARG OXT HXT  sing N N 38  
ASN N   CA   sing N N 39  
ASN N   H    sing N N 40  
ASN N   H2   sing N N 41  
ASN CA  C    sing N N 42  
ASN CA  CB   sing N N 43  
ASN CA  HA   sing N N 44  
ASN C   O    doub N N 45  
ASN C   OXT  sing N N 46  
ASN CB  CG   sing N N 47  
ASN CB  HB2  sing N N 48  
ASN CB  HB3  sing N N 49  
ASN CG  OD1  doub N N 50  
ASN CG  ND2  sing N N 51  
ASN ND2 HD21 sing N N 52  
ASN ND2 HD22 sing N N 53  
ASN OXT HXT  sing N N 54  
ASP N   CA   sing N N 55  
ASP N   H    sing N N 56  
ASP N   H2   sing N N 57  
ASP CA  C    sing N N 58  
ASP CA  CB   sing N N 59  
ASP CA  HA   sing N N 60  
ASP C   O    doub N N 61  
ASP C   OXT  sing N N 62  
ASP CB  CG   sing N N 63  
ASP CB  HB2  sing N N 64  
ASP CB  HB3  sing N N 65  
ASP CG  OD1  doub N N 66  
ASP CG  OD2  sing N N 67  
ASP OD2 HD2  sing N N 68  
ASP OXT HXT  sing N N 69  
GLN N   CA   sing N N 70  
GLN N   H    sing N N 71  
GLN N   H2   sing N N 72  
GLN CA  C    sing N N 73  
GLN CA  CB   sing N N 74  
GLN CA  HA   sing N N 75  
GLN C   O    doub N N 76  
GLN C   OXT  sing N N 77  
GLN CB  CG   sing N N 78  
GLN CB  HB2  sing N N 79  
GLN CB  HB3  sing N N 80  
GLN CG  CD   sing N N 81  
GLN CG  HG2  sing N N 82  
GLN CG  HG3  sing N N 83  
GLN CD  OE1  doub N N 84  
GLN CD  NE2  sing N N 85  
GLN NE2 HE21 sing N N 86  
GLN NE2 HE22 sing N N 87  
GLN OXT HXT  sing N N 88  
GLU N   CA   sing N N 89  
GLU N   H    sing N N 90  
GLU N   H2   sing N N 91  
GLU CA  C    sing N N 92  
GLU CA  CB   sing N N 93  
GLU CA  HA   sing N N 94  
GLU C   O    doub N N 95  
GLU C   OXT  sing N N 96  
GLU CB  CG   sing N N 97  
GLU CB  HB2  sing N N 98  
GLU CB  HB3  sing N N 99  
GLU CG  CD   sing N N 100 
GLU CG  HG2  sing N N 101 
GLU CG  HG3  sing N N 102 
GLU CD  OE1  doub N N 103 
GLU CD  OE2  sing N N 104 
GLU OE2 HE2  sing N N 105 
GLU OXT HXT  sing N N 106 
GLY N   CA   sing N N 107 
GLY N   H    sing N N 108 
GLY N   H2   sing N N 109 
GLY CA  C    sing N N 110 
GLY CA  HA2  sing N N 111 
GLY CA  HA3  sing N N 112 
GLY C   O    doub N N 113 
GLY C   OXT  sing N N 114 
GLY OXT HXT  sing N N 115 
HIS N   CA   sing N N 116 
HIS N   H    sing N N 117 
HIS N   H2   sing N N 118 
HIS CA  C    sing N N 119 
HIS CA  CB   sing N N 120 
HIS CA  HA   sing N N 121 
HIS C   O    doub N N 122 
HIS C   OXT  sing N N 123 
HIS CB  CG   sing N N 124 
HIS CB  HB2  sing N N 125 
HIS CB  HB3  sing N N 126 
HIS CG  ND1  sing Y N 127 
HIS CG  CD2  doub Y N 128 
HIS ND1 CE1  doub Y N 129 
HIS ND1 HD1  sing N N 130 
HIS CD2 NE2  sing Y N 131 
HIS CD2 HD2  sing N N 132 
HIS CE1 NE2  sing Y N 133 
HIS CE1 HE1  sing N N 134 
HIS NE2 HE2  sing N N 135 
HIS OXT HXT  sing N N 136 
HOH O   H1   sing N N 137 
HOH O   H2   sing N N 138 
ILE N   CA   sing N N 139 
ILE N   H    sing N N 140 
ILE N   H2   sing N N 141 
ILE CA  C    sing N N 142 
ILE CA  CB   sing N N 143 
ILE CA  HA   sing N N 144 
ILE C   O    doub N N 145 
ILE C   OXT  sing N N 146 
ILE CB  CG1  sing N N 147 
ILE CB  CG2  sing N N 148 
ILE CB  HB   sing N N 149 
ILE CG1 CD1  sing N N 150 
ILE CG1 HG12 sing N N 151 
ILE CG1 HG13 sing N N 152 
ILE CG2 HG21 sing N N 153 
ILE CG2 HG22 sing N N 154 
ILE CG2 HG23 sing N N 155 
ILE CD1 HD11 sing N N 156 
ILE CD1 HD12 sing N N 157 
ILE CD1 HD13 sing N N 158 
ILE OXT HXT  sing N N 159 
LEU N   CA   sing N N 160 
LEU N   H    sing N N 161 
LEU N   H2   sing N N 162 
LEU CA  C    sing N N 163 
LEU CA  CB   sing N N 164 
LEU CA  HA   sing N N 165 
LEU C   O    doub N N 166 
LEU C   OXT  sing N N 167 
LEU CB  CG   sing N N 168 
LEU CB  HB2  sing N N 169 
LEU CB  HB3  sing N N 170 
LEU CG  CD1  sing N N 171 
LEU CG  CD2  sing N N 172 
LEU CG  HG   sing N N 173 
LEU CD1 HD11 sing N N 174 
LEU CD1 HD12 sing N N 175 
LEU CD1 HD13 sing N N 176 
LEU CD2 HD21 sing N N 177 
LEU CD2 HD22 sing N N 178 
LEU CD2 HD23 sing N N 179 
LEU OXT HXT  sing N N 180 
LYS N   CA   sing N N 181 
LYS N   H    sing N N 182 
LYS N   H2   sing N N 183 
LYS CA  C    sing N N 184 
LYS CA  CB   sing N N 185 
LYS CA  HA   sing N N 186 
LYS C   O    doub N N 187 
LYS C   OXT  sing N N 188 
LYS CB  CG   sing N N 189 
LYS CB  HB2  sing N N 190 
LYS CB  HB3  sing N N 191 
LYS CG  CD   sing N N 192 
LYS CG  HG2  sing N N 193 
LYS CG  HG3  sing N N 194 
LYS CD  CE   sing N N 195 
LYS CD  HD2  sing N N 196 
LYS CD  HD3  sing N N 197 
LYS CE  NZ   sing N N 198 
LYS CE  HE2  sing N N 199 
LYS CE  HE3  sing N N 200 
LYS NZ  HZ1  sing N N 201 
LYS NZ  HZ2  sing N N 202 
LYS NZ  HZ3  sing N N 203 
LYS OXT HXT  sing N N 204 
PHE N   CA   sing N N 205 
PHE N   H    sing N N 206 
PHE N   H2   sing N N 207 
PHE CA  C    sing N N 208 
PHE CA  CB   sing N N 209 
PHE CA  HA   sing N N 210 
PHE C   O    doub N N 211 
PHE C   OXT  sing N N 212 
PHE CB  CG   sing N N 213 
PHE CB  HB2  sing N N 214 
PHE CB  HB3  sing N N 215 
PHE CG  CD1  doub Y N 216 
PHE CG  CD2  sing Y N 217 
PHE CD1 CE1  sing Y N 218 
PHE CD1 HD1  sing N N 219 
PHE CD2 CE2  doub Y N 220 
PHE CD2 HD2  sing N N 221 
PHE CE1 CZ   doub Y N 222 
PHE CE1 HE1  sing N N 223 
PHE CE2 CZ   sing Y N 224 
PHE CE2 HE2  sing N N 225 
PHE CZ  HZ   sing N N 226 
PHE OXT HXT  sing N N 227 
PRO N   CA   sing N N 228 
PRO N   CD   sing N N 229 
PRO N   H    sing N N 230 
PRO CA  C    sing N N 231 
PRO CA  CB   sing N N 232 
PRO CA  HA   sing N N 233 
PRO C   O    doub N N 234 
PRO C   OXT  sing N N 235 
PRO CB  CG   sing N N 236 
PRO CB  HB2  sing N N 237 
PRO CB  HB3  sing N N 238 
PRO CG  CD   sing N N 239 
PRO CG  HG2  sing N N 240 
PRO CG  HG3  sing N N 241 
PRO CD  HD2  sing N N 242 
PRO CD  HD3  sing N N 243 
PRO OXT HXT  sing N N 244 
SER N   CA   sing N N 245 
SER N   H    sing N N 246 
SER N   H2   sing N N 247 
SER CA  C    sing N N 248 
SER CA  CB   sing N N 249 
SER CA  HA   sing N N 250 
SER C   O    doub N N 251 
SER C   OXT  sing N N 252 
SER CB  OG   sing N N 253 
SER CB  HB2  sing N N 254 
SER CB  HB3  sing N N 255 
SER OG  HG   sing N N 256 
SER OXT HXT  sing N N 257 
THR N   CA   sing N N 258 
THR N   H    sing N N 259 
THR N   H2   sing N N 260 
THR CA  C    sing N N 261 
THR CA  CB   sing N N 262 
THR CA  HA   sing N N 263 
THR C   O    doub N N 264 
THR C   OXT  sing N N 265 
THR CB  OG1  sing N N 266 
THR CB  CG2  sing N N 267 
THR CB  HB   sing N N 268 
THR OG1 HG1  sing N N 269 
THR CG2 HG21 sing N N 270 
THR CG2 HG22 sing N N 271 
THR CG2 HG23 sing N N 272 
THR OXT HXT  sing N N 273 
TRP N   CA   sing N N 274 
TRP N   H    sing N N 275 
TRP N   H2   sing N N 276 
TRP CA  C    sing N N 277 
TRP CA  CB   sing N N 278 
TRP CA  HA   sing N N 279 
TRP C   O    doub N N 280 
TRP C   OXT  sing N N 281 
TRP CB  CG   sing N N 282 
TRP CB  HB2  sing N N 283 
TRP CB  HB3  sing N N 284 
TRP CG  CD1  doub Y N 285 
TRP CG  CD2  sing Y N 286 
TRP CD1 NE1  sing Y N 287 
TRP CD1 HD1  sing N N 288 
TRP CD2 CE2  doub Y N 289 
TRP CD2 CE3  sing Y N 290 
TRP NE1 CE2  sing Y N 291 
TRP NE1 HE1  sing N N 292 
TRP CE2 CZ2  sing Y N 293 
TRP CE3 CZ3  doub Y N 294 
TRP CE3 HE3  sing N N 295 
TRP CZ2 CH2  doub Y N 296 
TRP CZ2 HZ2  sing N N 297 
TRP CZ3 CH2  sing Y N 298 
TRP CZ3 HZ3  sing N N 299 
TRP CH2 HH2  sing N N 300 
TRP OXT HXT  sing N N 301 
TYR N   CA   sing N N 302 
TYR N   H    sing N N 303 
TYR N   H2   sing N N 304 
TYR CA  C    sing N N 305 
TYR CA  CB   sing N N 306 
TYR CA  HA   sing N N 307 
TYR C   O    doub N N 308 
TYR C   OXT  sing N N 309 
TYR CB  CG   sing N N 310 
TYR CB  HB2  sing N N 311 
TYR CB  HB3  sing N N 312 
TYR CG  CD1  doub Y N 313 
TYR CG  CD2  sing Y N 314 
TYR CD1 CE1  sing Y N 315 
TYR CD1 HD1  sing N N 316 
TYR CD2 CE2  doub Y N 317 
TYR CD2 HD2  sing N N 318 
TYR CE1 CZ   doub Y N 319 
TYR CE1 HE1  sing N N 320 
TYR CE2 CZ   sing Y N 321 
TYR CE2 HE2  sing N N 322 
TYR CZ  OH   sing N N 323 
TYR OH  HH   sing N N 324 
TYR OXT HXT  sing N N 325 
VAL N   CA   sing N N 326 
VAL N   H    sing N N 327 
VAL N   H2   sing N N 328 
VAL CA  C    sing N N 329 
VAL CA  CB   sing N N 330 
VAL CA  HA   sing N N 331 
VAL C   O    doub N N 332 
VAL C   OXT  sing N N 333 
VAL CB  CG1  sing N N 334 
VAL CB  CG2  sing N N 335 
VAL CB  HB   sing N N 336 
VAL CG1 HG11 sing N N 337 
VAL CG1 HG12 sing N N 338 
VAL CG1 HG13 sing N N 339 
VAL CG2 HG21 sing N N 340 
VAL CG2 HG22 sing N N 341 
VAL CG2 HG23 sing N N 342 
VAL OXT HXT  sing N N 343 
# 
loop_
_pdbx_audit_support.funding_organization 
_pdbx_audit_support.country 
_pdbx_audit_support.grant_number 
_pdbx_audit_support.ordinal 
'National Institutes of Health/National Institute of General Medical Sciences (NIH/NIGMS)' 'United States' R01-GM090324 1 
'National Institutes of Health/National Institute of General Medical Sciences (NIH/NIGMS)' 'United States' T32GM07281 2 
'National Institutes of Health/National Cancer Institute (NIH/NCI)'                        'United States' P30CA014599 3 
'Swiss Cancer League'                                                                      Switzerland     
'S-3132-02-2013; KLS-3595-02-2015' 4 
# 
_atom_sites.entry_id                    5DC0 
_atom_sites.fract_transf_matrix[1][1]   0.00726190 
_atom_sites.fract_transf_matrix[1][2]   0.00177429 
_atom_sites.fract_transf_matrix[1][3]   -0.00180788 
_atom_sites.fract_transf_matrix[2][1]   -0.00473822 
_atom_sites.fract_transf_matrix[2][2]   0.02563130 
_atom_sites.fract_transf_matrix[2][3]   0.00612260 
_atom_sites.fract_transf_matrix[3][1]   0.01051845 
_atom_sites.fract_transf_matrix[3][2]   -0.00352941 
_atom_sites.fract_transf_matrix[3][3]   0.02291544 
_atom_sites.fract_transf_vector[1]      -0.314728 
_atom_sites.fract_transf_vector[2]      0.332513 
_atom_sites.fract_transf_vector[3]      0.339803 
# 
loop_
_atom_type.symbol 
C 
N 
O 
# 
loop_
_atom_site.group_PDB 
_atom_site.id 
_atom_site.type_symbol 
_atom_site.label_atom_id 
_atom_site.label_alt_id 
_atom_site.label_comp_id 
_atom_site.label_asym_id 
_atom_site.label_entity_id 
_atom_site.label_seq_id 
_atom_site.pdbx_PDB_ins_code 
_atom_site.Cartn_x 
_atom_site.Cartn_y 
_atom_site.Cartn_z 
_atom_site.occupancy 
_atom_site.B_iso_or_equiv 
_atom_site.pdbx_formal_charge 
_atom_site.auth_seq_id 
_atom_site.auth_comp_id 
_atom_site.auth_asym_id 
_atom_site.auth_atom_id 
_atom_site.pdbx_PDB_model_num 
ATOM   1    N N   . ASP A 1 3   ? 25.967  -0.726  6.734   1.00 48.07 ? 3   ASP A N   1 
ATOM   2    C CA  . ASP A 1 3   ? 24.690  -0.434  7.456   1.00 48.22 ? 3   ASP A CA  1 
ATOM   3    C C   . ASP A 1 3   ? 23.609  0.151   6.532   1.00 44.79 ? 3   ASP A C   1 
ATOM   4    O O   . ASP A 1 3   ? 22.497  0.464   6.960   1.00 45.27 ? 3   ASP A O   1 
ATOM   5    C CB  . ASP A 1 3   ? 24.956  0.489   8.648   1.00 50.07 ? 3   ASP A CB  1 
ATOM   6    C CG  . ASP A 1 3   ? 25.264  -0.276  9.931   1.00 54.79 ? 3   ASP A CG  1 
ATOM   7    O OD1 . ASP A 1 3   ? 25.262  -1.529  9.912   1.00 55.37 ? 3   ASP A OD1 1 
ATOM   8    O OD2 . ASP A 1 3   ? 25.503  0.390   10.969  1.00 57.49 ? 3   ASP A OD2 1 
ATOM   9    N N   . VAL A 1 4   ? 23.947  0.258   5.255   1.00 39.98 ? 4   VAL A N   1 
ATOM   10   C CA  . VAL A 1 4   ? 23.100  0.875   4.254   1.00 38.16 ? 4   VAL A CA  1 
ATOM   11   C C   . VAL A 1 4   ? 22.082  -0.164  3.711   1.00 35.90 ? 4   VAL A C   1 
ATOM   12   O O   . VAL A 1 4   ? 22.405  -1.370  3.617   1.00 37.14 ? 4   VAL A O   1 
ATOM   13   C CB  . VAL A 1 4   ? 24.006  1.480   3.142   1.00 39.68 ? 4   VAL A CB  1 
ATOM   14   C CG1 . VAL A 1 4   ? 24.352  0.448   2.064   1.00 40.19 ? 4   VAL A CG1 1 
ATOM   15   C CG2 . VAL A 1 4   ? 23.411  2.769   2.565   1.00 38.30 ? 4   VAL A CG2 1 
ATOM   16   N N   . PRO A 1 5   ? 20.841  0.276   3.387   1.00 30.07 ? 5   PRO A N   1 
ATOM   17   C CA  . PRO A 1 5   ? 19.951  -0.672  2.706   1.00 26.79 ? 5   PRO A CA  1 
ATOM   18   C C   . PRO A 1 5   ? 20.517  -1.009  1.321   1.00 24.42 ? 5   PRO A C   1 
ATOM   19   O O   . PRO A 1 5   ? 21.293  -0.234  0.766   1.00 22.75 ? 5   PRO A O   1 
ATOM   20   C CB  . PRO A 1 5   ? 18.627  0.080   2.589   1.00 26.90 ? 5   PRO A CB  1 
ATOM   21   C CG  . PRO A 1 5   ? 18.981  1.523   2.753   1.00 28.66 ? 5   PRO A CG  1 
ATOM   22   C CD  . PRO A 1 5   ? 20.202  1.584   3.620   1.00 28.79 ? 5   PRO A CD  1 
ATOM   23   N N   . THR A 1 6   ? 20.148  -2.164  0.780   1.00 21.44 ? 6   THR A N   1 
ATOM   24   C CA  . THR A 1 6   ? 20.732  -2.626  -0.484  1.00 21.06 ? 6   THR A CA  1 
ATOM   25   C C   . THR A 1 6   ? 19.629  -3.060  -1.436  1.00 20.17 ? 6   THR A C   1 
ATOM   26   O O   . THR A 1 6   ? 18.433  -3.051  -1.064  1.00 20.07 ? 6   THR A O   1 
ATOM   27   C CB  . THR A 1 6   ? 21.699  -3.809  -0.240  1.00 21.01 ? 6   THR A CB  1 
ATOM   28   O OG1 . THR A 1 6   ? 21.037  -4.812  0.554   1.00 20.32 ? 6   THR A OG1 1 
ATOM   29   C CG2 . THR A 1 6   ? 22.970  -3.341  0.491   1.00 20.55 ? 6   THR A CG2 1 
ATOM   30   N N   . LYS A 1 7   ? 20.017  -3.419  -2.660  1.00 19.72 ? 7   LYS A N   1 
ATOM   31   C CA  . LYS A 1 7   ? 19.101  -4.056  -3.616  1.00 20.34 ? 7   LYS A CA  1 
ATOM   32   C C   . LYS A 1 7   ? 17.832  -3.263  -3.863  1.00 18.76 ? 7   LYS A C   1 
ATOM   33   O O   . LYS A 1 7   ? 16.759  -3.864  -3.942  1.00 19.53 ? 7   LYS A O   1 
ATOM   34   C CB  . LYS A 1 7   ? 18.666  -5.450  -3.129  1.00 22.25 ? 7   LYS A CB  1 
ATOM   35   C CG  . LYS A 1 7   ? 17.896  -6.263  -4.181  1.00 25.89 ? 7   LYS A CG  1 
ATOM   36   C CD  . LYS A 1 7   ? 16.972  -7.316  -3.560  1.00 28.17 ? 7   LYS A CD  1 
ATOM   37   C CE  . LYS A 1 7   ? 15.486  -7.012  -3.765  1.00 28.38 ? 7   LYS A CE  1 
ATOM   38   N NZ  . LYS A 1 7   ? 14.955  -5.693  -3.319  1.00 27.49 ? 7   LYS A NZ  1 
ATOM   39   N N   . LEU A 1 8   ? 17.921  -1.939  -3.938  1.00 16.27 ? 8   LEU A N   1 
ATOM   40   C CA  . LEU A 1 8   ? 16.740  -1.147  -4.306  1.00 15.42 ? 8   LEU A CA  1 
ATOM   41   C C   . LEU A 1 8   ? 16.321  -1.527  -5.735  1.00 15.23 ? 8   LEU A C   1 
ATOM   42   O O   . LEU A 1 8   ? 17.150  -1.523  -6.648  1.00 14.19 ? 8   LEU A O   1 
ATOM   43   C CB  . LEU A 1 8   ? 17.027  0.355   -4.193  1.00 14.11 ? 8   LEU A CB  1 
ATOM   44   C CG  . LEU A 1 8   ? 15.950  1.364   -4.622  1.00 14.18 ? 8   LEU A CG  1 
ATOM   45   C CD1 . LEU A 1 8   ? 14.579  1.090   -3.995  1.00 13.89 ? 8   LEU A CD1 1 
ATOM   46   C CD2 . LEU A 1 8   ? 16.434  2.786   -4.342  1.00 13.06 ? 8   LEU A CD2 1 
ATOM   47   N N   . GLU A 1 9   ? 15.053  -1.880  -5.918  1.00 15.48 ? 9   GLU A N   1 
ATOM   48   C CA  . GLU A 1 9   ? 14.555  -2.169  -7.277  1.00 16.53 ? 9   GLU A CA  1 
ATOM   49   C C   . GLU A 1 9   ? 13.077  -1.879  -7.495  1.00 15.35 ? 9   GLU A C   1 
ATOM   50   O O   . GLU A 1 9   ? 12.298  -1.740  -6.545  1.00 14.24 ? 9   GLU A O   1 
ATOM   51   C CB  . GLU A 1 9   ? 14.876  -3.600  -7.701  1.00 19.00 ? 9   GLU A CB  1 
ATOM   52   C CG  . GLU A 1 9   ? 14.215  -4.699  -6.913  1.00 23.10 ? 9   GLU A CG  1 
ATOM   53   C CD  . GLU A 1 9   ? 14.692  -6.071  -7.378  1.00 29.11 ? 9   GLU A CD  1 
ATOM   54   O OE1 . GLU A 1 9   ? 15.641  -6.629  -6.757  1.00 31.41 ? 9   GLU A OE1 1 
ATOM   55   O OE2 . GLU A 1 9   ? 14.160  -6.566  -8.408  1.00 31.26 ? 9   GLU A OE2 1 
ATOM   56   N N   . VAL A 1 10  ? 12.714  -1.781  -8.771  1.00 14.35 ? 10  VAL A N   1 
ATOM   57   C CA  . VAL A 1 10  ? 11.320  -1.715  -9.176  1.00 13.36 ? 10  VAL A CA  1 
ATOM   58   C C   . VAL A 1 10  ? 10.891  -3.149  -9.376  1.00 12.87 ? 10  VAL A C   1 
ATOM   59   O O   . VAL A 1 10  ? 11.431  -3.823  -10.254 1.00 12.63 ? 10  VAL A O   1 
ATOM   60   C CB  . VAL A 1 10  ? 11.120  -0.908  -10.475 1.00 13.29 ? 10  VAL A CB  1 
ATOM   61   C CG1 . VAL A 1 10  ? 9.667   -0.980  -10.923 1.00 13.07 ? 10  VAL A CG1 1 
ATOM   62   C CG2 . VAL A 1 10  ? 11.544  0.557   -10.259 1.00 13.10 ? 10  VAL A CG2 1 
ATOM   63   N N   . VAL A 1 11  ? 9.934   -3.599  -8.552  1.00 11.85 ? 11  VAL A N   1 
ATOM   64   C CA  . VAL A 1 11  ? 9.409   -4.951  -8.634  1.00 12.11 ? 11  VAL A CA  1 
ATOM   65   C C   . VAL A 1 11  ? 8.421   -5.063  -9.804  1.00 12.74 ? 11  VAL A C   1 
ATOM   66   O O   . VAL A 1 11  ? 8.419   -6.060  -10.534 1.00 12.61 ? 11  VAL A O   1 
ATOM   67   C CB  . VAL A 1 11  ? 8.709   -5.362  -7.319  1.00 11.89 ? 11  VAL A CB  1 
ATOM   68   C CG1 . VAL A 1 11  ? 8.086   -6.751  -7.422  1.00 11.63 ? 11  VAL A CG1 1 
ATOM   69   C CG2 . VAL A 1 11  ? 9.683   -5.300  -6.158  1.00 11.71 ? 11  VAL A CG2 1 
ATOM   70   N N   . ALA A 1 12  ? 7.567   -4.043  -9.949  1.00 12.62 ? 12  ALA A N   1 
ATOM   71   C CA  . ALA A 1 12  ? 6.500   -4.035  -10.945 1.00 12.70 ? 12  ALA A CA  1 
ATOM   72   C C   . ALA A 1 12  ? 6.067   -2.578  -11.126 1.00 13.17 ? 12  ALA A C   1 
ATOM   73   O O   . ALA A 1 12  ? 6.372   -1.708  -10.276 1.00 12.99 ? 12  ALA A O   1 
ATOM   74   C CB  . ALA A 1 12  ? 5.331   -4.899  -10.502 1.00 12.48 ? 12  ALA A CB  1 
ATOM   75   N N   . ALA A 1 13  ? 5.397   -2.318  -12.241 1.00 12.77 ? 13  ALA A N   1 
ATOM   76   C CA  . ALA A 1 13  ? 4.993   -0.973  -12.627 1.00 13.64 ? 13  ALA A CA  1 
ATOM   77   C C   . ALA A 1 13  ? 3.709   -1.039  -13.440 1.00 14.37 ? 13  ALA A C   1 
ATOM   78   O O   . ALA A 1 13  ? 3.515   -1.949  -14.246 1.00 14.26 ? 13  ALA A O   1 
ATOM   79   C CB  . ALA A 1 13  ? 6.075   -0.316  -13.456 1.00 13.30 ? 13  ALA A CB  1 
ATOM   80   N N   . THR A 1 14  ? 2.831   -0.078  -13.204 1.00 15.15 ? 14  THR A N   1 
ATOM   81   C CA  . THR A 1 14  ? 1.717   0.182   -14.086 1.00 16.07 ? 14  THR A CA  1 
ATOM   82   C C   . THR A 1 14  ? 2.111   1.488   -14.807 1.00 17.14 ? 14  THR A C   1 
ATOM   83   O O   . THR A 1 14  ? 3.219   1.989   -14.603 1.00 16.82 ? 14  THR A O   1 
ATOM   84   C CB  . THR A 1 14  ? 0.398   0.361   -13.301 1.00 15.95 ? 14  THR A CB  1 
ATOM   85   O OG1 . THR A 1 14  ? 0.425   1.626   -12.624 1.00 15.86 ? 14  THR A OG1 1 
ATOM   86   C CG2 . THR A 1 14  ? 0.176   -0.789  -12.288 1.00 15.75 ? 14  THR A CG2 1 
ATOM   87   N N   . PRO A 1 15  ? 1.230   2.045   -15.661 1.00 18.24 ? 15  PRO A N   1 
ATOM   88   C CA  . PRO A 1 15  ? 1.705   3.284   -16.312 1.00 18.55 ? 15  PRO A CA  1 
ATOM   89   C C   . PRO A 1 15  ? 1.956   4.461   -15.348 1.00 18.05 ? 15  PRO A C   1 
ATOM   90   O O   . PRO A 1 15  ? 2.767   5.344   -15.667 1.00 18.23 ? 15  PRO A O   1 
ATOM   91   C CB  . PRO A 1 15  ? 0.568   3.628   -17.297 1.00 18.69 ? 15  PRO A CB  1 
ATOM   92   C CG  . PRO A 1 15  ? -0.139  2.323   -17.535 1.00 19.81 ? 15  PRO A CG  1 
ATOM   93   C CD  . PRO A 1 15  ? -0.088  1.628   -16.183 1.00 18.72 ? 15  PRO A CD  1 
ATOM   94   N N   . THR A 1 16  ? 1.289   4.473   -14.190 1.00 17.61 ? 16  THR A N   1 
ATOM   95   C CA  . THR A 1 16  ? 1.430   5.596   -13.242 1.00 17.96 ? 16  THR A CA  1 
ATOM   96   C C   . THR A 1 16  ? 1.856   5.230   -11.796 1.00 16.76 ? 16  THR A C   1 
ATOM   97   O O   . THR A 1 16  ? 2.017   6.106   -10.959 1.00 16.98 ? 16  THR A O   1 
ATOM   98   C CB  . THR A 1 16  ? 0.133   6.422   -13.165 1.00 18.45 ? 16  THR A CB  1 
ATOM   99   O OG1 . THR A 1 16  ? -0.903  5.580   -12.659 1.00 19.54 ? 16  THR A OG1 1 
ATOM   100  C CG2 . THR A 1 16  ? -0.275  6.987   -14.575 1.00 19.72 ? 16  THR A CG2 1 
ATOM   101  N N   . SER A 1 17  ? 2.012   3.949   -11.488 1.00 16.21 ? 17  SER A N   1 
ATOM   102  C CA  . SER A 1 17  ? 2.527   3.589   -10.169 1.00 15.39 ? 17  SER A CA  1 
ATOM   103  C C   . SER A 1 17  ? 3.564   2.495   -10.199 1.00 14.99 ? 17  SER A C   1 
ATOM   104  O O   . SER A 1 17  ? 3.675   1.752   -11.189 1.00 14.20 ? 17  SER A O   1 
ATOM   105  C CB  . SER A 1 17  ? 1.403   3.294   -9.173  1.00 16.08 ? 17  SER A CB  1 
ATOM   106  O OG  . SER A 1 17  ? 0.581   2.292   -9.648  1.00 18.40 ? 17  SER A OG  1 
ATOM   107  N N   . LEU A 1 18  ? 4.339   2.432   -9.111  1.00 14.02 ? 18  LEU A N   1 
ATOM   108  C CA  . LEU A 1 18  ? 5.476   1.541   -8.977  1.00 13.33 ? 18  LEU A CA  1 
ATOM   109  C C   . LEU A 1 18  ? 5.402   0.818   -7.647  1.00 12.59 ? 18  LEU A C   1 
ATOM   110  O O   . LEU A 1 18  ? 4.958   1.377   -6.630  1.00 11.82 ? 18  LEU A O   1 
ATOM   111  C CB  . LEU A 1 18  ? 6.799   2.311   -8.985  1.00 13.27 ? 18  LEU A CB  1 
ATOM   112  C CG  . LEU A 1 18  ? 7.164   3.253   -10.121 1.00 13.86 ? 18  LEU A CG  1 
ATOM   113  C CD1 . LEU A 1 18  ? 8.525   3.847   -9.813  1.00 13.66 ? 18  LEU A CD1 1 
ATOM   114  C CD2 . LEU A 1 18  ? 7.176   2.558   -11.483 1.00 13.96 ? 18  LEU A CD2 1 
ATOM   115  N N   . LEU A 1 19  ? 5.869   -0.424  -7.686  1.00 11.19 ? 19  LEU A N   1 
ATOM   116  C CA  . LEU A 1 19  ? 6.052   -1.247  -6.511  1.00 10.49 ? 19  LEU A CA  1 
ATOM   117  C C   . LEU A 1 19  ? 7.564   -1.426  -6.408  1.00 10.08 ? 19  LEU A C   1 
ATOM   118  O O   . LEU A 1 19  ? 8.215   -1.901  -7.346  1.00 9.33  ? 19  LEU A O   1 
ATOM   119  C CB  . LEU A 1 19  ? 5.314   -2.587  -6.663  1.00 10.11 ? 19  LEU A CB  1 
ATOM   120  C CG  . LEU A 1 19  ? 5.524   -3.621  -5.550  1.00 10.28 ? 19  LEU A CG  1 
ATOM   121  C CD1 . LEU A 1 19  ? 4.939   -3.149  -4.218  1.00 9.98  ? 19  LEU A CD1 1 
ATOM   122  C CD2 . LEU A 1 19  ? 4.922   -4.969  -5.980  1.00 10.12 ? 19  LEU A CD2 1 
ATOM   123  N N   . ILE A 1 20  ? 8.130   -0.953  -5.299  1.00 9.81  ? 20  ILE A N   1 
ATOM   124  C CA  . ILE A 1 20  ? 9.579   -1.023  -5.106  1.00 10.30 ? 20  ILE A CA  1 
ATOM   125  C C   . ILE A 1 20  ? 9.943   -1.899  -3.888  1.00 10.43 ? 20  ILE A C   1 
ATOM   126  O O   . ILE A 1 20  ? 9.130   -2.109  -2.986  1.00 9.93  ? 20  ILE A O   1 
ATOM   127  C CB  . ILE A 1 20  ? 10.192  0.400   -4.993  1.00 10.34 ? 20  ILE A CB  1 
ATOM   128  C CG1 . ILE A 1 20  ? 9.549   1.166   -3.826  1.00 10.28 ? 20  ILE A CG1 1 
ATOM   129  C CG2 . ILE A 1 20  ? 10.039  1.167   -6.329  1.00 10.21 ? 20  ILE A CG2 1 
ATOM   130  C CD1 . ILE A 1 20  ? 10.309  2.400   -3.381  1.00 10.73 ? 20  ILE A CD1 1 
ATOM   131  N N   . SER A 1 21  ? 11.153  -2.433  -3.875  1.00 10.94 ? 21  SER A N   1 
ATOM   132  C CA  . SER A 1 21  ? 11.601  -3.170  -2.706  1.00 11.78 ? 21  SER A CA  1 
ATOM   133  C C   . SER A 1 21  ? 13.077  -2.924  -2.506  1.00 12.29 ? 21  SER A C   1 
ATOM   134  O O   . SER A 1 21  ? 13.727  -2.377  -3.370  1.00 12.61 ? 21  SER A O   1 
ATOM   135  C CB  . SER A 1 21  ? 11.264  -4.667  -2.807  1.00 11.66 ? 21  SER A CB  1 
ATOM   136  O OG  . SER A 1 21  ? 12.121  -5.350  -3.696  1.00 12.24 ? 21  SER A OG  1 
ATOM   137  N N   . TRP A 1 22  ? 13.580  -3.300  -1.339  1.00 13.24 ? 22  TRP A N   1 
ATOM   138  C CA  . TRP A 1 22  ? 14.996  -3.161  -0.979  1.00 14.25 ? 22  TRP A CA  1 
ATOM   139  C C   . TRP A 1 22  ? 15.263  -4.194  0.106   1.00 15.53 ? 22  TRP A C   1 
ATOM   140  O O   . TRP A 1 22  ? 14.300  -4.742  0.685   1.00 14.83 ? 22  TRP A O   1 
ATOM   141  C CB  . TRP A 1 22  ? 15.295  -1.736  -0.482  1.00 13.10 ? 22  TRP A CB  1 
ATOM   142  C CG  . TRP A 1 22  ? 14.460  -1.334  0.703   1.00 12.73 ? 22  TRP A CG  1 
ATOM   143  C CD1 . TRP A 1 22  ? 14.772  -1.493  2.047   1.00 12.55 ? 22  TRP A CD1 1 
ATOM   144  C CD2 . TRP A 1 22  ? 13.112  -0.713  0.695   1.00 12.38 ? 22  TRP A CD2 1 
ATOM   145  N NE1 . TRP A 1 22  ? 13.752  -1.036  2.839   1.00 12.52 ? 22  TRP A NE1 1 
ATOM   146  C CE2 . TRP A 1 22  ? 12.733  -0.552  2.102   1.00 12.19 ? 22  TRP A CE2 1 
ATOM   147  C CE3 . TRP A 1 22  ? 12.224  -0.296  -0.301  1.00 12.17 ? 22  TRP A CE3 1 
ATOM   148  C CZ2 . TRP A 1 22  ? 11.517  -0.006  2.480   1.00 12.26 ? 22  TRP A CZ2 1 
ATOM   149  C CZ3 . TRP A 1 22  ? 11.003  0.270   0.090   1.00 12.16 ? 22  TRP A CZ3 1 
ATOM   150  C CH2 . TRP A 1 22  ? 10.655  0.405   1.439   1.00 12.52 ? 22  TRP A CH2 1 
ATOM   151  N N   . ASP A 1 23  ? 16.539  -4.497  0.371   1.00 18.10 ? 23  ASP A N   1 
ATOM   152  C CA  . ASP A 1 23  ? 16.917  -5.400  1.500   1.00 20.83 ? 23  ASP A CA  1 
ATOM   153  C C   . ASP A 1 23  ? 17.279  -4.522  2.704   1.00 20.27 ? 23  ASP A C   1 
ATOM   154  O O   . ASP A 1 23  ? 18.143  -3.647  2.606   1.00 20.09 ? 23  ASP A O   1 
ATOM   155  C CB  . ASP A 1 23  ? 18.122  -6.301  1.168   1.00 22.47 ? 23  ASP A CB  1 
ATOM   156  C CG  . ASP A 1 23  ? 17.876  -7.274  -0.005  1.00 27.47 ? 23  ASP A CG  1 
ATOM   157  O OD1 . ASP A 1 23  ? 16.707  -7.646  -0.266  1.00 30.00 ? 23  ASP A OD1 1 
ATOM   158  O OD2 . ASP A 1 23  ? 18.882  -7.692  -0.670  1.00 28.34 ? 23  ASP A OD2 1 
ATOM   159  N N   . ALA A 1 24  ? 16.627  -4.747  3.832   1.00 21.30 ? 24  ALA A N   1 
ATOM   160  C CA  . ALA A 1 24  ? 16.912  -3.962  5.053   1.00 23.36 ? 24  ALA A CA  1 
ATOM   161  C C   . ALA A 1 24  ? 18.325  -4.208  5.588   1.00 24.70 ? 24  ALA A C   1 
ATOM   162  O O   . ALA A 1 24  ? 18.857  -5.327  5.444   1.00 24.24 ? 24  ALA A O   1 
ATOM   163  C CB  . ALA A 1 24  ? 15.903  -4.288  6.147   1.00 22.92 ? 24  ALA A CB  1 
ATOM   164  N N   . PRO A 1 25  ? 18.938  -3.170  6.210   1.00 26.44 ? 25  PRO A N   1 
ATOM   165  C CA  . PRO A 1 25  ? 20.152  -3.407  7.021   1.00 26.03 ? 25  PRO A CA  1 
ATOM   166  C C   . PRO A 1 25  ? 19.821  -4.392  8.141   1.00 26.40 ? 25  PRO A C   1 
ATOM   167  O O   . PRO A 1 25  ? 18.662  -4.484  8.558   1.00 27.28 ? 25  PRO A O   1 
ATOM   168  C CB  . PRO A 1 25  ? 20.474  -2.034  7.628   1.00 26.26 ? 25  PRO A CB  1 
ATOM   169  C CG  . PRO A 1 25  ? 19.361  -1.118  7.255   1.00 26.04 ? 25  PRO A CG  1 
ATOM   170  C CD  . PRO A 1 25  ? 18.579  -1.737  6.128   1.00 25.67 ? 25  PRO A CD  1 
ATOM   171  N N   . ALA A 1 26  ? 20.822  -5.121  8.623   1.00 25.94 ? 26  ALA A N   1 
ATOM   172  C CA  . ALA A 1 26  ? 20.609  -6.107  9.684   1.00 26.49 ? 26  ALA A CA  1 
ATOM   173  C C   . ALA A 1 26  ? 20.185  -5.477  11.026  1.00 25.20 ? 26  ALA A C   1 
ATOM   174  O O   . ALA A 1 26  ? 19.389  -6.059  11.770  1.00 29.25 ? 26  ALA A O   1 
ATOM   175  C CB  . ALA A 1 26  ? 21.856  -6.967  9.859   1.00 27.37 ? 26  ALA A CB  1 
ATOM   176  N N   . VAL A 1 27  ? 20.704  -4.287  11.320  1.00 22.19 ? 27  VAL A N   1 
ATOM   177  C CA  . VAL A 1 27  ? 20.403  -3.562  12.558  1.00 19.10 ? 27  VAL A CA  1 
ATOM   178  C C   . VAL A 1 27  ? 18.998  -2.934  12.523  1.00 17.27 ? 27  VAL A C   1 
ATOM   179  O O   . VAL A 1 27  ? 18.384  -2.819  11.469  1.00 17.11 ? 27  VAL A O   1 
ATOM   180  C CB  . VAL A 1 27  ? 21.454  -2.448  12.820  1.00 19.05 ? 27  VAL A CB  1 
ATOM   181  C CG1 . VAL A 1 27  ? 22.826  -3.047  13.105  1.00 18.80 ? 27  VAL A CG1 1 
ATOM   182  C CG2 . VAL A 1 27  ? 21.543  -1.497  11.629  1.00 18.68 ? 27  VAL A CG2 1 
ATOM   183  N N   . THR A 1 28  ? 18.518  -2.498  13.673  1.00 15.19 ? 28  THR A N   1 
ATOM   184  C CA  . THR A 1 28  ? 17.254  -1.761  13.786  1.00 14.35 ? 28  THR A CA  1 
ATOM   185  C C   . THR A 1 28  ? 17.199  -0.536  12.851  1.00 13.32 ? 28  THR A C   1 
ATOM   186  O O   . THR A 1 28  ? 18.137  0.253   12.784  1.00 13.62 ? 28  THR A O   1 
ATOM   187  C CB  . THR A 1 28  ? 17.024  -1.302  15.232  1.00 14.34 ? 28  THR A CB  1 
ATOM   188  O OG1 . THR A 1 28  ? 17.109  -2.447  16.103  1.00 14.30 ? 28  THR A OG1 1 
ATOM   189  C CG2 . THR A 1 28  ? 15.654  -0.609  15.368  1.00 14.69 ? 28  THR A CG2 1 
ATOM   190  N N   . VAL A 1 29  ? 16.092  -0.398  12.135  1.00 11.61 ? 29  VAL A N   1 
ATOM   191  C CA  . VAL A 1 29  ? 15.827  0.785   11.340  1.00 10.47 ? 29  VAL A CA  1 
ATOM   192  C C   . VAL A 1 29  ? 14.658  1.459   12.028  1.00 10.01 ? 29  VAL A C   1 
ATOM   193  O O   . VAL A 1 29  ? 13.618  0.827   12.270  1.00 10.14 ? 29  VAL A O   1 
ATOM   194  C CB  . VAL A 1 29  ? 15.397  0.429   9.888   1.00 9.99  ? 29  VAL A CB  1 
ATOM   195  C CG1 . VAL A 1 29  ? 15.018  1.705   9.120   1.00 9.29  ? 29  VAL A CG1 1 
ATOM   196  C CG2 . VAL A 1 29  ? 16.489  -0.381  9.185   1.00 9.57  ? 29  VAL A CG2 1 
ATOM   197  N N   . VAL A 1 30  ? 14.813  2.742   12.329  1.00 9.48  ? 30  VAL A N   1 
ATOM   198  C CA  . VAL A 1 30  ? 13.723  3.523   12.935  1.00 9.00  ? 30  VAL A CA  1 
ATOM   199  C C   . VAL A 1 30  ? 12.621  3.779   11.891  1.00 8.89  ? 30  VAL A C   1 
ATOM   200  O O   . VAL A 1 30  ? 11.434  3.519   12.145  1.00 9.06  ? 30  VAL A O   1 
ATOM   201  C CB  . VAL A 1 30  ? 14.281  4.824   13.540  1.00 8.82  ? 30  VAL A CB  1 
ATOM   202  C CG1 . VAL A 1 30  ? 13.148  5.732   14.016  1.00 8.79  ? 30  VAL A CG1 1 
ATOM   203  C CG2 . VAL A 1 30  ? 15.199  4.474   14.707  1.00 8.91  ? 30  VAL A CG2 1 
ATOM   204  N N   . HIS A 1 31  ? 13.009  4.291   10.721  1.00 8.44  ? 31  HIS A N   1 
ATOM   205  C CA  . HIS A 1 31  ? 12.087  4.350   9.574   1.00 8.25  ? 31  HIS A CA  1 
ATOM   206  C C   . HIS A 1 31  ? 12.861  4.653   8.317   1.00 8.07  ? 31  HIS A C   1 
ATOM   207  O O   . HIS A 1 31  ? 14.087  4.865   8.354   1.00 8.09  ? 31  HIS A O   1 
ATOM   208  C CB  . HIS A 1 31  ? 10.906  5.317   9.833   1.00 7.98  ? 31  HIS A CB  1 
ATOM   209  C CG  . HIS A 1 31  ? 11.255  6.789   9.646   1.00 7.97  ? 31  HIS A CG  1 
ATOM   210  N ND1 . HIS A 1 31  ? 10.315  7.739   9.481   1.00 7.95  ? 31  HIS A ND1 1 
ATOM   211  C CD2 . HIS A 1 31  ? 12.483  7.438   9.552   1.00 7.71  ? 31  HIS A CD2 1 
ATOM   212  C CE1 . HIS A 1 31  ? 10.910  8.941   9.308   1.00 7.86  ? 31  HIS A CE1 1 
ATOM   213  N NE2 . HIS A 1 31  ? 12.233  8.759   9.352   1.00 7.83  ? 31  HIS A NE2 1 
ATOM   214  N N   . TYR A 1 32  ? 12.179  4.657   7.188   1.00 8.28  ? 32  TYR A N   1 
ATOM   215  C CA  . TYR A 1 32  ? 12.842  5.028   5.941   1.00 8.48  ? 32  TYR A CA  1 
ATOM   216  C C   . TYR A 1 32  ? 12.241  6.311   5.451   1.00 8.72  ? 32  TYR A C   1 
ATOM   217  O O   . TYR A 1 32  ? 11.036  6.522   5.573   1.00 8.92  ? 32  TYR A O   1 
ATOM   218  C CB  . TYR A 1 32  ? 12.608  3.960   4.885   1.00 8.46  ? 32  TYR A CB  1 
ATOM   219  C CG  . TYR A 1 32  ? 13.229  2.623   5.196   1.00 8.58  ? 32  TYR A CG  1 
ATOM   220  C CD1 . TYR A 1 32  ? 14.593  2.396   4.957   1.00 8.42  ? 32  TYR A CD1 1 
ATOM   221  C CD2 . TYR A 1 32  ? 12.453  1.575   5.702   1.00 8.47  ? 32  TYR A CD2 1 
ATOM   222  C CE1 . TYR A 1 32  ? 15.161  1.167   5.218   1.00 8.68  ? 32  TYR A CE1 1 
ATOM   223  C CE2 . TYR A 1 32  ? 13.009  0.332   5.969   1.00 8.58  ? 32  TYR A CE2 1 
ATOM   224  C CZ  . TYR A 1 32  ? 14.359  0.138   5.723   1.00 8.82  ? 32  TYR A CZ  1 
ATOM   225  O OH  . TYR A 1 32  ? 14.933  -1.072  5.966   1.00 9.25  ? 32  TYR A OH  1 
ATOM   226  N N   . VAL A 1 33  ? 13.062  7.185   4.897   1.00 8.96  ? 33  VAL A N   1 
ATOM   227  C CA  . VAL A 1 33  ? 12.504  8.255   4.078   1.00 9.31  ? 33  VAL A CA  1 
ATOM   228  C C   . VAL A 1 33  ? 12.797  7.905   2.630   1.00 9.86  ? 33  VAL A C   1 
ATOM   229  O O   . VAL A 1 33  ? 13.944  7.587   2.275   1.00 9.55  ? 33  VAL A O   1 
ATOM   230  C CB  . VAL A 1 33  ? 13.045  9.641   4.484   1.00 9.24  ? 33  VAL A CB  1 
ATOM   231  C CG1 . VAL A 1 33  ? 12.899  10.641  3.350   1.00 9.30  ? 33  VAL A CG1 1 
ATOM   232  C CG2 . VAL A 1 33  ? 12.347  10.123  5.747   1.00 8.99  ? 33  VAL A CG2 1 
ATOM   233  N N   . ILE A 1 34  ? 11.746  7.923   1.804   1.00 10.61 ? 34  ILE A N   1 
ATOM   234  C CA  . ILE A 1 34  ? 11.894  7.664   0.374   1.00 11.17 ? 34  ILE A CA  1 
ATOM   235  C C   . ILE A 1 34  ? 11.550  8.929   -0.414  1.00 11.57 ? 34  ILE A C   1 
ATOM   236  O O   . ILE A 1 34  ? 10.501  9.530   -0.184  1.00 11.81 ? 34  ILE A O   1 
ATOM   237  C CB  . ILE A 1 34  ? 11.000  6.494   -0.093  1.00 11.56 ? 34  ILE A CB  1 
ATOM   238  C CG1 . ILE A 1 34  ? 11.404  5.204   0.644   1.00 11.91 ? 34  ILE A CG1 1 
ATOM   239  C CG2 . ILE A 1 34  ? 11.151  6.284   -1.606  1.00 10.97 ? 34  ILE A CG2 1 
ATOM   240  C CD1 . ILE A 1 34  ? 10.521  4.014   0.330   1.00 12.36 ? 34  ILE A CD1 1 
ATOM   241  N N   . THR A 1 35  ? 12.451  9.350   -1.299  1.00 11.29 ? 35  THR A N   1 
ATOM   242  C CA  . THR A 1 35  ? 12.158  10.448  -2.208  1.00 11.81 ? 35  THR A CA  1 
ATOM   243  C C   . THR A 1 35  ? 12.054  9.979   -3.664  1.00 11.94 ? 35  THR A C   1 
ATOM   244  O O   . THR A 1 35  ? 12.703  8.993   -4.074  1.00 11.22 ? 35  THR A O   1 
ATOM   245  C CB  . THR A 1 35  ? 13.167  11.621  -2.102  1.00 11.79 ? 35  THR A CB  1 
ATOM   246  O OG1 . THR A 1 35  ? 14.422  11.279  -2.712  1.00 11.73 ? 35  THR A OG1 1 
ATOM   247  C CG2 . THR A 1 35  ? 13.407  12.008  -0.645  1.00 11.58 ? 35  THR A CG2 1 
ATOM   248  N N   . TYR A 1 36  ? 11.217  10.682  -4.428  1.00 11.67 ? 36  TYR A N   1 
ATOM   249  C CA  . TYR A 1 36  ? 11.165  10.502  -5.873  1.00 12.12 ? 36  TYR A CA  1 
ATOM   250  C C   . TYR A 1 36  ? 10.881  11.843  -6.560  1.00 12.90 ? 36  TYR A C   1 
ATOM   251  O O   . TYR A 1 36  ? 10.129  12.672  -6.047  1.00 11.95 ? 36  TYR A O   1 
ATOM   252  C CB  . TYR A 1 36  ? 10.131  9.448   -6.270  1.00 11.87 ? 36  TYR A CB  1 
ATOM   253  C CG  . TYR A 1 36  ? 8.702   9.822   -5.924  1.00 12.29 ? 36  TYR A CG  1 
ATOM   254  C CD1 . TYR A 1 36  ? 8.208   9.623   -4.635  1.00 12.33 ? 36  TYR A CD1 1 
ATOM   255  C CD2 . TYR A 1 36  ? 7.853   10.387  -6.888  1.00 12.67 ? 36  TYR A CD2 1 
ATOM   256  C CE1 . TYR A 1 36  ? 6.910   9.958   -4.304  1.00 12.79 ? 36  TYR A CE1 1 
ATOM   257  C CE2 . TYR A 1 36  ? 6.539   10.739  -6.579  1.00 13.16 ? 36  TYR A CE2 1 
ATOM   258  C CZ  . TYR A 1 36  ? 6.073   10.508  -5.287  1.00 13.21 ? 36  TYR A CZ  1 
ATOM   259  O OH  . TYR A 1 36  ? 4.799   10.845  -4.961  1.00 12.87 ? 36  TYR A OH  1 
ATOM   260  N N   . GLY A 1 37  ? 11.506  12.029  -7.715  1.00 13.82 ? 37  GLY A N   1 
ATOM   261  C CA  . GLY A 1 37  ? 11.274  13.181  -8.577  1.00 16.14 ? 37  GLY A CA  1 
ATOM   262  C C   . GLY A 1 37  ? 12.055  12.954  -9.859  1.00 17.76 ? 37  GLY A C   1 
ATOM   263  O O   . GLY A 1 37  ? 12.817  11.979  -9.983  1.00 16.02 ? 37  GLY A O   1 
ATOM   264  N N   . GLU A 1 38  ? 11.868  13.855  -10.814 1.00 19.82 ? 38  GLU A N   1 
ATOM   265  C CA  . GLU A 1 38  ? 12.512  13.723  -12.110 1.00 22.67 ? 38  GLU A CA  1 
ATOM   266  C C   . GLU A 1 38  ? 14.027  13.849  -12.017 1.00 23.51 ? 38  GLU A C   1 
ATOM   267  O O   . GLU A 1 38  ? 14.548  14.767  -11.411 1.00 22.91 ? 38  GLU A O   1 
ATOM   268  C CB  . GLU A 1 38  ? 11.928  14.733  -13.112 1.00 24.60 ? 38  GLU A CB  1 
ATOM   269  C CG  . GLU A 1 38  ? 12.612  14.714  -14.476 1.00 26.35 ? 38  GLU A CG  1 
ATOM   270  C CD  . GLU A 1 38  ? 11.951  15.642  -15.481 1.00 28.20 ? 38  GLU A CD  1 
ATOM   271  O OE1 . GLU A 1 38  ? 11.307  16.639  -15.069 1.00 30.65 ? 38  GLU A OE1 1 
ATOM   272  O OE2 . GLU A 1 38  ? 12.078  15.377  -16.693 1.00 28.14 ? 38  GLU A OE2 1 
ATOM   273  N N   . THR A 1 39  ? 14.727  12.897  -12.624 1.00 26.37 ? 39  THR A N   1 
ATOM   274  C CA  . THR A 1 39  ? 16.169  12.973  -12.790 1.00 29.01 ? 39  THR A CA  1 
ATOM   275  C C   . THR A 1 39  ? 16.511  14.305  -13.472 1.00 33.09 ? 39  THR A C   1 
ATOM   276  O O   . THR A 1 39  ? 15.922  14.650  -14.502 1.00 33.06 ? 39  THR A O   1 
ATOM   277  C CB  . THR A 1 39  ? 16.651  11.779  -13.634 1.00 29.05 ? 39  THR A CB  1 
ATOM   278  O OG1 . THR A 1 39  ? 16.127  10.574  -13.066 1.00 28.05 ? 39  THR A OG1 1 
ATOM   279  C CG2 . THR A 1 39  ? 18.174  11.690  -13.682 1.00 29.19 ? 39  THR A CG2 1 
ATOM   280  N N   . GLY A 1 40  ? 17.428  15.067  -12.878 1.00 37.79 ? 40  GLY A N   1 
ATOM   281  C CA  . GLY A 1 40  ? 17.824  16.376  -13.420 1.00 43.63 ? 40  GLY A CA  1 
ATOM   282  C C   . GLY A 1 40  ? 16.716  17.423  -13.494 1.00 49.25 ? 40  GLY A C   1 
ATOM   283  O O   . GLY A 1 40  ? 16.965  18.569  -13.877 1.00 50.40 ? 40  GLY A O   1 
ATOM   284  N N   . GLY A 1 41  ? 15.495  17.029  -13.123 1.00 51.89 ? 41  GLY A N   1 
ATOM   285  C CA  . GLY A 1 41  ? 14.327  17.906  -13.165 1.00 55.85 ? 41  GLY A CA  1 
ATOM   286  C C   . GLY A 1 41  ? 14.367  18.997  -12.112 1.00 63.40 ? 41  GLY A C   1 
ATOM   287  O O   . GLY A 1 41  ? 14.597  18.733  -10.927 1.00 65.42 ? 41  GLY A O   1 
ATOM   288  N N   . ASN A 1 42  ? 14.150  20.232  -12.550 1.00 67.37 ? 42  ASN A N   1 
ATOM   289  C CA  . ASN A 1 42  ? 14.081  21.364  -11.636 1.00 68.41 ? 42  ASN A CA  1 
ATOM   290  C C   . ASN A 1 42  ? 12.662  21.518  -11.090 1.00 69.07 ? 42  ASN A C   1 
ATOM   291  O O   . ASN A 1 42  ? 12.084  22.609  -11.099 1.00 73.51 ? 42  ASN A O   1 
ATOM   292  C CB  . ASN A 1 42  ? 14.590  22.638  -12.320 1.00 71.23 ? 42  ASN A CB  1 
ATOM   293  C CG  . ASN A 1 42  ? 16.084  22.581  -12.615 1.00 73.01 ? 42  ASN A CG  1 
ATOM   294  O OD1 . ASN A 1 42  ? 16.899  22.408  -11.704 1.00 69.05 ? 42  ASN A OD1 1 
ATOM   295  N ND2 . ASN A 1 42  ? 16.450  22.725  -13.894 1.00 72.39 ? 42  ASN A ND2 1 
ATOM   296  N N   . SER A 1 43  ? 12.122  20.394  -10.619 1.00 64.14 ? 43  SER A N   1 
ATOM   297  C CA  . SER A 1 43  ? 10.764  20.292  -10.089 1.00 58.09 ? 43  SER A CA  1 
ATOM   298  C C   . SER A 1 43  ? 10.797  19.679  -8.683  1.00 53.16 ? 43  SER A C   1 
ATOM   299  O O   . SER A 1 43  ? 11.796  19.054  -8.310  1.00 51.12 ? 43  SER A O   1 
ATOM   300  C CB  . SER A 1 43  ? 9.889   19.448  -11.027 1.00 59.95 ? 43  SER A CB  1 
ATOM   301  O OG  . SER A 1 43  ? 10.579  18.304  -11.512 1.00 58.18 ? 43  SER A OG  1 
ATOM   302  N N   . PRO A 1 44  ? 9.714   19.864  -7.896  1.00 50.34 ? 44  PRO A N   1 
ATOM   303  C CA  . PRO A 1 44  ? 9.666   19.382  -6.501  1.00 45.92 ? 44  PRO A CA  1 
ATOM   304  C C   . PRO A 1 44  ? 9.806   17.860  -6.356  1.00 39.72 ? 44  PRO A C   1 
ATOM   305  O O   . PRO A 1 44  ? 9.022   17.099  -6.932  1.00 40.93 ? 44  PRO A O   1 
ATOM   306  C CB  . PRO A 1 44  ? 8.283   19.847  -6.011  1.00 48.43 ? 44  PRO A CB  1 
ATOM   307  C CG  . PRO A 1 44  ? 7.930   20.988  -6.913  1.00 51.81 ? 44  PRO A CG  1 
ATOM   308  C CD  . PRO A 1 44  ? 8.496   20.619  -8.251  1.00 49.57 ? 44  PRO A CD  1 
ATOM   309  N N   . VAL A 1 45  ? 10.822  17.442  -5.608  1.00 32.18 ? 45  VAL A N   1 
ATOM   310  C CA  . VAL A 1 45  ? 11.047  16.041  -5.264  1.00 27.67 ? 45  VAL A CA  1 
ATOM   311  C C   . VAL A 1 45  ? 10.067  15.709  -4.130  1.00 26.11 ? 45  VAL A C   1 
ATOM   312  O O   . VAL A 1 45  ? 10.024  16.426  -3.142  1.00 25.04 ? 45  VAL A O   1 
ATOM   313  C CB  . VAL A 1 45  ? 12.529  15.842  -4.844  1.00 26.94 ? 45  VAL A CB  1 
ATOM   314  C CG1 . VAL A 1 45  ? 12.833  14.396  -4.444  1.00 24.87 ? 45  VAL A CG1 1 
ATOM   315  C CG2 . VAL A 1 45  ? 13.460  16.252  -5.979  1.00 25.06 ? 45  VAL A CG2 1 
ATOM   316  N N   . GLN A 1 46  ? 9.237   14.678  -4.295  1.00 24.03 ? 46  GLN A N   1 
ATOM   317  C CA  . GLN A 1 46  ? 8.305   14.249  -3.229  1.00 22.33 ? 46  GLN A CA  1 
ATOM   318  C C   . GLN A 1 46  ? 8.978   13.338  -2.183  1.00 22.08 ? 46  GLN A C   1 
ATOM   319  O O   . GLN A 1 46  ? 9.771   12.464  -2.541  1.00 20.15 ? 46  GLN A O   1 
ATOM   320  C CB  . GLN A 1 46  ? 7.078   13.542  -3.803  1.00 22.17 ? 46  GLN A CB  1 
ATOM   321  C CG  . GLN A 1 46  ? 6.036   13.103  -2.756  1.00 22.68 ? 46  GLN A CG  1 
ATOM   322  C CD  . GLN A 1 46  ? 5.445   14.281  -1.966  1.00 24.29 ? 46  GLN A CD  1 
ATOM   323  O OE1 . GLN A 1 46  ? 5.448   15.421  -2.448  1.00 27.06 ? 46  GLN A OE1 1 
ATOM   324  N NE2 . GLN A 1 46  ? 4.939   14.012  -0.751  1.00 23.21 ? 46  GLN A NE2 1 
ATOM   325  N N   . GLU A 1 47  ? 8.654   13.582  -0.904  1.00 20.91 ? 47  GLU A N   1 
ATOM   326  C CA  . GLU A 1 47  ? 9.177   12.848  0.270   1.00 19.79 ? 47  GLU A CA  1 
ATOM   327  C C   . GLU A 1 47  ? 8.031   12.062  0.944   1.00 18.17 ? 47  GLU A C   1 
ATOM   328  O O   . GLU A 1 47  ? 6.926   12.581  1.093   1.00 19.15 ? 47  GLU A O   1 
ATOM   329  C CB  . GLU A 1 47  ? 9.810   13.846  1.267   1.00 19.98 ? 47  GLU A CB  1 
ATOM   330  C CG  . GLU A 1 47  ? 10.600  13.218  2.421   1.00 20.99 ? 47  GLU A CG  1 
ATOM   331  C CD  . GLU A 1 47  ? 10.784  14.132  3.642   1.00 22.01 ? 47  GLU A CD  1 
ATOM   332  O OE1 . GLU A 1 47  ? 11.955  14.415  4.008   1.00 23.38 ? 47  GLU A OE1 1 
ATOM   333  O OE2 . GLU A 1 47  ? 9.778   14.562  4.259   1.00 21.59 ? 47  GLU A OE2 1 
ATOM   334  N N   . PHE A 1 48  ? 8.255   10.796  1.294   1.00 15.80 ? 48  PHE A N   1 
ATOM   335  C CA  . PHE A 1 48  ? 7.286   10.057  2.113   1.00 13.54 ? 48  PHE A CA  1 
ATOM   336  C C   . PHE A 1 48  ? 8.013   9.066   2.989   1.00 12.47 ? 48  PHE A C   1 
ATOM   337  O O   . PHE A 1 48  ? 9.205   8.855   2.822   1.00 12.11 ? 48  PHE A O   1 
ATOM   338  C CB  . PHE A 1 48  ? 6.179   9.384   1.276   1.00 13.82 ? 48  PHE A CB  1 
ATOM   339  C CG  . PHE A 1 48  ? 6.643   8.200   0.437   1.00 14.08 ? 48  PHE A CG  1 
ATOM   340  C CD1 . PHE A 1 48  ? 6.499   6.882   0.905   1.00 13.87 ? 48  PHE A CD1 1 
ATOM   341  C CD2 . PHE A 1 48  ? 7.182   8.394   -0.841  1.00 14.17 ? 48  PHE A CD2 1 
ATOM   342  C CE1 . PHE A 1 48  ? 6.884   5.792   0.112   1.00 13.89 ? 48  PHE A CE1 1 
ATOM   343  C CE2 . PHE A 1 48  ? 7.561   7.303   -1.638  1.00 13.88 ? 48  PHE A CE2 1 
ATOM   344  C CZ  . PHE A 1 48  ? 7.420   6.011   -1.153  1.00 13.91 ? 48  PHE A CZ  1 
ATOM   345  N N   . THR A 1 49  ? 7.316   8.453   3.937   1.00 11.25 ? 49  THR A N   1 
ATOM   346  C CA  . THR A 1 49  ? 8.026   7.596   4.872   1.00 10.63 ? 49  THR A CA  1 
ATOM   347  C C   . THR A 1 49  ? 7.447   6.209   4.886   1.00 10.55 ? 49  THR A C   1 
ATOM   348  O O   . THR A 1 49  ? 6.294   5.998   4.519   1.00 10.27 ? 49  THR A O   1 
ATOM   349  C CB  . THR A 1 49  ? 8.032   8.162   6.322   1.00 10.32 ? 49  THR A CB  1 
ATOM   350  O OG1 . THR A 1 49  ? 6.713   8.077   6.883   1.00 10.26 ? 49  THR A OG1 1 
ATOM   351  C CG2 . THR A 1 49  ? 8.552   9.625   6.362   1.00 9.99  ? 49  THR A CG2 1 
ATOM   352  N N   . VAL A 1 50  ? 8.261   5.284   5.370   1.00 10.39 ? 50  VAL A N   1 
ATOM   353  C CA  . VAL A 1 50  ? 7.939   3.880   5.435   1.00 10.77 ? 50  VAL A CA  1 
ATOM   354  C C   . VAL A 1 50  ? 8.481   3.415   6.792   1.00 10.59 ? 50  VAL A C   1 
ATOM   355  O O   . VAL A 1 50  ? 9.570   3.789   7.153   1.00 9.96  ? 50  VAL A O   1 
ATOM   356  C CB  . VAL A 1 50  ? 8.663   3.134   4.281   1.00 10.98 ? 50  VAL A CB  1 
ATOM   357  C CG1 . VAL A 1 50  ? 8.415   1.653   4.337   1.00 11.24 ? 50  VAL A CG1 1 
ATOM   358  C CG2 . VAL A 1 50  ? 8.183   3.678   2.928   1.00 11.92 ? 50  VAL A CG2 1 
ATOM   359  N N   . PRO A 1 51  ? 7.697   2.622   7.546   1.00 11.21 ? 51  PRO A N   1 
ATOM   360  C CA  . PRO A 1 51  ? 8.110   1.984   8.825   1.00 11.16 ? 51  PRO A CA  1 
ATOM   361  C C   . PRO A 1 51  ? 9.387   1.129   8.697   1.00 11.04 ? 51  PRO A C   1 
ATOM   362  O O   . PRO A 1 51  ? 9.653   0.559   7.636   1.00 10.55 ? 51  PRO A O   1 
ATOM   363  C CB  . PRO A 1 51  ? 6.922   1.063   9.174   1.00 11.66 ? 51  PRO A CB  1 
ATOM   364  C CG  . PRO A 1 51  ? 5.749   1.608   8.396   1.00 11.92 ? 51  PRO A CG  1 
ATOM   365  C CD  . PRO A 1 51  ? 6.302   2.291   7.165   1.00 11.24 ? 51  PRO A CD  1 
ATOM   366  N N   . GLY A 1 52  ? 10.157  1.032   9.784   1.00 10.81 ? 52  GLY A N   1 
ATOM   367  C CA  . GLY A 1 52  ? 11.436  0.351   9.751   1.00 10.88 ? 52  GLY A CA  1 
ATOM   368  C C   . GLY A 1 52  ? 11.376  -1.141  9.555   1.00 10.89 ? 52  GLY A C   1 
ATOM   369  O O   . GLY A 1 52  ? 12.393  -1.765  9.250   1.00 10.65 ? 52  GLY A O   1 
ATOM   370  N N   . SER A 1 53  ? 10.178  -1.709  9.705   1.00 11.06 ? 53  SER A N   1 
ATOM   371  C CA  . SER A 1 53  ? 9.956   -3.144  9.528   1.00 11.80 ? 53  SER A CA  1 
ATOM   372  C C   . SER A 1 53  ? 9.443   -3.520  8.121   1.00 12.14 ? 53  SER A C   1 
ATOM   373  O O   . SER A 1 53  ? 9.129   -4.689  7.862   1.00 11.41 ? 53  SER A O   1 
ATOM   374  C CB  . SER A 1 53  ? 8.934   -3.607  10.556  1.00 11.59 ? 53  SER A CB  1 
ATOM   375  O OG  . SER A 1 53  ? 7.740   -2.930  10.287  1.00 12.15 ? 53  SER A OG  1 
ATOM   376  N N   . LYS A 1 54  ? 9.337   -2.527  7.233   1.00 12.41 ? 54  LYS A N   1 
ATOM   377  C CA  . LYS A 1 54  ? 8.872   -2.779  5.876   1.00 12.93 ? 54  LYS A CA  1 
ATOM   378  C C   . LYS A 1 54  ? 10.044  -2.850  4.909   1.00 13.28 ? 54  LYS A C   1 
ATOM   379  O O   . LYS A 1 54  ? 11.091  -2.243  5.137   1.00 12.59 ? 54  LYS A O   1 
ATOM   380  C CB  . LYS A 1 54  ? 7.852   -1.735  5.418   1.00 12.84 ? 54  LYS A CB  1 
ATOM   381  C CG  . LYS A 1 54  ? 6.467   -1.853  6.063   1.00 13.22 ? 54  LYS A CG  1 
ATOM   382  C CD  . LYS A 1 54  ? 5.628   -3.051  5.608   1.00 13.87 ? 54  LYS A CD  1 
ATOM   383  C CE  . LYS A 1 54  ? 5.049   -2.865  4.187   1.00 14.71 ? 54  LYS A CE  1 
ATOM   384  N NZ  . LYS A 1 54  ? 4.019   -3.930  3.912   1.00 13.84 ? 54  LYS A NZ  1 
ATOM   385  N N   . SER A 1 55  ? 9.885   -3.600  3.824   1.00 13.72 ? 55  SER A N   1 
ATOM   386  C CA  . SER A 1 55  ? 10.964  -3.637  2.858   1.00 14.35 ? 55  SER A CA  1 
ATOM   387  C C   . SER A 1 55  ? 10.388  -3.460  1.458   1.00 14.09 ? 55  SER A C   1 
ATOM   388  O O   . SER A 1 55  ? 11.051  -3.698  0.468   1.00 14.40 ? 55  SER A O   1 
ATOM   389  C CB  . SER A 1 55  ? 11.828  -4.894  3.048   1.00 15.20 ? 55  SER A CB  1 
ATOM   390  O OG  . SER A 1 55  ? 11.179  -6.040  2.534   1.00 18.43 ? 55  SER A OG  1 
ATOM   391  N N   . THR A 1 56  ? 9.141   -2.998  1.405   1.00 13.80 ? 56  THR A N   1 
ATOM   392  C CA  . THR A 1 56  ? 8.484   -2.626  0.147   1.00 13.61 ? 56  THR A CA  1 
ATOM   393  C C   . THR A 1 56  ? 7.684   -1.341  0.332   1.00 13.32 ? 56  THR A C   1 
ATOM   394  O O   . THR A 1 56  ? 7.316   -0.991  1.459   1.00 12.58 ? 56  THR A O   1 
ATOM   395  C CB  . THR A 1 56  ? 7.461   -3.669  -0.292  1.00 13.83 ? 56  THR A CB  1 
ATOM   396  O OG1 . THR A 1 56  ? 6.507   -3.853  0.771   1.00 13.93 ? 56  THR A OG1 1 
ATOM   397  C CG2 . THR A 1 56  ? 8.141   -4.993  -0.641  1.00 13.42 ? 56  THR A CG2 1 
ATOM   398  N N   . ALA A 1 57  ? 7.405   -0.666  -0.782  1.00 13.30 ? 57  ALA A N   1 
ATOM   399  C CA  . ALA A 1 57  ? 6.491   0.479   -0.825  1.00 13.59 ? 57  ALA A CA  1 
ATOM   400  C C   . ALA A 1 57  ? 5.903   0.621   -2.235  1.00 14.12 ? 57  ALA A C   1 
ATOM   401  O O   . ALA A 1 57  ? 6.423   0.050   -3.192  1.00 13.75 ? 57  ALA A O   1 
ATOM   402  C CB  . ALA A 1 57  ? 7.226   1.764   -0.426  1.00 12.81 ? 57  ALA A CB  1 
ATOM   403  N N   . THR A 1 58  ? 4.811   1.368   -2.351  1.00 14.96 ? 58  THR A N   1 
ATOM   404  C CA  . THR A 1 58  ? 4.269   1.747   -3.645  1.00 15.88 ? 58  THR A CA  1 
ATOM   405  C C   . THR A 1 58  ? 4.408   3.255   -3.840  1.00 16.23 ? 58  THR A C   1 
ATOM   406  O O   . THR A 1 58  ? 4.428   4.003   -2.878  1.00 16.31 ? 58  THR A O   1 
ATOM   407  C CB  . THR A 1 58  ? 2.770   1.436   -3.739  1.00 16.86 ? 58  THR A CB  1 
ATOM   408  O OG1 . THR A 1 58  ? 2.065   2.293   -2.829  1.00 17.78 ? 58  THR A OG1 1 
ATOM   409  C CG2 . THR A 1 58  ? 2.504   -0.033  -3.399  1.00 16.18 ? 58  THR A CG2 1 
ATOM   410  N N   . ILE A 1 59  ? 4.519   3.687   -5.092  1.00 16.33 ? 59  ILE A N   1 
ATOM   411  C CA  . ILE A 1 59  ? 4.547   5.093   -5.461  1.00 15.84 ? 59  ILE A CA  1 
ATOM   412  C C   . ILE A 1 59  ? 3.505   5.273   -6.564  1.00 17.26 ? 59  ILE A C   1 
ATOM   413  O O   . ILE A 1 59  ? 3.475   4.475   -7.522  1.00 17.21 ? 59  ILE A O   1 
ATOM   414  C CB  . ILE A 1 59  ? 5.930   5.500   -5.994  1.00 15.45 ? 59  ILE A CB  1 
ATOM   415  C CG1 . ILE A 1 59  ? 7.008   5.280   -4.908  1.00 14.99 ? 59  ILE A CG1 1 
ATOM   416  C CG2 . ILE A 1 59  ? 5.901   6.959   -6.463  1.00 16.15 ? 59  ILE A CG2 1 
ATOM   417  C CD1 . ILE A 1 59  ? 8.442   5.511   -5.327  1.00 13.88 ? 59  ILE A CD1 1 
ATOM   418  N N   . SER A 1 60  ? 2.657   6.299   -6.446  1.00 16.78 ? 60  SER A N   1 
ATOM   419  C CA  . SER A 1 60  ? 1.575   6.499   -7.421  1.00 17.34 ? 60  SER A CA  1 
ATOM   420  C C   . SER A 1 60  ? 1.457   7.951   -7.898  1.00 16.55 ? 60  SER A C   1 
ATOM   421  O O   . SER A 1 60  ? 2.235   8.796   -7.479  1.00 15.92 ? 60  SER A O   1 
ATOM   422  C CB  . SER A 1 60  ? 0.248   5.960   -6.889  1.00 17.71 ? 60  SER A CB  1 
ATOM   423  O OG  . SER A 1 60  ? 0.026   6.445   -5.588  1.00 19.72 ? 60  SER A OG  1 
ATOM   424  N N   . GLY A 1 61  ? 0.531   8.212   -8.820  1.00 17.17 ? 61  GLY A N   1 
ATOM   425  C CA  . GLY A 1 61  ? 0.384   9.552   -9.438  1.00 17.59 ? 61  GLY A CA  1 
ATOM   426  C C   . GLY A 1 61  ? 1.612   9.976   -10.241 1.00 17.83 ? 61  GLY A C   1 
ATOM   427  O O   . GLY A 1 61  ? 1.928   11.155  -10.322 1.00 17.48 ? 61  GLY A O   1 
ATOM   428  N N   . LEU A 1 62  ? 2.309   9.008   -10.834 1.00 16.97 ? 62  LEU A N   1 
ATOM   429  C CA  . LEU A 1 62  ? 3.450   9.329   -11.699 1.00 16.95 ? 62  LEU A CA  1 
ATOM   430  C C   . LEU A 1 62  ? 3.006   9.772   -13.108 1.00 16.94 ? 62  LEU A C   1 
ATOM   431  O O   . LEU A 1 62  ? 1.876   9.524   -13.517 1.00 16.25 ? 62  LEU A O   1 
ATOM   432  C CB  . LEU A 1 62  ? 4.422   8.136   -11.778 1.00 16.02 ? 62  LEU A CB  1 
ATOM   433  C CG  . LEU A 1 62  ? 5.036   7.629   -10.451 1.00 15.57 ? 62  LEU A CG  1 
ATOM   434  C CD1 . LEU A 1 62  ? 5.994   6.508   -10.754 1.00 15.35 ? 62  LEU A CD1 1 
ATOM   435  C CD2 . LEU A 1 62  ? 5.749   8.736   -9.687  1.00 14.94 ? 62  LEU A CD2 1 
ATOM   436  N N   . SER A 1 63  ? 3.887   10.448  -13.836 1.00 17.41 ? 63  SER A N   1 
ATOM   437  C CA  . SER A 1 63  ? 3.535   10.919  -15.176 1.00 18.68 ? 63  SER A CA  1 
ATOM   438  C C   . SER A 1 63  ? 4.185   10.016  -16.204 1.00 18.38 ? 63  SER A C   1 
ATOM   439  O O   . SER A 1 63  ? 5.354   9.669   -16.047 1.00 18.11 ? 63  SER A O   1 
ATOM   440  C CB  . SER A 1 63  ? 4.036   12.348  -15.396 1.00 19.94 ? 63  SER A CB  1 
ATOM   441  O OG  . SER A 1 63  ? 3.323   13.273  -14.616 1.00 21.92 ? 63  SER A OG  1 
ATOM   442  N N   . PRO A 1 64  ? 3.441   9.656   -17.271 1.00 19.02 ? 64  PRO A N   1 
ATOM   443  C CA  . PRO A 1 64  ? 3.992   8.842   -18.359 1.00 18.59 ? 64  PRO A CA  1 
ATOM   444  C C   . PRO A 1 64  ? 5.216   9.472   -18.998 1.00 18.59 ? 64  PRO A C   1 
ATOM   445  O O   . PRO A 1 64  ? 5.266   10.691  -19.169 1.00 18.41 ? 64  PRO A O   1 
ATOM   446  C CB  . PRO A 1 64  ? 2.831   8.781   -19.369 1.00 18.56 ? 64  PRO A CB  1 
ATOM   447  C CG  . PRO A 1 64  ? 1.614   8.853   -18.505 1.00 19.21 ? 64  PRO A CG  1 
ATOM   448  C CD  . PRO A 1 64  ? 1.982   9.862   -17.438 1.00 19.26 ? 64  PRO A CD  1 
ATOM   449  N N   . GLY A 1 65  ? 6.200   8.634   -19.324 1.00 18.77 ? 65  GLY A N   1 
ATOM   450  C CA  . GLY A 1 65  ? 7.371   9.059   -20.075 1.00 19.15 ? 65  GLY A CA  1 
ATOM   451  C C   . GLY A 1 65  ? 8.369   9.930   -19.327 1.00 20.09 ? 65  GLY A C   1 
ATOM   452  O O   . GLY A 1 65  ? 9.147   10.643  -19.958 1.00 22.58 ? 65  GLY A O   1 
ATOM   453  N N   . VAL A 1 66  ? 8.371   9.872   -17.998 1.00 18.51 ? 66  VAL A N   1 
ATOM   454  C CA  . VAL A 1 66  ? 9.306   10.672  -17.188 1.00 17.52 ? 66  VAL A CA  1 
ATOM   455  C C   . VAL A 1 66  ? 10.363  9.757   -16.543 1.00 18.14 ? 66  VAL A C   1 
ATOM   456  O O   . VAL A 1 66  ? 10.037  8.657   -16.094 1.00 16.49 ? 66  VAL A O   1 
ATOM   457  C CB  . VAL A 1 66  ? 8.545   11.503  -16.126 1.00 16.78 ? 66  VAL A CB  1 
ATOM   458  C CG1 . VAL A 1 66  ? 9.479   12.111  -15.079 1.00 16.38 ? 66  VAL A CG1 1 
ATOM   459  C CG2 . VAL A 1 66  ? 7.737   12.608  -16.801 1.00 17.29 ? 66  VAL A CG2 1 
ATOM   460  N N   . ASP A 1 67  ? 11.620  10.204  -16.539 1.00 17.92 ? 67  ASP A N   1 
ATOM   461  C CA  . ASP A 1 67  ? 12.697  9.513   -15.831 1.00 17.99 ? 67  ASP A CA  1 
ATOM   462  C C   . ASP A 1 67  ? 12.756  9.924   -14.342 1.00 17.48 ? 67  ASP A C   1 
ATOM   463  O O   . ASP A 1 67  ? 13.132  11.045  -14.000 1.00 17.64 ? 67  ASP A O   1 
ATOM   464  C CB  . ASP A 1 67  ? 14.032  9.781   -16.526 1.00 20.27 ? 67  ASP A CB  1 
ATOM   465  C CG  . ASP A 1 67  ? 15.037  8.648   -16.346 1.00 23.21 ? 67  ASP A CG  1 
ATOM   466  O OD1 . ASP A 1 67  ? 15.734  8.325   -17.320 1.00 27.17 ? 67  ASP A OD1 1 
ATOM   467  O OD2 . ASP A 1 67  ? 15.159  8.072   -15.239 1.00 26.13 ? 67  ASP A OD2 1 
ATOM   468  N N   . TYR A 1 68  ? 12.365  9.004   -13.468 1.00 15.70 ? 68  TYR A N   1 
ATOM   469  C CA  . TYR A 1 68  ? 12.317  9.241   -12.025 1.00 14.56 ? 68  TYR A CA  1 
ATOM   470  C C   . TYR A 1 68  ? 13.549  8.695   -11.308 1.00 14.40 ? 68  TYR A C   1 
ATOM   471  O O   . TYR A 1 68  ? 14.005  7.564   -11.575 1.00 14.51 ? 68  TYR A O   1 
ATOM   472  C CB  . TYR A 1 68  ? 11.067  8.594   -11.416 1.00 14.43 ? 68  TYR A CB  1 
ATOM   473  C CG  . TYR A 1 68  ? 9.803   9.334   -11.735 1.00 14.55 ? 68  TYR A CG  1 
ATOM   474  C CD1 . TYR A 1 68  ? 8.978   8.923   -12.780 1.00 14.53 ? 68  TYR A CD1 1 
ATOM   475  C CD2 . TYR A 1 68  ? 9.451   10.478  -11.019 1.00 14.66 ? 68  TYR A CD2 1 
ATOM   476  C CE1 . TYR A 1 68  ? 7.812   9.626   -13.092 1.00 14.14 ? 68  TYR A CE1 1 
ATOM   477  C CE2 . TYR A 1 68  ? 8.296   11.194  -11.318 1.00 14.36 ? 68  TYR A CE2 1 
ATOM   478  C CZ  . TYR A 1 68  ? 7.483   10.757  -12.360 1.00 14.80 ? 68  TYR A CZ  1 
ATOM   479  O OH  . TYR A 1 68  ? 6.329   11.458  -12.653 1.00 15.05 ? 68  TYR A OH  1 
ATOM   480  N N   . THR A 1 69  ? 14.090  9.500   -10.398 1.00 13.66 ? 69  THR A N   1 
ATOM   481  C CA  . THR A 1 69  ? 15.127  9.030   -9.505  1.00 13.69 ? 69  THR A CA  1 
ATOM   482  C C   . THR A 1 69  ? 14.408  8.736   -8.209  1.00 13.05 ? 69  THR A C   1 
ATOM   483  O O   . THR A 1 69  ? 13.681  9.596   -7.704  1.00 13.86 ? 69  THR A O   1 
ATOM   484  C CB  . THR A 1 69  ? 16.258  10.060  -9.318  1.00 14.34 ? 69  THR A CB  1 
ATOM   485  O OG1 . THR A 1 69  ? 16.857  10.334  -10.589 1.00 15.16 ? 69  THR A OG1 1 
ATOM   486  C CG2 . THR A 1 69  ? 17.374  9.536   -8.335  1.00 14.16 ? 69  THR A CG2 1 
ATOM   487  N N   . ILE A 1 70  ? 14.568  7.504   -7.726  1.00 11.81 ? 70  ILE A N   1 
ATOM   488  C CA  . ILE A 1 70  ? 13.997  7.031   -6.476  1.00 11.44 ? 70  ILE A CA  1 
ATOM   489  C C   . ILE A 1 70  ? 15.128  6.737   -5.479  1.00 11.48 ? 70  ILE A C   1 
ATOM   490  O O   . ILE A 1 70  ? 16.039  5.949   -5.766  1.00 11.00 ? 70  ILE A O   1 
ATOM   491  C CB  . ILE A 1 70  ? 13.111  5.779   -6.681  1.00 11.71 ? 70  ILE A CB  1 
ATOM   492  C CG1 . ILE A 1 70  ? 12.004  6.064   -7.718  1.00 12.07 ? 70  ILE A CG1 1 
ATOM   493  C CG2 . ILE A 1 70  ? 12.506  5.283   -5.370  1.00 10.97 ? 70  ILE A CG2 1 
ATOM   494  C CD1 . ILE A 1 70  ? 11.722  4.859   -8.589  1.00 13.29 ? 70  ILE A CD1 1 
ATOM   495  N N   . THR A 1 71  ? 15.048  7.387   -4.316  1.00 11.39 ? 71  THR A N   1 
ATOM   496  C CA  . THR A 1 71  ? 16.104  7.348   -3.292  1.00 11.66 ? 71  THR A CA  1 
ATOM   497  C C   . THR A 1 71  ? 15.549  6.909   -1.926  1.00 11.28 ? 71  THR A C   1 
ATOM   498  O O   . THR A 1 71  ? 14.523  7.410   -1.475  1.00 11.09 ? 71  THR A O   1 
ATOM   499  C CB  . THR A 1 71  ? 16.786  8.735   -3.158  1.00 12.26 ? 71  THR A CB  1 
ATOM   500  O OG1 . THR A 1 71  ? 17.341  9.126   -4.427  1.00 12.72 ? 71  THR A OG1 1 
ATOM   501  C CG2 . THR A 1 71  ? 17.904  8.707   -2.141  1.00 12.08 ? 71  THR A CG2 1 
ATOM   502  N N   . VAL A 1 72  ? 16.235  5.973   -1.285  1.00 11.17 ? 72  VAL A N   1 
ATOM   503  C CA  . VAL A 1 72  ? 15.852  5.482   0.038   1.00 10.83 ? 72  VAL A CA  1 
ATOM   504  C C   . VAL A 1 72  ? 16.915  5.956   1.031   1.00 10.94 ? 72  VAL A C   1 
ATOM   505  O O   . VAL A 1 72  ? 18.112  5.744   0.803   1.00 10.85 ? 72  VAL A O   1 
ATOM   506  C CB  . VAL A 1 72  ? 15.733  3.921   0.041   1.00 11.04 ? 72  VAL A CB  1 
ATOM   507  C CG1 . VAL A 1 72  ? 15.349  3.385   1.413   1.00 10.06 ? 72  VAL A CG1 1 
ATOM   508  C CG2 . VAL A 1 72  ? 14.706  3.463   -1.008  1.00 10.44 ? 72  VAL A CG2 1 
ATOM   509  N N   . TYR A 1 73  ? 16.479  6.624   2.109   1.00 10.77 ? 73  TYR A N   1 
ATOM   510  C CA  . TYR A 1 73  ? 17.350  6.932   3.266   1.00 10.72 ? 73  TYR A CA  1 
ATOM   511  C C   . TYR A 1 73  ? 16.857  6.150   4.494   1.00 10.26 ? 73  TYR A C   1 
ATOM   512  O O   . TYR A 1 73  ? 15.698  6.299   4.908   1.00 9.59  ? 73  TYR A O   1 
ATOM   513  C CB  . TYR A 1 73  ? 17.331  8.434   3.627   1.00 11.08 ? 73  TYR A CB  1 
ATOM   514  C CG  . TYR A 1 73  ? 17.767  9.370   2.530   1.00 11.57 ? 73  TYR A CG  1 
ATOM   515  C CD1 . TYR A 1 73  ? 16.849  9.803   1.617   1.00 12.18 ? 73  TYR A CD1 1 
ATOM   516  C CD2 . TYR A 1 73  ? 19.090  9.840   2.426   1.00 11.78 ? 73  TYR A CD2 1 
ATOM   517  C CE1 . TYR A 1 73  ? 17.192  10.641  0.593   1.00 12.83 ? 73  TYR A CE1 1 
ATOM   518  C CE2 . TYR A 1 73  ? 19.445  10.712  1.391   1.00 12.73 ? 73  TYR A CE2 1 
ATOM   519  C CZ  . TYR A 1 73  ? 18.468  11.096  0.485   1.00 12.87 ? 73  TYR A CZ  1 
ATOM   520  O OH  . TYR A 1 73  ? 18.666  11.943  -0.575  1.00 14.66 ? 73  TYR A OH  1 
ATOM   521  N N   . ALA A 1 74  ? 17.735  5.348   5.086   1.00 9.98  ? 74  ALA A N   1 
ATOM   522  C CA  . ALA A 1 74  ? 17.400  4.616   6.306   1.00 9.84  ? 74  ALA A CA  1 
ATOM   523  C C   . ALA A 1 74  ? 17.820  5.481   7.494   1.00 9.66  ? 74  ALA A C   1 
ATOM   524  O O   . ALA A 1 74  ? 18.932  6.027   7.519   1.00 9.30  ? 74  ALA A O   1 
ATOM   525  C CB  . ALA A 1 74  ? 18.138  3.267   6.351   1.00 10.14 ? 74  ALA A CB  1 
ATOM   526  N N   . LEU A 1 75  ? 16.923  5.634   8.455   1.00 9.72  ? 75  LEU A N   1 
ATOM   527  C CA  . LEU A 1 75  ? 17.311  6.213   9.743   1.00 9.87  ? 75  LEU A CA  1 
ATOM   528  C C   . LEU A 1 75  ? 17.578  5.087   10.758  1.00 9.90  ? 75  LEU A C   1 
ATOM   529  O O   . LEU A 1 75  ? 16.684  4.303   11.082  1.00 9.31  ? 75  LEU A O   1 
ATOM   530  C CB  . LEU A 1 75  ? 16.243  7.164   10.262  1.00 9.38  ? 75  LEU A CB  1 
ATOM   531  C CG  . LEU A 1 75  ? 16.497  7.772   11.646  1.00 9.12  ? 75  LEU A CG  1 
ATOM   532  C CD1 . LEU A 1 75  ? 17.748  8.635   11.650  1.00 8.94  ? 75  LEU A CD1 1 
ATOM   533  C CD2 . LEU A 1 75  ? 15.290  8.601   12.078  1.00 8.78  ? 75  LEU A CD2 1 
ATOM   534  N N   . LEU A 1 76  ? 18.812  5.032   11.253  1.00 10.83 ? 76  LEU A N   1 
ATOM   535  C CA  . LEU A 1 76  ? 19.249  3.952   12.145  1.00 11.64 ? 76  LEU A CA  1 
ATOM   536  C C   . LEU A 1 76  ? 19.352  4.386   13.614  1.00 12.54 ? 76  LEU A C   1 
ATOM   537  O O   . LEU A 1 76  ? 19.718  3.572   14.483  1.00 12.47 ? 76  LEU A O   1 
ATOM   538  C CB  . LEU A 1 76  ? 20.600  3.393   11.679  1.00 11.36 ? 76  LEU A CB  1 
ATOM   539  C CG  . LEU A 1 76  ? 20.707  2.794   10.259  1.00 11.94 ? 76  LEU A CG  1 
ATOM   540  C CD1 . LEU A 1 76  ? 22.052  2.092   10.107  1.00 12.12 ? 76  LEU A CD1 1 
ATOM   541  C CD2 . LEU A 1 76  ? 19.602  1.810   9.922   1.00 11.34 ? 76  LEU A CD2 1 
ATOM   542  N N   . SER A 1 77  ? 19.037  5.651   13.891  1.00 13.53 ? 77  SER A N   1 
ATOM   543  C CA  . SER A 1 77  ? 19.144  6.209   15.252  1.00 14.13 ? 77  SER A CA  1 
ATOM   544  C C   . SER A 1 77  ? 17.915  7.040   15.679  1.00 14.39 ? 77  SER A C   1 
ATOM   545  O O   . SER A 1 77  ? 17.388  7.814   14.874  1.00 13.81 ? 77  SER A O   1 
ATOM   546  C CB  . SER A 1 77  ? 20.413  7.062   15.373  1.00 14.63 ? 77  SER A CB  1 
ATOM   547  O OG  . SER A 1 77  ? 20.457  7.714   16.647  1.00 16.43 ? 77  SER A OG  1 
ATOM   548  N N   . SER A 1 78  ? 17.483  6.860   16.936  1.00 14.18 ? 78  SER A N   1 
ATOM   549  C CA  . SER A 1 78  ? 16.450  7.661   17.600  1.00 14.68 ? 78  SER A CA  1 
ATOM   550  C C   . SER A 1 78  ? 16.996  8.899   18.281  1.00 15.12 ? 78  SER A C   1 
ATOM   551  O O   . SER A 1 78  ? 16.250  9.838   18.578  1.00 14.06 ? 78  SER A O   1 
ATOM   552  C CB  . SER A 1 78  ? 15.710  6.856   18.657  1.00 15.08 ? 78  SER A CB  1 
ATOM   553  O OG  . SER A 1 78  ? 14.762  6.020   18.045  1.00 16.09 ? 78  SER A OG  1 
ATOM   554  N N   . SER A 1 79  ? 18.300  8.910   18.495  1.00 16.14 ? 79  SER A N   1 
ATOM   555  C CA  . SER A 1 79  ? 18.937  9.979   19.250  1.00 17.49 ? 79  SER A CA  1 
ATOM   556  C C   . SER A 1 79  ? 19.526  11.089  18.376  1.00 18.18 ? 79  SER A C   1 
ATOM   557  O O   . SER A 1 79  ? 19.600  12.240  18.803  1.00 18.77 ? 79  SER A O   1 
ATOM   558  C CB  . SER A 1 79  ? 20.009  9.388   20.164  1.00 18.03 ? 79  SER A CB  1 
ATOM   559  O OG  . SER A 1 79  ? 20.983  8.704   19.392  1.00 20.71 ? 79  SER A OG  1 
ATOM   560  N N   . HIS A 1 80  ? 19.961  10.751  17.164  1.00 18.40 ? 80  HIS A N   1 
ATOM   561  C CA  . HIS A 1 80  ? 20.306  11.786  16.184  1.00 17.77 ? 80  HIS A CA  1 
ATOM   562  C C   . HIS A 1 80  ? 19.704  11.438  14.840  1.00 15.55 ? 80  HIS A C   1 
ATOM   563  O O   . HIS A 1 80  ? 19.698  10.274  14.450  1.00 14.69 ? 80  HIS A O   1 
ATOM   564  C CB  . HIS A 1 80  ? 21.809  11.957  16.087  1.00 19.38 ? 80  HIS A CB  1 
ATOM   565  C CG  . HIS A 1 80  ? 22.520  10.734  15.578  1.00 21.47 ? 80  HIS A CG  1 
ATOM   566  N ND1 . HIS A 1 80  ? 22.551  10.404  14.253  1.00 23.84 ? 80  HIS A ND1 1 
ATOM   567  C CD2 . HIS A 1 80  ? 23.225  9.745   16.250  1.00 21.89 ? 80  HIS A CD2 1 
ATOM   568  C CE1 . HIS A 1 80  ? 23.249  9.263   14.100  1.00 23.67 ? 80  HIS A CE1 1 
ATOM   569  N NE2 . HIS A 1 80  ? 23.662  8.862   15.326  1.00 22.91 ? 80  HIS A NE2 1 
ATOM   570  N N   . TRP A 1 81  ? 19.187  12.448  14.140  1.00 13.04 ? 81  TRP A N   1 
ATOM   571  C CA  . TRP A 1 81  ? 18.360  12.218  12.949  1.00 12.36 ? 81  TRP A CA  1 
ATOM   572  C C   . TRP A 1 81  ? 19.120  12.364  11.655  1.00 11.69 ? 81  TRP A C   1 
ATOM   573  O O   . TRP A 1 81  ? 18.666  12.983  10.718  1.00 11.95 ? 81  TRP A O   1 
ATOM   574  C CB  . TRP A 1 81  ? 17.060  13.033  13.035  1.00 11.34 ? 81  TRP A CB  1 
ATOM   575  C CG  . TRP A 1 81  ? 16.380  12.748  14.369  1.00 10.81 ? 81  TRP A CG  1 
ATOM   576  C CD1 . TRP A 1 81  ? 16.405  11.553  15.080  1.00 10.64 ? 81  TRP A CD1 1 
ATOM   577  C CD2 . TRP A 1 81  ? 15.558  13.650  15.196  1.00 10.29 ? 81  TRP A CD2 1 
ATOM   578  N NE1 . TRP A 1 81  ? 15.701  11.654  16.255  1.00 10.15 ? 81  TRP A NE1 1 
ATOM   579  C CE2 . TRP A 1 81  ? 15.170  12.873  16.387  1.00 10.29 ? 81  TRP A CE2 1 
ATOM   580  C CE3 . TRP A 1 81  ? 15.149  14.976  15.093  1.00 10.24 ? 81  TRP A CE3 1 
ATOM   581  C CZ2 . TRP A 1 81  ? 14.368  13.416  17.396  1.00 10.22 ? 81  TRP A CZ2 1 
ATOM   582  C CZ3 . TRP A 1 81  ? 14.365  15.510  16.123  1.00 10.17 ? 81  TRP A CZ3 1 
ATOM   583  C CH2 . TRP A 1 81  ? 13.983  14.743  17.246  1.00 9.83  ? 81  TRP A CH2 1 
ATOM   584  N N   . VAL A 1 82  ? 20.321  11.813  11.625  1.00 11.24 ? 82  VAL A N   1 
ATOM   585  C CA  . VAL A 1 82  ? 21.136  11.805  10.417  1.00 11.03 ? 82  VAL A CA  1 
ATOM   586  C C   . VAL A 1 82  ? 20.961  10.442  9.791   1.00 10.67 ? 82  VAL A C   1 
ATOM   587  O O   . VAL A 1 82  ? 21.274  9.414   10.404  1.00 10.25 ? 82  VAL A O   1 
ATOM   588  C CB  . VAL A 1 82  ? 22.625  12.049  10.731  1.00 11.29 ? 82  VAL A CB  1 
ATOM   589  C CG1 . VAL A 1 82  ? 23.433  12.091  9.438   1.00 11.32 ? 82  VAL A CG1 1 
ATOM   590  C CG2 . VAL A 1 82  ? 22.772  13.351  11.506  1.00 11.10 ? 82  VAL A CG2 1 
ATOM   591  N N   . TYR A 1 83  ? 20.424  10.436  8.580   1.00 10.25 ? 83  TYR A N   1 
ATOM   592  C CA  . TYR A 1 83  ? 20.094  9.204   7.887   1.00 10.28 ? 83  TYR A CA  1 
ATOM   593  C C   . TYR A 1 83  ? 21.352  8.613   7.276   1.00 10.96 ? 83  TYR A C   1 
ATOM   594  O O   . TYR A 1 83  ? 22.402  9.262   7.225   1.00 10.87 ? 83  TYR A O   1 
ATOM   595  C CB  . TYR A 1 83  ? 19.034  9.496   6.803   1.00 9.84  ? 83  TYR A CB  1 
ATOM   596  C CG  . TYR A 1 83  ? 17.696  9.888   7.379   1.00 9.31  ? 83  TYR A CG  1 
ATOM   597  C CD1 . TYR A 1 83  ? 16.598  9.051   7.227   1.00 9.14  ? 83  TYR A CD1 1 
ATOM   598  C CD2 . TYR A 1 83  ? 17.534  11.075  8.107   1.00 9.25  ? 83  TYR A CD2 1 
ATOM   599  C CE1 . TYR A 1 83  ? 15.368  9.373   7.756   1.00 8.80  ? 83  TYR A CE1 1 
ATOM   600  C CE2 . TYR A 1 83  ? 16.294  11.411  8.645   1.00 9.04  ? 83  TYR A CE2 1 
ATOM   601  C CZ  . TYR A 1 83  ? 15.217  10.543  8.462   1.00 8.87  ? 83  TYR A CZ  1 
ATOM   602  O OH  . TYR A 1 83  ? 13.973  10.812  8.977   1.00 8.59  ? 83  TYR A OH  1 
ATOM   603  N N   . GLU A 1 84  ? 21.248  7.371   6.819   1.00 11.75 ? 84  GLU A N   1 
ATOM   604  C CA  . GLU A 1 84  ? 22.338  6.730   6.143   1.00 12.75 ? 84  GLU A CA  1 
ATOM   605  C C   . GLU A 1 84  ? 22.542  7.331   4.759   1.00 13.80 ? 84  GLU A C   1 
ATOM   606  O O   . GLU A 1 84  ? 21.709  8.097   4.258   1.00 13.43 ? 84  GLU A O   1 
ATOM   607  C CB  . GLU A 1 84  ? 22.059  5.237   5.985   1.00 13.39 ? 84  GLU A CB  1 
ATOM   608  C CG  . GLU A 1 84  ? 22.038  4.495   7.307   1.00 14.86 ? 84  GLU A CG  1 
ATOM   609  C CD  . GLU A 1 84  ? 23.251  4.783   8.175   1.00 15.61 ? 84  GLU A CD  1 
ATOM   610  O OE1 . GLU A 1 84  ? 24.348  4.323   7.818   1.00 17.05 ? 84  GLU A OE1 1 
ATOM   611  O OE2 . GLU A 1 84  ? 23.109  5.441   9.237   1.00 16.04 ? 84  GLU A OE2 1 
ATOM   612  N N   . SER A 1 85  ? 23.658  6.942   4.160   1.00 14.10 ? 85  SER A N   1 
ATOM   613  C CA  . SER A 1 85  ? 23.970  7.209   2.766   1.00 15.83 ? 85  SER A CA  1 
ATOM   614  C C   . SER A 1 85  ? 22.810  6.818   1.833   1.00 15.00 ? 85  SER A C   1 
ATOM   615  O O   . SER A 1 85  ? 22.289  5.715   1.938   1.00 15.30 ? 85  SER A O   1 
ATOM   616  C CB  . SER A 1 85  ? 25.208  6.375   2.432   1.00 17.20 ? 85  SER A CB  1 
ATOM   617  O OG  . SER A 1 85  ? 25.953  6.956   1.404   1.00 19.91 ? 85  SER A OG  1 
ATOM   618  N N   . PRO A 1 86  ? 22.398  7.718   0.920   1.00 15.18 ? 86  PRO A N   1 
ATOM   619  C CA  . PRO A 1 86  ? 21.254  7.365   0.067   1.00 15.04 ? 86  PRO A CA  1 
ATOM   620  C C   . PRO A 1 86  ? 21.502  6.152   -0.838  1.00 14.82 ? 86  PRO A C   1 
ATOM   621  O O   . PRO A 1 86  ? 22.610  5.949   -1.321  1.00 14.61 ? 86  PRO A O   1 
ATOM   622  C CB  . PRO A 1 86  ? 21.077  8.615   -0.804  1.00 14.93 ? 86  PRO A CB  1 
ATOM   623  C CG  . PRO A 1 86  ? 22.442  9.204   -0.875  1.00 14.91 ? 86  PRO A CG  1 
ATOM   624  C CD  . PRO A 1 86  ? 23.003  9.001   0.504   1.00 14.81 ? 86  PRO A CD  1 
ATOM   625  N N   . ILE A 1 87  ? 20.478  5.336   -1.053  1.00 14.33 ? 87  ILE A N   1 
ATOM   626  C CA  . ILE A 1 87  ? 20.538  4.381   -2.153  1.00 14.45 ? 87  ILE A CA  1 
ATOM   627  C C   . ILE A 1 87  ? 19.509  4.781   -3.233  1.00 14.02 ? 87  ILE A C   1 
ATOM   628  O O   . ILE A 1 87  ? 18.345  5.083   -2.914  1.00 12.63 ? 87  ILE A O   1 
ATOM   629  C CB  . ILE A 1 87  ? 20.399  2.900   -1.687  1.00 15.21 ? 87  ILE A CB  1 
ATOM   630  C CG1 . ILE A 1 87  ? 20.537  1.963   -2.884  1.00 15.91 ? 87  ILE A CG1 1 
ATOM   631  C CG2 . ILE A 1 87  ? 19.081  2.640   -0.985  1.00 14.57 ? 87  ILE A CG2 1 
ATOM   632  C CD1 . ILE A 1 87  ? 20.998  0.573   -2.537  1.00 18.16 ? 87  ILE A CD1 1 
ATOM   633  N N   . SER A 1 88  ? 19.960  4.771   -4.488  1.00 13.55 ? 88  SER A N   1 
ATOM   634  C CA  . SER A 1 88  ? 19.218  5.358   -5.608  1.00 13.86 ? 88  SER A CA  1 
ATOM   635  C C   . SER A 1 88  ? 19.121  4.490   -6.830  1.00 13.98 ? 88  SER A C   1 
ATOM   636  O O   . SER A 1 88  ? 20.093  3.858   -7.202  1.00 14.07 ? 88  SER A O   1 
ATOM   637  C CB  . SER A 1 88  ? 19.903  6.645   -6.075  1.00 13.64 ? 88  SER A CB  1 
ATOM   638  O OG  . SER A 1 88  ? 19.328  7.724   -5.394  1.00 15.91 ? 88  SER A OG  1 
ATOM   639  N N   . ILE A 1 89  ? 17.962  4.549   -7.490  1.00 14.29 ? 89  ILE A N   1 
ATOM   640  C CA  . ILE A 1 89  ? 17.758  4.003   -8.824  1.00 14.66 ? 89  ILE A CA  1 
ATOM   641  C C   . ILE A 1 89  ? 16.981  4.992   -9.706  1.00 15.29 ? 89  ILE A C   1 
ATOM   642  O O   . ILE A 1 89  ? 16.347  5.928   -9.209  1.00 14.48 ? 89  ILE A O   1 
ATOM   643  C CB  . ILE A 1 89  ? 17.022  2.636   -8.809  1.00 14.29 ? 89  ILE A CB  1 
ATOM   644  C CG1 . ILE A 1 89  ? 15.585  2.793   -8.280  1.00 14.02 ? 89  ILE A CG1 1 
ATOM   645  C CG2 . ILE A 1 89  ? 17.839  1.602   -8.036  1.00 14.53 ? 89  ILE A CG2 1 
ATOM   646  C CD1 . ILE A 1 89  ? 14.742  1.527   -8.355  1.00 13.89 ? 89  ILE A CD1 1 
ATOM   647  N N   . ASN A 1 90  ? 17.068  4.765   -11.012 1.00 16.46 ? 90  ASN A N   1 
ATOM   648  C CA  . ASN A 1 90  ? 16.333  5.511   -12.027 1.00 19.11 ? 90  ASN A CA  1 
ATOM   649  C C   . ASN A 1 90  ? 15.320  4.595   -12.662 1.00 18.03 ? 90  ASN A C   1 
ATOM   650  O O   . ASN A 1 90  ? 15.608  3.427   -12.904 1.00 17.61 ? 90  ASN A O   1 
ATOM   651  C CB  . ASN A 1 90  ? 17.277  6.018   -13.124 1.00 22.21 ? 90  ASN A CB  1 
ATOM   652  C CG  . ASN A 1 90  ? 18.186  7.125   -12.636 1.00 26.89 ? 90  ASN A CG  1 
ATOM   653  O OD1 . ASN A 1 90  ? 17.758  8.019   -11.883 1.00 30.77 ? 90  ASN A OD1 1 
ATOM   654  N ND2 . ASN A 1 90  ? 19.458  7.073   -13.041 1.00 27.77 ? 90  ASN A ND2 1 
ATOM   655  N N   . TYR A 1 91  ? 14.142  5.132   -12.947 1.00 17.51 ? 91  TYR A N   1 
ATOM   656  C CA  . TYR A 1 91  ? 13.124  4.373   -13.633 1.00 17.55 ? 91  TYR A CA  1 
ATOM   657  C C   . TYR A 1 91  ? 12.300  5.289   -14.550 1.00 17.97 ? 91  TYR A C   1 
ATOM   658  O O   . TYR A 1 91  ? 11.803  6.345   -14.126 1.00 15.74 ? 91  TYR A O   1 
ATOM   659  C CB  . TYR A 1 91  ? 12.227  3.593   -12.657 1.00 17.92 ? 91  TYR A CB  1 
ATOM   660  C CG  . TYR A 1 91  ? 11.238  2.733   -13.389 1.00 19.38 ? 91  TYR A CG  1 
ATOM   661  C CD1 . TYR A 1 91  ? 11.573  1.431   -13.809 1.00 20.14 ? 91  TYR A CD1 1 
ATOM   662  C CD2 . TYR A 1 91  ? 9.993   3.240   -13.750 1.00 20.05 ? 91  TYR A CD2 1 
ATOM   663  C CE1 . TYR A 1 91  ? 10.670  0.659   -14.526 1.00 20.08 ? 91  TYR A CE1 1 
ATOM   664  C CE2 . TYR A 1 91  ? 9.087   2.477   -14.460 1.00 20.22 ? 91  TYR A CE2 1 
ATOM   665  C CZ  . TYR A 1 91  ? 9.425   1.198   -14.844 1.00 21.41 ? 91  TYR A CZ  1 
ATOM   666  O OH  . TYR A 1 91  ? 8.482   0.469   -15.550 1.00 23.96 ? 91  TYR A OH  1 
ATOM   667  N N   . ARG A 1 92  ? 12.179  4.869   -15.809 1.00 17.79 ? 92  ARG A N   1 
ATOM   668  C CA  . ARG A 1 92  ? 11.411  5.603   -16.801 1.00 18.88 ? 92  ARG A CA  1 
ATOM   669  C C   . ARG A 1 92  ? 9.987   5.038   -16.960 1.00 18.09 ? 92  ARG A C   1 
ATOM   670  O O   . ARG A 1 92  ? 9.816   3.891   -17.334 1.00 18.19 ? 92  ARG A O   1 
ATOM   671  C CB  . ARG A 1 92  ? 12.148  5.597   -18.147 1.00 21.56 ? 92  ARG A CB  1 
ATOM   672  C CG  . ARG A 1 92  ? 11.690  6.721   -19.078 1.00 24.21 ? 92  ARG A CG  1 
ATOM   673  C CD  . ARG A 1 92  ? 12.399  6.664   -20.422 1.00 26.84 ? 92  ARG A CD  1 
ATOM   674  N NE  . ARG A 1 92  ? 11.904  7.711   -21.317 1.00 32.45 ? 92  ARG A NE  1 
ATOM   675  C CZ  . ARG A 1 92  ? 12.154  9.016   -21.171 1.00 37.07 ? 92  ARG A CZ  1 
ATOM   676  N NH1 . ARG A 1 92  ? 12.912  9.452   -20.159 1.00 36.78 ? 92  ARG A NH1 1 
ATOM   677  N NH2 . ARG A 1 92  ? 11.647  9.902   -22.038 1.00 38.64 ? 92  ARG A NH2 1 
ATOM   678  N N   . THR A 1 93  ? 8.966   5.842   -16.673 1.00 17.27 ? 93  THR A N   1 
ATOM   679  C CA  . THR A 1 93  ? 7.576   5.390   -16.826 1.00 17.16 ? 93  THR A CA  1 
ATOM   680  C C   . THR A 1 93  ? 7.142   5.458   -18.306 1.00 18.19 ? 93  THR A C   1 
ATOM   681  O O   . THR A 1 93  ? 7.947   5.828   -19.181 1.00 17.75 ? 93  THR A O   1 
ATOM   682  C CB  . THR A 1 93  ? 6.622   6.270   -16.033 1.00 17.13 ? 93  THR A CB  1 
ATOM   683  O OG1 . THR A 1 93  ? 6.784   7.619   -16.477 1.00 16.65 ? 93  THR A OG1 1 
ATOM   684  C CG2 . THR A 1 93  ? 6.918   6.199   -14.534 1.00 16.78 ? 93  THR A CG2 1 
ATOM   685  N N   . LEU B 2 11  ? -17.627 -13.326 -3.919  1.00 59.31 ? 141 LEU B N   1 
ATOM   686  C CA  . LEU B 2 11  ? -16.878 -14.353 -4.701  1.00 60.41 ? 141 LEU B CA  1 
ATOM   687  C C   . LEU B 2 11  ? -15.843 -15.068 -3.820  1.00 56.41 ? 141 LEU B C   1 
ATOM   688  O O   . LEU B 2 11  ? -14.642 -14.779 -3.889  1.00 49.37 ? 141 LEU B O   1 
ATOM   689  C CB  . LEU B 2 11  ? -16.214 -13.698 -5.924  1.00 65.17 ? 141 LEU B CB  1 
ATOM   690  C CG  . LEU B 2 11  ? -17.128 -13.292 -7.094  1.00 69.55 ? 141 LEU B CG  1 
ATOM   691  C CD1 . LEU B 2 11  ? -16.953 -11.816 -7.427  1.00 69.65 ? 141 LEU B CD1 1 
ATOM   692  C CD2 . LEU B 2 11  ? -16.920 -14.164 -8.335  1.00 67.29 ? 141 LEU B CD2 1 
ATOM   693  N N   . GLU B 2 12  ? -16.321 -16.012 -3.006  1.00 54.17 ? 142 GLU B N   1 
ATOM   694  C CA  . GLU B 2 12  ? -15.489 -16.696 -1.995  1.00 52.27 ? 142 GLU B CA  1 
ATOM   695  C C   . GLU B 2 12  ? -14.310 -17.508 -2.570  1.00 49.02 ? 142 GLU B C   1 
ATOM   696  O O   . GLU B 2 12  ? -13.502 -18.067 -1.820  1.00 45.46 ? 142 GLU B O   1 
ATOM   697  C CB  . GLU B 2 12  ? -16.367 -17.554 -1.069  1.00 55.33 ? 142 GLU B CB  1 
ATOM   698  C CG  . GLU B 2 12  ? -15.969 -17.510 0.404   1.00 57.97 ? 142 GLU B CG  1 
ATOM   699  C CD  . GLU B 2 12  ? -17.165 -17.579 1.349   1.00 62.90 ? 142 GLU B CD  1 
ATOM   700  O OE1 . GLU B 2 12  ? -18.226 -16.990 1.034   1.00 64.11 ? 142 GLU B OE1 1 
ATOM   701  O OE2 . GLU B 2 12  ? -17.047 -18.211 2.424   1.00 64.45 ? 142 GLU B OE2 1 
ATOM   702  N N   . LYS B 2 13  ? -14.224 -17.541 -3.902  1.00 47.26 ? 143 LYS B N   1 
ATOM   703  C CA  . LYS B 2 13  ? -13.110 -18.146 -4.654  1.00 44.47 ? 143 LYS B CA  1 
ATOM   704  C C   . LYS B 2 13  ? -11.783 -17.367 -4.490  1.00 40.37 ? 143 LYS B C   1 
ATOM   705  O O   . LYS B 2 13  ? -10.699 -17.939 -4.651  1.00 37.26 ? 143 LYS B O   1 
ATOM   706  C CB  . LYS B 2 13  ? -13.462 -18.250 -6.155  1.00 46.39 ? 143 LYS B CB  1 
ATOM   707  C CG  . LYS B 2 13  ? -14.924 -18.598 -6.486  1.00 52.77 ? 143 LYS B CG  1 
ATOM   708  C CD  . LYS B 2 13  ? -15.818 -17.359 -6.627  1.00 53.45 ? 143 LYS B CD  1 
ATOM   709  C CE  . LYS B 2 13  ? -17.210 -17.683 -7.174  1.00 54.61 ? 143 LYS B CE  1 
ATOM   710  N NZ  . LYS B 2 13  ? -18.189 -18.143 -6.138  1.00 52.22 ? 143 LYS B NZ  1 
ATOM   711  N N   . HIS B 2 14  ? -11.879 -16.068 -4.182  1.00 35.61 ? 144 HIS B N   1 
ATOM   712  C CA  . HIS B 2 14  ? -10.701 -15.213 -3.972  1.00 30.87 ? 144 HIS B CA  1 
ATOM   713  C C   . HIS B 2 14  ? -10.150 -15.375 -2.586  1.00 27.58 ? 144 HIS B C   1 
ATOM   714  O O   . HIS B 2 14  ? -10.904 -15.540 -1.622  1.00 24.30 ? 144 HIS B O   1 
ATOM   715  C CB  . HIS B 2 14  ? -11.051 -13.758 -4.199  1.00 30.49 ? 144 HIS B CB  1 
ATOM   716  C CG  . HIS B 2 14  ? -11.415 -13.432 -5.622  1.00 32.34 ? 144 HIS B CG  1 
ATOM   717  N ND1 . HIS B 2 14  ? -12.676 -13.117 -5.994  1.00 33.66 ? 144 HIS B ND1 1 
ATOM   718  C CD2 . HIS B 2 14  ? -10.634 -13.366 -6.773  1.00 32.59 ? 144 HIS B CD2 1 
ATOM   719  C CE1 . HIS B 2 14  ? -12.698 -12.861 -7.318  1.00 33.23 ? 144 HIS B CE1 1 
ATOM   720  N NE2 . HIS B 2 14  ? -11.450 -13.009 -7.792  1.00 33.19 ? 144 HIS B NE2 1 
ATOM   721  N N   . SER B 2 15  ? -8.825  -15.313 -2.478  1.00 26.10 ? 145 SER B N   1 
ATOM   722  C CA  . SER B 2 15  ? -8.132  -15.509 -1.197  1.00 26.63 ? 145 SER B CA  1 
ATOM   723  C C   . SER B 2 15  ? -8.449  -14.406 -0.176  1.00 24.72 ? 145 SER B C   1 
ATOM   724  O O   . SER B 2 15  ? -8.443  -14.646 1.027   1.00 24.67 ? 145 SER B O   1 
ATOM   725  C CB  . SER B 2 15  ? -6.617  -15.620 -1.419  1.00 28.85 ? 145 SER B CB  1 
ATOM   726  O OG  . SER B 2 15  ? -6.129  -14.499 -2.142  1.00 32.58 ? 145 SER B OG  1 
ATOM   727  N N   . TRP B 2 16  ? -8.751  -13.212 -0.679  1.00 22.76 ? 146 TRP B N   1 
ATOM   728  C CA  . TRP B 2 16  ? -9.075  -12.040 0.135   1.00 21.63 ? 146 TRP B CA  1 
ATOM   729  C C   . TRP B 2 16  ? -10.545 -11.875 0.476   1.00 21.98 ? 146 TRP B C   1 
ATOM   730  O O   . TRP B 2 16  ? -10.889 -11.067 1.344   1.00 21.01 ? 146 TRP B O   1 
ATOM   731  C CB  . TRP B 2 16  ? -8.572  -10.784 -0.562  1.00 19.70 ? 146 TRP B CB  1 
ATOM   732  C CG  . TRP B 2 16  ? -8.915  -10.702 -2.031  1.00 19.22 ? 146 TRP B CG  1 
ATOM   733  C CD1 . TRP B 2 16  ? -8.091  -11.003 -3.121  1.00 19.77 ? 146 TRP B CD1 1 
ATOM   734  C CD2 . TRP B 2 16  ? -10.174 -10.254 -2.622  1.00 19.00 ? 146 TRP B CD2 1 
ATOM   735  N NE1 . TRP B 2 16  ? -8.743  -10.804 -4.308  1.00 19.44 ? 146 TRP B NE1 1 
ATOM   736  C CE2 . TRP B 2 16  ? -10.000 -10.346 -4.082  1.00 19.37 ? 146 TRP B CE2 1 
ATOM   737  C CE3 . TRP B 2 16  ? -11.399 -9.815  -2.113  1.00 18.90 ? 146 TRP B CE3 1 
ATOM   738  C CZ2 . TRP B 2 16  ? -11.019 -9.998  -4.969  1.00 18.58 ? 146 TRP B CZ2 1 
ATOM   739  C CZ3 . TRP B 2 16  ? -12.421 -9.481  -3.022  1.00 18.29 ? 146 TRP B CZ3 1 
ATOM   740  C CH2 . TRP B 2 16  ? -12.232 -9.568  -4.407  1.00 18.03 ? 146 TRP B CH2 1 
ATOM   741  N N   . TYR B 2 17  ? -11.422 -12.623 -0.194  1.00 22.91 ? 147 TYR B N   1 
ATOM   742  C CA  . TYR B 2 17  ? -12.852 -12.585 0.121   1.00 24.98 ? 147 TYR B CA  1 
ATOM   743  C C   . TYR B 2 17  ? -13.225 -13.666 1.142   1.00 25.63 ? 147 TYR B C   1 
ATOM   744  O O   . TYR B 2 17  ? -13.273 -14.858 0.814   1.00 24.99 ? 147 TYR B O   1 
ATOM   745  C CB  . TYR B 2 17  ? -13.706 -12.698 -1.149  1.00 28.39 ? 147 TYR B CB  1 
ATOM   746  C CG  . TYR B 2 17  ? -15.166 -12.388 -0.904  1.00 32.20 ? 147 TYR B CG  1 
ATOM   747  C CD1 . TYR B 2 17  ? -15.651 -11.081 -1.021  1.00 34.68 ? 147 TYR B CD1 1 
ATOM   748  C CD2 . TYR B 2 17  ? -16.059 -13.393 -0.525  1.00 34.41 ? 147 TYR B CD2 1 
ATOM   749  C CE1 . TYR B 2 17  ? -16.988 -10.787 -0.781  1.00 38.07 ? 147 TYR B CE1 1 
ATOM   750  C CE2 . TYR B 2 17  ? -17.396 -13.112 -0.287  1.00 36.81 ? 147 TYR B CE2 1 
ATOM   751  C CZ  . TYR B 2 17  ? -17.856 -11.812 -0.419  1.00 38.12 ? 147 TYR B CZ  1 
ATOM   752  O OH  . TYR B 2 17  ? -19.185 -11.537 -0.188  1.00 40.09 ? 147 TYR B OH  1 
ATOM   753  N N   . HIS B 2 18  ? -13.482 -13.229 2.375   1.00 25.42 ? 148 HIS B N   1 
ATOM   754  C CA  . HIS B 2 18  ? -13.748 -14.110 3.510   1.00 25.34 ? 148 HIS B CA  1 
ATOM   755  C C   . HIS B 2 18  ? -15.222 -14.408 3.717   1.00 28.57 ? 148 HIS B C   1 
ATOM   756  O O   . HIS B 2 18  ? -15.577 -15.285 4.506   1.00 29.51 ? 148 HIS B O   1 
ATOM   757  C CB  . HIS B 2 18  ? -13.135 -13.537 4.788   1.00 22.52 ? 148 HIS B CB  1 
ATOM   758  C CG  . HIS B 2 18  ? -11.628 -13.700 4.874   1.00 22.21 ? 148 HIS B CG  1 
ATOM   759  N ND1 . HIS B 2 18  ? -10.795 -13.418 3.838   1.00 21.86 ? 148 HIS B ND1 1 
ATOM   760  C CD2 . HIS B 2 18  ? -10.817 -14.118 5.919   1.00 20.23 ? 148 HIS B CD2 1 
ATOM   761  C CE1 . HIS B 2 18  ? -9.532  -13.663 4.202   1.00 20.49 ? 148 HIS B CE1 1 
ATOM   762  N NE2 . HIS B 2 18  ? -9.539  -14.083 5.475   1.00 20.45 ? 148 HIS B NE2 1 
ATOM   763  N N   . GLY B 2 19  ? -16.098 -13.708 3.006   1.00 29.92 ? 149 GLY B N   1 
ATOM   764  C CA  . GLY B 2 19  ? -17.533 -13.935 3.152   1.00 32.00 ? 149 GLY B CA  1 
ATOM   765  C C   . GLY B 2 19  ? -18.015 -13.477 4.519   1.00 33.41 ? 149 GLY B C   1 
ATOM   766  O O   . GLY B 2 19  ? -17.375 -12.625 5.143   1.00 34.12 ? 149 GLY B O   1 
ATOM   767  N N   . PRO B 2 20  ? -19.122 -14.067 5.021   1.00 35.76 ? 150 PRO B N   1 
ATOM   768  C CA  . PRO B 2 20  ? -19.749 -13.556 6.244   1.00 34.63 ? 150 PRO B CA  1 
ATOM   769  C C   . PRO B 2 20  ? -18.823 -13.661 7.453   1.00 34.46 ? 150 PRO B C   1 
ATOM   770  O O   . PRO B 2 20  ? -18.654 -14.729 8.038   1.00 36.22 ? 150 PRO B O   1 
ATOM   771  C CB  . PRO B 2 20  ? -21.004 -14.425 6.396   1.00 36.77 ? 150 PRO B CB  1 
ATOM   772  C CG  . PRO B 2 20  ? -20.690 -15.689 5.660   1.00 37.46 ? 150 PRO B CG  1 
ATOM   773  C CD  . PRO B 2 20  ? -19.781 -15.293 4.527   1.00 36.53 ? 150 PRO B CD  1 
ATOM   774  N N   . VAL B 2 21  ? -18.211 -12.527 7.786   1.00 35.90 ? 151 VAL B N   1 
ATOM   775  C CA  . VAL B 2 21  ? -17.268 -12.377 8.892   1.00 35.39 ? 151 VAL B CA  1 
ATOM   776  C C   . VAL B 2 21  ? -17.576 -11.024 9.549   1.00 35.62 ? 151 VAL B C   1 
ATOM   777  O O   . VAL B 2 21  ? -18.029 -10.089 8.875   1.00 35.87 ? 151 VAL B O   1 
ATOM   778  C CB  . VAL B 2 21  ? -15.798 -12.476 8.378   1.00 35.86 ? 151 VAL B CB  1 
ATOM   779  C CG1 . VAL B 2 21  ? -14.827 -11.667 9.223   1.00 34.28 ? 151 VAL B CG1 1 
ATOM   780  C CG2 . VAL B 2 21  ? -15.352 -13.927 8.323   1.00 35.70 ? 151 VAL B CG2 1 
ATOM   781  N N   . SER B 2 22  ? -17.360 -10.928 10.860  1.00 36.08 ? 152 SER B N   1 
ATOM   782  C CA  . SER B 2 22  ? -17.647 -9.686  11.578  1.00 37.53 ? 152 SER B CA  1 
ATOM   783  C C   . SER B 2 22  ? -16.453 -8.746  11.723  1.00 38.22 ? 152 SER B C   1 
ATOM   784  O O   . SER B 2 22  ? -15.293 -9.157  11.588  1.00 36.03 ? 152 SER B O   1 
ATOM   785  C CB  . SER B 2 22  ? -18.205 -9.974  12.967  1.00 36.68 ? 152 SER B CB  1 
ATOM   786  O OG  . SER B 2 22  ? -17.160 -10.150 13.899  1.00 36.86 ? 152 SER B OG  1 
ATOM   787  N N   . ARG B 2 23  ? -16.777 -7.489  12.033  1.00 38.08 ? 153 ARG B N   1 
ATOM   788  C CA  . ARG B 2 23  ? -15.807 -6.424  12.249  1.00 39.80 ? 153 ARG B CA  1 
ATOM   789  C C   . ARG B 2 23  ? -14.779 -6.881  13.261  1.00 39.79 ? 153 ARG B C   1 
ATOM   790  O O   . ARG B 2 23  ? -13.579 -6.669  13.075  1.00 39.82 ? 153 ARG B O   1 
ATOM   791  C CB  . ARG B 2 23  ? -16.523 -5.164  12.743  1.00 40.58 ? 153 ARG B CB  1 
ATOM   792  C CG  . ARG B 2 23  ? -15.634 -3.950  12.940  1.00 43.53 ? 153 ARG B CG  1 
ATOM   793  C CD  . ARG B 2 23  ? -16.417 -2.792  13.540  1.00 45.73 ? 153 ARG B CD  1 
ATOM   794  N NE  . ARG B 2 23  ? -15.945 -1.506  13.026  1.00 50.09 ? 153 ARG B NE  1 
ATOM   795  C CZ  . ARG B 2 23  ? -15.122 -0.679  13.670  1.00 50.85 ? 153 ARG B CZ  1 
ATOM   796  N NH1 . ARG B 2 23  ? -14.664 -0.984  14.880  1.00 53.23 ? 153 ARG B NH1 1 
ATOM   797  N NH2 . ARG B 2 23  ? -14.759 0.467   13.101  1.00 50.39 ? 153 ARG B NH2 1 
ATOM   798  N N   . ASN B 2 24  ? -15.263 -7.540  14.312  1.00 39.75 ? 154 ASN B N   1 
ATOM   799  C CA  . ASN B 2 24  ? -14.418 -8.043  15.389  1.00 41.08 ? 154 ASN B CA  1 
ATOM   800  C C   . ASN B 2 24  ? -13.571 -9.246  15.009  1.00 38.94 ? 154 ASN B C   1 
ATOM   801  O O   . ASN B 2 24  ? -12.420 -9.354  15.427  1.00 38.40 ? 154 ASN B O   1 
ATOM   802  C CB  . ASN B 2 24  ? -15.276 -8.400  16.595  1.00 46.54 ? 154 ASN B CB  1 
ATOM   803  C CG  . ASN B 2 24  ? -15.792 -7.175  17.319  1.00 49.49 ? 154 ASN B CG  1 
ATOM   804  O OD1 . ASN B 2 24  ? -15.249 -6.788  18.354  1.00 51.49 ? 154 ASN B OD1 1 
ATOM   805  N ND2 . ASN B 2 24  ? -16.835 -6.548  16.771  1.00 50.49 ? 154 ASN B ND2 1 
ATOM   806  N N   . ALA B 2 25  ? -14.161 -10.164 14.245  1.00 37.37 ? 155 ALA B N   1 
ATOM   807  C CA  . ALA B 2 25  ? -13.450 -11.336 13.764  1.00 36.98 ? 155 ALA B CA  1 
ATOM   808  C C   . ALA B 2 25  ? -12.367 -10.892 12.790  1.00 34.81 ? 155 ALA B C   1 
ATOM   809  O O   . ALA B 2 25  ? -11.254 -11.392 12.862  1.00 34.71 ? 155 ALA B O   1 
ATOM   810  C CB  . ALA B 2 25  ? -14.401 -12.318 13.103  1.00 37.28 ? 155 ALA B CB  1 
ATOM   811  N N   . ALA B 2 26  ? -12.705 -9.939  11.914  1.00 34.16 ? 156 ALA B N   1 
ATOM   812  C CA  . ALA B 2 26  ? -11.758 -9.321  10.976  1.00 33.92 ? 156 ALA B CA  1 
ATOM   813  C C   . ALA B 2 26  ? -10.519 -8.800  11.702  1.00 34.84 ? 156 ALA B C   1 
ATOM   814  O O   . ALA B 2 26  ? -9.392  -9.029  11.262  1.00 33.01 ? 156 ALA B O   1 
ATOM   815  C CB  . ALA B 2 26  ? -12.423 -8.204  10.199  1.00 32.40 ? 156 ALA B CB  1 
ATOM   816  N N   . GLU B 2 27  ? -10.732 -8.131  12.831  1.00 35.83 ? 157 GLU B N   1 
ATOM   817  C CA  . GLU B 2 27  ? -9.622  -7.654  13.653  1.00 37.67 ? 157 GLU B CA  1 
ATOM   818  C C   . GLU B 2 27  ? -8.762  -8.784  14.229  1.00 36.13 ? 157 GLU B C   1 
ATOM   819  O O   . GLU B 2 27  ? -7.551  -8.641  14.346  1.00 37.34 ? 157 GLU B O   1 
ATOM   820  C CB  . GLU B 2 27  ? -10.124 -6.740  14.769  1.00 38.96 ? 157 GLU B CB  1 
ATOM   821  C CG  . GLU B 2 27  ? -10.676 -5.420  14.271  1.00 40.50 ? 157 GLU B CG  1 
ATOM   822  C CD  . GLU B 2 27  ? -11.010 -4.472  15.405  1.00 42.67 ? 157 GLU B CD  1 
ATOM   823  O OE1 . GLU B 2 27  ? -11.411 -4.955  16.484  1.00 43.48 ? 157 GLU B OE1 1 
ATOM   824  O OE2 . GLU B 2 27  ? -10.879 -3.243  15.217  1.00 44.26 ? 157 GLU B OE2 1 
ATOM   825  N N   . TYR B 2 28  ? -9.383  -9.910  14.577  1.00 37.48 ? 158 TYR B N   1 
ATOM   826  C CA  . TYR B 2 28  ? -8.620  -11.087 15.012  1.00 36.05 ? 158 TYR B CA  1 
ATOM   827  C C   . TYR B 2 28  ? -7.879  -11.726 13.832  1.00 33.70 ? 158 TYR B C   1 
ATOM   828  O O   . TYR B 2 28  ? -6.741  -12.170 13.976  1.00 32.48 ? 158 TYR B O   1 
ATOM   829  C CB  . TYR B 2 28  ? -9.529  -12.119 15.705  1.00 38.67 ? 158 TYR B CB  1 
ATOM   830  C CG  . TYR B 2 28  ? -8.856  -13.454 16.042  1.00 40.39 ? 158 TYR B CG  1 
ATOM   831  C CD1 . TYR B 2 28  ? -8.021  -13.584 17.153  1.00 40.81 ? 158 TYR B CD1 1 
ATOM   832  C CD2 . TYR B 2 28  ? -9.066  -14.586 15.244  1.00 42.83 ? 158 TYR B CD2 1 
ATOM   833  C CE1 . TYR B 2 28  ? -7.410  -14.801 17.456  1.00 43.82 ? 158 TYR B CE1 1 
ATOM   834  C CE2 . TYR B 2 28  ? -8.460  -15.807 15.533  1.00 43.06 ? 158 TYR B CE2 1 
ATOM   835  C CZ  . TYR B 2 28  ? -7.636  -15.913 16.640  1.00 44.58 ? 158 TYR B CZ  1 
ATOM   836  O OH  . TYR B 2 28  ? -7.037  -17.126 16.924  1.00 44.23 ? 158 TYR B OH  1 
ATOM   837  N N   . LEU B 2 29  ? -8.522  -11.777 12.669  1.00 31.53 ? 159 LEU B N   1 
ATOM   838  C CA  . LEU B 2 29  ? -7.916  -12.440 11.505  1.00 31.14 ? 159 LEU B CA  1 
ATOM   839  C C   . LEU B 2 29  ? -6.692  -11.666 11.005  1.00 30.23 ? 159 LEU B C   1 
ATOM   840  O O   . LEU B 2 29  ? -5.752  -12.250 10.459  1.00 30.16 ? 159 LEU B O   1 
ATOM   841  C CB  . LEU B 2 29  ? -8.948  -12.679 10.396  1.00 29.71 ? 159 LEU B CB  1 
ATOM   842  C CG  . LEU B 2 29  ? -9.997  -13.753 10.734  1.00 31.07 ? 159 LEU B CG  1 
ATOM   843  C CD1 . LEU B 2 29  ? -11.163 -13.739 9.749   1.00 30.32 ? 159 LEU B CD1 1 
ATOM   844  C CD2 . LEU B 2 29  ? -9.360  -15.143 10.820  1.00 30.99 ? 159 LEU B CD2 1 
ATOM   845  N N   . LEU B 2 30  ? -6.702  -10.361 11.250  1.00 28.94 ? 160 LEU B N   1 
ATOM   846  C CA  . LEU B 2 30  ? -5.622  -9.481  10.834  1.00 29.05 ? 160 LEU B CA  1 
ATOM   847  C C   . LEU B 2 30  ? -4.538  -9.307  11.899  1.00 30.65 ? 160 LEU B C   1 
ATOM   848  O O   . LEU B 2 30  ? -3.480  -8.743  11.613  1.00 31.22 ? 160 LEU B O   1 
ATOM   849  C CB  . LEU B 2 30  ? -6.194  -8.121  10.400  1.00 26.73 ? 160 LEU B CB  1 
ATOM   850  C CG  . LEU B 2 30  ? -6.956  -8.199  9.073   1.00 25.53 ? 160 LEU B CG  1 
ATOM   851  C CD1 . LEU B 2 30  ? -7.876  -7.001  8.867   1.00 24.46 ? 160 LEU B CD1 1 
ATOM   852  C CD2 . LEU B 2 30  ? -6.007  -8.380  7.889   1.00 23.36 ? 160 LEU B CD2 1 
ATOM   853  N N   . SER B 2 31  ? -4.782  -9.834  13.103  1.00 31.46 ? 161 SER B N   1 
ATOM   854  C CA  . SER B 2 31  ? -3.956  -9.536  14.287  1.00 32.35 ? 161 SER B CA  1 
ATOM   855  C C   . SER B 2 31  ? -2.460  -9.822  14.135  1.00 31.63 ? 161 SER B C   1 
ATOM   856  O O   . SER B 2 31  ? -1.624  -9.145  14.737  1.00 32.66 ? 161 SER B O   1 
ATOM   857  C CB  . SER B 2 31  ? -4.520  -10.228 15.540  1.00 33.24 ? 161 SER B CB  1 
ATOM   858  O OG  . SER B 2 31  ? -4.688  -11.626 15.330  1.00 35.47 ? 161 SER B OG  1 
ATOM   859  N N   . SER B 2 32  ? -2.117  -10.814 13.330  1.00 31.38 ? 162 SER B N   1 
ATOM   860  C CA  . SER B 2 32  ? -0.716  -11.110 13.062  1.00 31.15 ? 162 SER B CA  1 
ATOM   861  C C   . SER B 2 32  ? -0.285  -10.700 11.637  1.00 31.17 ? 162 SER B C   1 
ATOM   862  O O   . SER B 2 32  ? 0.655   -11.281 11.058  1.00 31.31 ? 162 SER B O   1 
ATOM   863  C CB  . SER B 2 32  ? -0.470  -12.593 13.277  1.00 33.40 ? 162 SER B CB  1 
ATOM   864  O OG  . SER B 2 32  ? -1.304  -13.341 12.419  1.00 36.34 ? 162 SER B OG  1 
ATOM   865  N N   . GLY B 2 33  ? -0.978  -9.712  11.072  1.00 27.86 ? 163 GLY B N   1 
ATOM   866  C CA  . GLY B 2 33  ? -0.665  -9.247  9.723   1.00 25.08 ? 163 GLY B CA  1 
ATOM   867  C C   . GLY B 2 33  ? 0.335   -8.106  9.761   1.00 23.03 ? 163 GLY B C   1 
ATOM   868  O O   . GLY B 2 33  ? 0.865   -7.759  10.812  1.00 22.61 ? 163 GLY B O   1 
ATOM   869  N N   . ILE B 2 34  ? 0.580   -7.516  8.600   1.00 20.61 ? 164 ILE B N   1 
ATOM   870  C CA  . ILE B 2 34  ? 1.476   -6.372  8.472   1.00 18.22 ? 164 ILE B CA  1 
ATOM   871  C C   . ILE B 2 34  ? 0.715   -5.279  7.741   1.00 17.08 ? 164 ILE B C   1 
ATOM   872  O O   . ILE B 2 34  ? -0.457  -5.468  7.386   1.00 16.76 ? 164 ILE B O   1 
ATOM   873  C CB  . ILE B 2 34  ? 2.766   -6.745  7.685   1.00 18.12 ? 164 ILE B CB  1 
ATOM   874  C CG1 . ILE B 2 34  ? 2.420   -7.364  6.311   1.00 16.94 ? 164 ILE B CG1 1 
ATOM   875  C CG2 . ILE B 2 34  ? 3.640   -7.681  8.506   1.00 16.89 ? 164 ILE B CG2 1 
ATOM   876  C CD1 . ILE B 2 34  ? 3.623   -7.472  5.386   1.00 17.65 ? 164 ILE B CD1 1 
ATOM   877  N N   . ASN B 2 35  ? 1.384   -4.148  7.506   1.00 15.89 ? 165 ASN B N   1 
ATOM   878  C CA  . ASN B 2 35  ? 0.832   -3.089  6.675   1.00 15.08 ? 165 ASN B CA  1 
ATOM   879  C C   . ASN B 2 35  ? 0.429   -3.592  5.289   1.00 14.55 ? 165 ASN B C   1 
ATOM   880  O O   . ASN B 2 35  ? 1.274   -4.143  4.525   1.00 14.36 ? 165 ASN B O   1 
ATOM   881  C CB  . ASN B 2 35  ? 1.824   -1.922  6.542   1.00 14.94 ? 165 ASN B CB  1 
ATOM   882  C CG  . ASN B 2 35  ? 2.028   -1.178  7.853   1.00 16.16 ? 165 ASN B CG  1 
ATOM   883  O OD1 . ASN B 2 35  ? 1.464   -1.546  8.900   1.00 15.73 ? 165 ASN B OD1 1 
ATOM   884  N ND2 . ASN B 2 35  ? 2.873   -0.138  7.812   1.00 15.68 ? 165 ASN B ND2 1 
ATOM   885  N N   . GLY B 2 36  ? -0.841  -3.391  4.953   1.00 12.54 ? 166 GLY B N   1 
ATOM   886  C CA  . GLY B 2 36  ? -1.363  -3.915  3.700   1.00 12.22 ? 166 GLY B CA  1 
ATOM   887  C C   . GLY B 2 36  ? -2.061  -5.271  3.762   1.00 11.79 ? 166 GLY B C   1 
ATOM   888  O O   . GLY B 2 36  ? -2.608  -5.725  2.735   1.00 11.36 ? 166 GLY B O   1 
ATOM   889  N N   . SER B 2 37  ? -2.031  -5.936  4.926   1.00 11.54 ? 167 SER B N   1 
ATOM   890  C CA  . SER B 2 37  ? -2.862  -7.148  5.125   1.00 12.25 ? 167 SER B CA  1 
ATOM   891  C C   . SER B 2 37  ? -4.298  -6.698  5.117   1.00 12.33 ? 167 SER B C   1 
ATOM   892  O O   . SER B 2 37  ? -4.603  -5.653  5.665   1.00 12.49 ? 167 SER B O   1 
ATOM   893  C CB  . SER B 2 37  ? -2.562  -7.876  6.458   1.00 11.71 ? 167 SER B CB  1 
ATOM   894  O OG  . SER B 2 37  ? -1.193  -8.219  6.553   1.00 11.60 ? 167 SER B OG  1 
ATOM   895  N N   . PHE B 2 38  ? -5.183  -7.470  4.498   1.00 12.95 ? 168 PHE B N   1 
ATOM   896  C CA  . PHE B 2 38  ? -6.578  -7.036  4.377   1.00 13.45 ? 168 PHE B CA  1 
ATOM   897  C C   . PHE B 2 38  ? -7.476  -8.220  4.143   1.00 14.67 ? 168 PHE B C   1 
ATOM   898  O O   . PHE B 2 38  ? -7.004  -9.333  3.871   1.00 15.35 ? 168 PHE B O   1 
ATOM   899  C CB  . PHE B 2 38  ? -6.744  -6.049  3.214   1.00 13.29 ? 168 PHE B CB  1 
ATOM   900  C CG  . PHE B 2 38  ? -6.723  -6.690  1.845   1.00 12.94 ? 168 PHE B CG  1 
ATOM   901  C CD1 . PHE B 2 38  ? -5.527  -7.158  1.287   1.00 12.51 ? 168 PHE B CD1 1 
ATOM   902  C CD2 . PHE B 2 38  ? -7.897  -6.787  1.087   1.00 12.97 ? 168 PHE B CD2 1 
ATOM   903  C CE1 . PHE B 2 38  ? -5.502  -7.730  0.014   1.00 12.43 ? 168 PHE B CE1 1 
ATOM   904  C CE2 . PHE B 2 38  ? -7.881  -7.365  -0.189  1.00 13.00 ? 168 PHE B CE2 1 
ATOM   905  C CZ  . PHE B 2 38  ? -6.678  -7.839  -0.720  1.00 12.87 ? 168 PHE B CZ  1 
ATOM   906  N N   . LEU B 2 39  ? -8.774  -7.975  4.226   1.00 15.51 ? 169 LEU B N   1 
ATOM   907  C CA  . LEU B 2 39  ? -9.767  -8.938  3.806   1.00 17.15 ? 169 LEU B CA  1 
ATOM   908  C C   . LEU B 2 39  ? -11.001 -8.146  3.410   1.00 18.66 ? 169 LEU B C   1 
ATOM   909  O O   . LEU B 2 39  ? -11.127 -6.974  3.773   1.00 20.22 ? 169 LEU B O   1 
ATOM   910  C CB  . LEU B 2 39  ? -10.068 -9.941  4.933   1.00 17.34 ? 169 LEU B CB  1 
ATOM   911  C CG  . LEU B 2 39  ? -10.594 -9.503  6.310   1.00 17.66 ? 169 LEU B CG  1 
ATOM   912  C CD1 . LEU B 2 39  ? -12.075 -9.167  6.248   1.00 17.61 ? 169 LEU B CD1 1 
ATOM   913  C CD2 . LEU B 2 39  ? -10.382 -10.638 7.306   1.00 17.87 ? 169 LEU B CD2 1 
ATOM   914  N N   . VAL B 2 40  ? -11.879 -8.769  2.639   1.00 19.71 ? 170 VAL B N   1 
ATOM   915  C CA  . VAL B 2 40  ? -13.178 -8.210  2.308   1.00 21.05 ? 170 VAL B CA  1 
ATOM   916  C C   . VAL B 2 40  ? -14.194 -9.143  2.974   1.00 23.43 ? 170 VAL B C   1 
ATOM   917  O O   . VAL B 2 40  ? -14.040 -10.368 2.939   1.00 24.34 ? 170 VAL B O   1 
ATOM   918  C CB  . VAL B 2 40  ? -13.391 -8.119  0.774   1.00 20.81 ? 170 VAL B CB  1 
ATOM   919  C CG1 . VAL B 2 40  ? -14.818 -7.723  0.426   1.00 19.90 ? 170 VAL B CG1 1 
ATOM   920  C CG2 . VAL B 2 40  ? -12.412 -7.124  0.154   1.00 20.19 ? 170 VAL B CG2 1 
ATOM   921  N N   . ARG B 2 41  ? -15.200 -8.561  3.608   1.00 25.13 ? 171 ARG B N   1 
ATOM   922  C CA  . ARG B 2 41  ? -16.147 -9.314  4.418   1.00 28.19 ? 171 ARG B CA  1 
ATOM   923  C C   . ARG B 2 41  ? -17.592 -8.921  4.105   1.00 31.37 ? 171 ARG B C   1 
ATOM   924  O O   . ARG B 2 41  ? -17.847 -7.888  3.488   1.00 34.19 ? 171 ARG B O   1 
ATOM   925  C CB  . ARG B 2 41  ? -15.846 -9.138  5.914   1.00 27.48 ? 171 ARG B CB  1 
ATOM   926  C CG  . ARG B 2 41  ? -15.925 -7.709  6.428   1.00 27.25 ? 171 ARG B CG  1 
ATOM   927  C CD  . ARG B 2 41  ? -15.594 -7.666  7.908   1.00 27.53 ? 171 ARG B CD  1 
ATOM   928  N NE  . ARG B 2 41  ? -15.216 -6.330  8.367   1.00 28.58 ? 171 ARG B NE  1 
ATOM   929  C CZ  . ARG B 2 41  ? -16.083 -5.378  8.723   1.00 29.93 ? 171 ARG B CZ  1 
ATOM   930  N NH1 . ARG B 2 41  ? -17.392 -5.598  8.661   1.00 30.05 ? 171 ARG B NH1 1 
ATOM   931  N NH2 . ARG B 2 41  ? -15.644 -4.197  9.140   1.00 28.81 ? 171 ARG B NH2 1 
ATOM   932  N N   . GLU B 2 42  ? -18.522 -9.763  4.530   1.00 33.45 ? 172 GLU B N   1 
ATOM   933  C CA  . GLU B 2 42  ? -19.947 -9.574  4.314   1.00 36.00 ? 172 GLU B CA  1 
ATOM   934  C C   . GLU B 2 42  ? -20.530 -9.477  5.708   1.00 36.59 ? 172 GLU B C   1 
ATOM   935  O O   . GLU B 2 42  ? -19.960 -10.036 6.650   1.00 36.25 ? 172 GLU B O   1 
ATOM   936  C CB  . GLU B 2 42  ? -20.498 -10.837 3.669   1.00 39.06 ? 172 GLU B CB  1 
ATOM   937  C CG  . GLU B 2 42  ? -21.298 -10.656 2.398   1.00 43.64 ? 172 GLU B CG  1 
ATOM   938  C CD  . GLU B 2 42  ? -21.624 -11.994 1.733   1.00 46.94 ? 172 GLU B CD  1 
ATOM   939  O OE1 . GLU B 2 42  ? -20.778 -12.917 1.759   1.00 46.87 ? 172 GLU B OE1 1 
ATOM   940  O OE2 . GLU B 2 42  ? -22.730 -12.124 1.169   1.00 50.95 ? 172 GLU B OE2 1 
ATOM   941  N N   . SER B 2 43  ? -21.653 -8.782  5.867   1.00 38.24 ? 173 SER B N   1 
ATOM   942  C CA  . SER B 2 43  ? -22.357 -8.825  7.156   1.00 39.37 ? 173 SER B CA  1 
ATOM   943  C C   . SER B 2 43  ? -22.976 -10.209 7.368   1.00 37.78 ? 173 SER B C   1 
ATOM   944  O O   . SER B 2 43  ? -23.461 -10.823 6.424   1.00 31.77 ? 173 SER B O   1 
ATOM   945  C CB  . SER B 2 43  ? -23.449 -7.766  7.237   1.00 42.25 ? 173 SER B CB  1 
ATOM   946  O OG  . SER B 2 43  ? -24.274 -8.021  8.364   1.00 45.84 ? 173 SER B OG  1 
ATOM   947  N N   . GLU B 2 44  ? -22.942 -10.700 8.601   1.00 40.94 ? 174 GLU B N   1 
ATOM   948  C CA  . GLU B 2 44  ? -23.504 -12.026 8.895   1.00 46.77 ? 174 GLU B CA  1 
ATOM   949  C C   . GLU B 2 44  ? -25.001 -12.019 9.212   1.00 50.46 ? 174 GLU B C   1 
ATOM   950  O O   . GLU B 2 44  ? -25.619 -13.086 9.319   1.00 51.15 ? 174 GLU B O   1 
ATOM   951  C CB  . GLU B 2 44  ? -22.725 -12.721 9.998   1.00 48.45 ? 174 GLU B CB  1 
ATOM   952  C CG  . GLU B 2 44  ? -22.013 -11.769 10.933  1.00 50.24 ? 174 GLU B CG  1 
ATOM   953  C CD  . GLU B 2 44  ? -20.860 -12.432 11.638  1.00 51.33 ? 174 GLU B CD  1 
ATOM   954  O OE1 . GLU B 2 44  ? -20.536 -13.597 11.309  1.00 53.98 ? 174 GLU B OE1 1 
ATOM   955  O OE2 . GLU B 2 44  ? -20.277 -11.791 12.525  1.00 50.15 ? 174 GLU B OE2 1 
ATOM   956  N N   . SER B 2 45  ? -25.572 -10.823 9.366   1.00 53.03 ? 175 SER B N   1 
ATOM   957  C CA  . SER B 2 45  ? -27.026 -10.651 9.408   1.00 56.30 ? 175 SER B CA  1 
ATOM   958  C C   . SER B 2 45  ? -27.566 -10.261 8.029   1.00 58.46 ? 175 SER B C   1 
ATOM   959  O O   . SER B 2 45  ? -28.459 -10.920 7.500   1.00 60.48 ? 175 SER B O   1 
ATOM   960  C CB  . SER B 2 45  ? -27.469 -9.655  10.500  1.00 56.14 ? 175 SER B CB  1 
ATOM   961  O OG  . SER B 2 45  ? -26.570 -8.566  10.659  1.00 52.41 ? 175 SER B OG  1 
ATOM   962  N N   . SER B 2 46  ? -27.008 -9.204  7.443   1.00 62.23 ? 176 SER B N   1 
ATOM   963  C CA  . SER B 2 46  ? -27.452 -8.733  6.133   1.00 64.89 ? 176 SER B CA  1 
ATOM   964  C C   . SER B 2 46  ? -26.370 -8.875  5.055   1.00 68.99 ? 176 SER B C   1 
ATOM   965  O O   . SER B 2 46  ? -25.574 -7.954  4.844   1.00 68.69 ? 176 SER B O   1 
ATOM   966  C CB  . SER B 2 46  ? -27.953 -7.291  6.222   1.00 63.66 ? 176 SER B CB  1 
ATOM   967  O OG  . SER B 2 46  ? -29.170 -7.230  6.940   1.00 66.01 ? 176 SER B OG  1 
ATOM   968  N N   . PRO B 2 47  ? -26.338 -10.036 4.368   1.00 72.68 ? 177 PRO B N   1 
ATOM   969  C CA  . PRO B 2 47  ? -25.370 -10.239 3.287   1.00 71.85 ? 177 PRO B CA  1 
ATOM   970  C C   . PRO B 2 47  ? -25.698 -9.313  2.126   1.00 70.49 ? 177 PRO B C   1 
ATOM   971  O O   . PRO B 2 47  ? -26.806 -9.364  1.592   1.00 75.60 ? 177 PRO B O   1 
ATOM   972  C CB  . PRO B 2 47  ? -25.580 -11.704 2.888   1.00 71.78 ? 177 PRO B CB  1 
ATOM   973  C CG  . PRO B 2 47  ? -26.972 -12.023 3.315   1.00 73.69 ? 177 PRO B CG  1 
ATOM   974  C CD  . PRO B 2 47  ? -27.222 -11.204 4.547   1.00 72.66 ? 177 PRO B CD  1 
ATOM   975  N N   . GLY B 2 48  ? -24.738 -8.474  1.752   1.00 64.75 ? 178 GLY B N   1 
ATOM   976  C CA  . GLY B 2 48  ? -24.976 -7.406  0.785   1.00 59.29 ? 178 GLY B CA  1 
ATOM   977  C C   . GLY B 2 48  ? -24.321 -6.122  1.255   1.00 53.49 ? 178 GLY B C   1 
ATOM   978  O O   . GLY B 2 48  ? -24.008 -5.250  0.448   1.00 53.99 ? 178 GLY B O   1 
ATOM   979  N N   . GLN B 2 49  ? -24.145 -6.003  2.573   1.00 49.36 ? 179 GLN B N   1 
ATOM   980  C CA  . GLN B 2 49  ? -23.264 -5.003  3.158   1.00 46.19 ? 179 GLN B CA  1 
ATOM   981  C C   . GLN B 2 49  ? -21.856 -5.600  3.199   1.00 44.55 ? 179 GLN B C   1 
ATOM   982  O O   . GLN B 2 49  ? -21.547 -6.435  4.061   1.00 45.67 ? 179 GLN B O   1 
ATOM   983  C CB  . GLN B 2 49  ? -23.717 -4.609  4.571   1.00 45.41 ? 179 GLN B CB  1 
ATOM   984  C CG  . GLN B 2 49  ? -22.925 -3.452  5.172   1.00 46.69 ? 179 GLN B CG  1 
ATOM   985  C CD  . GLN B 2 49  ? -22.803 -3.533  6.684   1.00 47.87 ? 179 GLN B CD  1 
ATOM   986  O OE1 . GLN B 2 49  ? -22.137 -4.420  7.221   1.00 45.90 ? 179 GLN B OE1 1 
ATOM   987  N NE2 . GLN B 2 49  ? -23.438 -2.595  7.381   1.00 48.00 ? 179 GLN B NE2 1 
ATOM   988  N N   . ARG B 2 50  ? -21.015 -5.193  2.254   1.00 40.81 ? 180 ARG B N   1 
ATOM   989  C CA  . ARG B 2 50  ? -19.623 -5.642  2.235   1.00 38.11 ? 180 ARG B CA  1 
ATOM   990  C C   . ARG B 2 50  ? -18.654 -4.535  2.664   1.00 34.29 ? 180 ARG B C   1 
ATOM   991  O O   . ARG B 2 50  ? -18.870 -3.356  2.365   1.00 33.41 ? 180 ARG B O   1 
ATOM   992  C CB  . ARG B 2 50  ? -19.252 -6.233  0.871   1.00 39.60 ? 180 ARG B CB  1 
ATOM   993  C CG  . ARG B 2 50  ? -19.817 -7.631  0.655   1.00 43.65 ? 180 ARG B CG  1 
ATOM   994  C CD  . ARG B 2 50  ? -19.971 -7.987  -0.814  1.00 45.84 ? 180 ARG B CD  1 
ATOM   995  N NE  . ARG B 2 50  ? -20.696 -6.950  -1.543  1.00 51.16 ? 180 ARG B NE  1 
ATOM   996  C CZ  . ARG B 2 50  ? -20.766 -6.862  -2.871  1.00 54.25 ? 180 ARG B CZ  1 
ATOM   997  N NH1 . ARG B 2 50  ? -20.165 -7.765  -3.641  1.00 55.10 ? 180 ARG B NH1 1 
ATOM   998  N NH2 . ARG B 2 50  ? -21.443 -5.866  -3.434  1.00 51.95 ? 180 ARG B NH2 1 
ATOM   999  N N   . SER B 2 51  ? -17.603 -4.931  3.377   1.00 29.36 ? 181 SER B N   1 
ATOM   1000 C CA  . SER B 2 51  ? -16.606 -4.001  3.894   1.00 28.07 ? 181 SER B CA  1 
ATOM   1001 C C   . SER B 2 51  ? -15.173 -4.498  3.637   1.00 26.11 ? 181 SER B C   1 
ATOM   1002 O O   . SER B 2 51  ? -14.940 -5.692  3.493   1.00 25.08 ? 181 SER B O   1 
ATOM   1003 C CB  . SER B 2 51  ? -16.811 -3.789  5.402   1.00 27.24 ? 181 SER B CB  1 
ATOM   1004 O OG  . SER B 2 51  ? -18.179 -3.572  5.715   1.00 28.11 ? 181 SER B OG  1 
ATOM   1005 N N   . ILE B 2 52  ? -14.228 -3.569  3.570   1.00 24.85 ? 182 ILE B N   1 
ATOM   1006 C CA  . ILE B 2 52  ? -12.793 -3.885  3.549   1.00 23.93 ? 182 ILE B CA  1 
ATOM   1007 C C   . ILE B 2 52  ? -12.266 -3.626  4.952   1.00 22.39 ? 182 ILE B C   1 
ATOM   1008 O O   . ILE B 2 52  ? -12.584 -2.603  5.543   1.00 22.62 ? 182 ILE B O   1 
ATOM   1009 C CB  . ILE B 2 52  ? -12.029 -2.994  2.535   1.00 24.92 ? 182 ILE B CB  1 
ATOM   1010 C CG1 . ILE B 2 52  ? -12.560 -3.219  1.117   1.00 24.58 ? 182 ILE B CG1 1 
ATOM   1011 C CG2 . ILE B 2 52  ? -10.526 -3.276  2.573   1.00 24.57 ? 182 ILE B CG2 1 
ATOM   1012 C CD1 . ILE B 2 52  ? -12.236 -2.098  0.156   1.00 26.18 ? 182 ILE B CD1 1 
ATOM   1013 N N   . SER B 2 53  ? -11.513 -4.572  5.501   1.00 20.70 ? 183 SER B N   1 
ATOM   1014 C CA  . SER B 2 53  ? -10.746 -4.341  6.731   1.00 19.79 ? 183 SER B CA  1 
ATOM   1015 C C   . SER B 2 53  ? -9.275  -4.425  6.361   1.00 18.96 ? 183 SER B C   1 
ATOM   1016 O O   . SER B 2 53  ? -8.877  -5.344  5.667   1.00 17.56 ? 183 SER B O   1 
ATOM   1017 C CB  . SER B 2 53  ? -11.091 -5.370  7.815   1.00 18.58 ? 183 SER B CB  1 
ATOM   1018 O OG  . SER B 2 53  ? -12.499 -5.422  8.001   1.00 19.58 ? 183 SER B OG  1 
ATOM   1019 N N   . LEU B 2 54  ? -8.480  -3.471  6.839   1.00 19.42 ? 184 LEU B N   1 
ATOM   1020 C CA  . LEU B 2 54  ? -7.123  -3.260  6.353   1.00 20.73 ? 184 LEU B CA  1 
ATOM   1021 C C   . LEU B 2 54  ? -6.212  -2.911  7.514   1.00 22.16 ? 184 LEU B C   1 
ATOM   1022 O O   . LEU B 2 54  ? -6.509  -1.989  8.283   1.00 21.62 ? 184 LEU B O   1 
ATOM   1023 C CB  . LEU B 2 54  ? -7.127  -2.118  5.337   1.00 21.43 ? 184 LEU B CB  1 
ATOM   1024 C CG  . LEU B 2 54  ? -5.848  -1.466  4.789   1.00 22.19 ? 184 LEU B CG  1 
ATOM   1025 C CD1 . LEU B 2 54  ? -4.969  -2.492  4.081   1.00 21.72 ? 184 LEU B CD1 1 
ATOM   1026 C CD2 . LEU B 2 54  ? -6.272  -0.367  3.815   1.00 20.94 ? 184 LEU B CD2 1 
ATOM   1027 N N   . ARG B 2 55  ? -5.108  -3.641  7.644   1.00 22.48 ? 185 ARG B N   1 
ATOM   1028 C CA  . ARG B 2 55  ? -4.168  -3.396  8.720   1.00 24.80 ? 185 ARG B CA  1 
ATOM   1029 C C   . ARG B 2 55  ? -3.132  -2.328  8.363   1.00 26.13 ? 185 ARG B C   1 
ATOM   1030 O O   . ARG B 2 55  ? -2.601  -2.304  7.254   1.00 24.11 ? 185 ARG B O   1 
ATOM   1031 C CB  . ARG B 2 55  ? -3.487  -4.697  9.157   1.00 25.73 ? 185 ARG B CB  1 
ATOM   1032 C CG  . ARG B 2 55  ? -2.577  -4.553  10.370  1.00 28.39 ? 185 ARG B CG  1 
ATOM   1033 C CD  . ARG B 2 55  ? -2.293  -5.903  10.999  1.00 31.21 ? 185 ARG B CD  1 
ATOM   1034 N NE  . ARG B 2 55  ? -1.228  -5.840  12.007  1.00 34.81 ? 185 ARG B NE  1 
ATOM   1035 C CZ  . ARG B 2 55  ? -1.420  -5.853  13.329  1.00 36.23 ? 185 ARG B CZ  1 
ATOM   1036 N NH1 . ARG B 2 55  ? -2.642  -5.927  13.847  1.00 35.34 ? 185 ARG B NH1 1 
ATOM   1037 N NH2 . ARG B 2 55  ? -0.375  -5.782  14.141  1.00 37.08 ? 185 ARG B NH2 1 
ATOM   1038 N N   . TYR B 2 56  ? -2.852  -1.460  9.332   1.00 29.20 ? 186 TYR B N   1 
ATOM   1039 C CA  . TYR B 2 56  ? -1.857  -0.414  9.200   1.00 34.21 ? 186 TYR B CA  1 
ATOM   1040 C C   . TYR B 2 56  ? -1.381  0.013   10.579  1.00 36.06 ? 186 TYR B C   1 
ATOM   1041 O O   . TYR B 2 56  ? -2.178  0.392   11.450  1.00 34.33 ? 186 TYR B O   1 
ATOM   1042 C CB  . TYR B 2 56  ? -2.401  0.780   8.422   1.00 39.48 ? 186 TYR B CB  1 
ATOM   1043 C CG  . TYR B 2 56  ? -1.320  1.684   7.874   1.00 47.50 ? 186 TYR B CG  1 
ATOM   1044 C CD1 . TYR B 2 56  ? -0.643  1.357   6.693   1.00 49.66 ? 186 TYR B CD1 1 
ATOM   1045 C CD2 . TYR B 2 56  ? -0.964  2.860   8.539   1.00 52.93 ? 186 TYR B CD2 1 
ATOM   1046 C CE1 . TYR B 2 56  ? 0.350   2.176   6.183   1.00 54.10 ? 186 TYR B CE1 1 
ATOM   1047 C CE2 . TYR B 2 56  ? 0.026   3.691   8.035   1.00 59.43 ? 186 TYR B CE2 1 
ATOM   1048 C CZ  . TYR B 2 56  ? 0.678   3.347   6.856   1.00 60.92 ? 186 TYR B CZ  1 
ATOM   1049 O OH  . TYR B 2 56  ? 1.665   4.170   6.353   1.00 64.04 ? 186 TYR B OH  1 
ATOM   1050 N N   . GLU B 2 57  ? -0.069  -0.091  10.761  1.00 35.89 ? 187 GLU B N   1 
ATOM   1051 C CA  . GLU B 2 57  ? 0.613   0.230   12.005  1.00 38.97 ? 187 GLU B CA  1 
ATOM   1052 C C   . GLU B 2 57  ? -0.154  -0.181  13.256  1.00 39.02 ? 187 GLU B C   1 
ATOM   1053 O O   . GLU B 2 57  ? -0.539  0.660   14.067  1.00 40.43 ? 187 GLU B O   1 
ATOM   1054 C CB  . GLU B 2 57  ? 0.997   1.708   12.053  1.00 39.35 ? 187 GLU B CB  1 
ATOM   1055 C CG  . GLU B 2 57  ? 2.458   1.899   12.425  1.00 44.35 ? 187 GLU B CG  1 
ATOM   1056 C CD  . GLU B 2 57  ? 3.383   1.210   11.438  1.00 44.70 ? 187 GLU B CD  1 
ATOM   1057 O OE1 . GLU B 2 57  ? 3.211   1.463   10.218  1.00 43.91 ? 187 GLU B OE1 1 
ATOM   1058 O OE2 . GLU B 2 57  ? 4.256   0.415   11.878  1.00 40.02 ? 187 GLU B OE2 1 
ATOM   1059 N N   . GLY B 2 58  ? -0.368  -1.486  13.388  1.00 37.91 ? 188 GLY B N   1 
ATOM   1060 C CA  . GLY B 2 58  ? -1.036  -2.057  14.543  1.00 38.80 ? 188 GLY B CA  1 
ATOM   1061 C C   . GLY B 2 58  ? -2.543  -1.871  14.574  1.00 37.50 ? 188 GLY B C   1 
ATOM   1062 O O   . GLY B 2 58  ? -3.223  -2.470  15.409  1.00 39.94 ? 188 GLY B O   1 
ATOM   1063 N N   . ARG B 2 59  ? -3.080  -1.059  13.675  1.00 35.45 ? 189 ARG B N   1 
ATOM   1064 C CA  . ARG B 2 59  ? -4.515  -0.756  13.719  1.00 34.53 ? 189 ARG B CA  1 
ATOM   1065 C C   . ARG B 2 59  ? -5.277  -1.306  12.502  1.00 32.02 ? 189 ARG B C   1 
ATOM   1066 O O   . ARG B 2 59  ? -4.694  -1.506  11.431  1.00 28.89 ? 189 ARG B O   1 
ATOM   1067 C CB  . ARG B 2 59  ? -4.747  0.750   13.928  1.00 36.77 ? 189 ARG B CB  1 
ATOM   1068 C CG  . ARG B 2 59  ? -4.146  1.283   15.233  1.00 40.83 ? 189 ARG B CG  1 
ATOM   1069 C CD  . ARG B 2 59  ? -4.380  2.775   15.435  1.00 45.50 ? 189 ARG B CD  1 
ATOM   1070 N NE  . ARG B 2 59  ? -5.680  3.035   16.053  1.00 51.70 ? 189 ARG B NE  1 
ATOM   1071 C CZ  . ARG B 2 59  ? -5.868  3.382   17.329  1.00 53.20 ? 189 ARG B CZ  1 
ATOM   1072 N NH1 . ARG B 2 59  ? -4.838  3.545   18.151  1.00 51.77 ? 189 ARG B NH1 1 
ATOM   1073 N NH2 . ARG B 2 59  ? -7.100  3.583   17.783  1.00 54.22 ? 189 ARG B NH2 1 
ATOM   1074 N N   . VAL B 2 60  ? -6.573  -1.570  12.686  1.00 29.15 ? 190 VAL B N   1 
ATOM   1075 C CA  . VAL B 2 60  ? -7.421  -2.058  11.602  1.00 27.20 ? 190 VAL B CA  1 
ATOM   1076 C C   . VAL B 2 60  ? -8.453  -1.023  11.204  1.00 26.54 ? 190 VAL B C   1 
ATOM   1077 O O   . VAL B 2 60  ? -9.231  -0.556  12.025  1.00 27.63 ? 190 VAL B O   1 
ATOM   1078 C CB  . VAL B 2 60  ? -8.128  -3.377  11.964  1.00 27.31 ? 190 VAL B CB  1 
ATOM   1079 C CG1 . VAL B 2 60  ? -8.944  -3.876  10.777  1.00 26.75 ? 190 VAL B CG1 1 
ATOM   1080 C CG2 . VAL B 2 60  ? -7.116  -4.429  12.406  1.00 25.80 ? 190 VAL B CG2 1 
ATOM   1081 N N   . TYR B 2 61  ? -8.462  -0.671  9.929   1.00 26.74 ? 191 TYR B N   1 
ATOM   1082 C CA  . TYR B 2 61  ? -9.413  0.293   9.406   1.00 26.82 ? 191 TYR B CA  1 
ATOM   1083 C C   . TYR B 2 61  ? -10.481 -0.423  8.601   1.00 26.94 ? 191 TYR B C   1 
ATOM   1084 O O   . TYR B 2 61  ? -10.183 -1.375  7.870   1.00 25.05 ? 191 TYR B O   1 
ATOM   1085 C CB  . TYR B 2 61  ? -8.681  1.325   8.557   1.00 28.92 ? 191 TYR B CB  1 
ATOM   1086 C CG  . TYR B 2 61  ? -7.676  2.086   9.377   1.00 31.21 ? 191 TYR B CG  1 
ATOM   1087 C CD1 . TYR B 2 61  ? -6.444  1.515   9.706   1.00 31.18 ? 191 TYR B CD1 1 
ATOM   1088 C CD2 . TYR B 2 61  ? -7.977  3.359   9.876   1.00 32.53 ? 191 TYR B CD2 1 
ATOM   1089 C CE1 . TYR B 2 61  ? -5.528  2.199   10.483  1.00 33.77 ? 191 TYR B CE1 1 
ATOM   1090 C CE2 . TYR B 2 61  ? -7.072  4.051   10.659  1.00 33.32 ? 191 TYR B CE2 1 
ATOM   1091 C CZ  . TYR B 2 61  ? -5.852  3.472   10.957  1.00 34.01 ? 191 TYR B CZ  1 
ATOM   1092 O OH  . TYR B 2 61  ? -4.950  4.159   11.726  1.00 34.87 ? 191 TYR B OH  1 
ATOM   1093 N N   . HIS B 2 62  ? -11.722 0.041   8.740   1.00 25.56 ? 192 HIS B N   1 
ATOM   1094 C CA  . HIS B 2 62  ? -12.872 -0.591  8.114   1.00 24.83 ? 192 HIS B CA  1 
ATOM   1095 C C   . HIS B 2 62  ? -13.552 0.373   7.186   1.00 25.98 ? 192 HIS B C   1 
ATOM   1096 O O   . HIS B 2 62  ? -13.821 1.511   7.557   1.00 24.89 ? 192 HIS B O   1 
ATOM   1097 C CB  . HIS B 2 62  ? -13.837 -1.074  9.182   1.00 24.22 ? 192 HIS B CB  1 
ATOM   1098 C CG  . HIS B 2 62  ? -13.214 -2.020  10.184  1.00 24.26 ? 192 HIS B CG  1 
ATOM   1099 N ND1 . HIS B 2 62  ? -13.001 -3.325  9.911   1.00 23.90 ? 192 HIS B ND1 1 
ATOM   1100 C CD2 . HIS B 2 62  ? -12.780 -1.815  11.494  1.00 25.26 ? 192 HIS B CD2 1 
ATOM   1101 C CE1 . HIS B 2 62  ? -12.453 -3.929  10.986  1.00 24.62 ? 192 HIS B CE1 1 
ATOM   1102 N NE2 . HIS B 2 62  ? -12.318 -3.005  11.958  1.00 26.11 ? 192 HIS B NE2 1 
ATOM   1103 N N   . TYR B 2 63  ? -13.836 -0.087  5.971   1.00 25.84 ? 193 TYR B N   1 
ATOM   1104 C CA  . TYR B 2 63  ? -14.370 0.747   4.917   1.00 26.59 ? 193 TYR B CA  1 
ATOM   1105 C C   . TYR B 2 63  ? -15.556 0.033   4.311   1.00 29.38 ? 193 TYR B C   1 
ATOM   1106 O O   . TYR B 2 63  ? -15.401 -1.065  3.767   1.00 27.51 ? 193 TYR B O   1 
ATOM   1107 C CB  . TYR B 2 63  ? -13.323 0.954   3.818   1.00 25.46 ? 193 TYR B CB  1 
ATOM   1108 C CG  . TYR B 2 63  ? -12.068 1.631   4.280   1.00 25.27 ? 193 TYR B CG  1 
ATOM   1109 C CD1 . TYR B 2 63  ? -11.932 3.024   4.201   1.00 25.17 ? 193 TYR B CD1 1 
ATOM   1110 C CD2 . TYR B 2 63  ? -11.003 0.889   4.794   1.00 25.52 ? 193 TYR B CD2 1 
ATOM   1111 C CE1 . TYR B 2 63  ? -10.774 3.649   4.628   1.00 24.91 ? 193 TYR B CE1 1 
ATOM   1112 C CE2 . TYR B 2 63  ? -9.836  1.507   5.213   1.00 25.83 ? 193 TYR B CE2 1 
ATOM   1113 C CZ  . TYR B 2 63  ? -9.729  2.888   5.130   1.00 25.34 ? 193 TYR B CZ  1 
ATOM   1114 O OH  . TYR B 2 63  ? -8.582  3.501   5.564   1.00 25.87 ? 193 TYR B OH  1 
ATOM   1115 N N   . ARG B 2 64  ? -16.728 0.659   4.401   1.00 29.97 ? 194 ARG B N   1 
ATOM   1116 C CA  . ARG B 2 64  ? -17.920 0.156   3.743   1.00 34.66 ? 194 ARG B CA  1 
ATOM   1117 C C   . ARG B 2 64  ? -17.756 0.259   2.233   1.00 33.51 ? 194 ARG B C   1 
ATOM   1118 O O   . ARG B 2 64  ? -17.329 1.286   1.721   1.00 33.74 ? 194 ARG B O   1 
ATOM   1119 C CB  . ARG B 2 64  ? -19.166 0.949   4.189   1.00 40.12 ? 194 ARG B CB  1 
ATOM   1120 C CG  . ARG B 2 64  ? -20.455 0.138   4.150   1.00 44.73 ? 194 ARG B CG  1 
ATOM   1121 C CD  . ARG B 2 64  ? -21.702 1.017   4.204   1.00 51.11 ? 194 ARG B CD  1 
ATOM   1122 N NE  . ARG B 2 64  ? -22.907 0.254   3.857   1.00 56.69 ? 194 ARG B NE  1 
ATOM   1123 C CZ  . ARG B 2 64  ? -23.425 0.152   2.629   1.00 57.12 ? 194 ARG B CZ  1 
ATOM   1124 N NH1 . ARG B 2 64  ? -22.861 0.766   1.596   1.00 58.99 ? 194 ARG B NH1 1 
ATOM   1125 N NH2 . ARG B 2 64  ? -24.520 -0.570  2.430   1.00 56.62 ? 194 ARG B NH2 1 
ATOM   1126 N N   . ILE B 2 65  ? -18.089 -0.804  1.514   1.00 32.54 ? 195 ILE B N   1 
ATOM   1127 C CA  . ILE B 2 65  ? -18.087 -0.727  0.054   1.00 32.59 ? 195 ILE B CA  1 
ATOM   1128 C C   . ILE B 2 65  ? -19.439 -0.206  -0.440  1.00 33.72 ? 195 ILE B C   1 
ATOM   1129 O O   . ILE B 2 65  ? -20.452 -0.898  -0.355  1.00 34.68 ? 195 ILE B O   1 
ATOM   1130 C CB  . ILE B 2 65  ? -17.703 -2.071  -0.599  1.00 31.16 ? 195 ILE B CB  1 
ATOM   1131 C CG1 . ILE B 2 65  ? -16.236 -2.399  -0.265  1.00 30.15 ? 195 ILE B CG1 1 
ATOM   1132 C CG2 . ILE B 2 65  ? -17.904 -2.008  -2.112  1.00 30.45 ? 195 ILE B CG2 1 
ATOM   1133 C CD1 . ILE B 2 65  ? -15.932 -3.877  -0.161  1.00 28.20 ? 195 ILE B CD1 1 
ATOM   1134 N N   . ASN B 2 66  ? -19.451 1.026   -0.933  1.00 34.61 ? 196 ASN B N   1 
ATOM   1135 C CA  . ASN B 2 66  ? -20.687 1.662   -1.378  1.00 35.83 ? 196 ASN B CA  1 
ATOM   1136 C C   . ASN B 2 66  ? -21.061 1.271   -2.797  1.00 36.03 ? 196 ASN B C   1 
ATOM   1137 O O   . ASN B 2 66  ? -20.189 0.990   -3.630  1.00 32.20 ? 196 ASN B O   1 
ATOM   1138 C CB  . ASN B 2 66  ? -20.577 3.186   -1.290  1.00 38.21 ? 196 ASN B CB  1 
ATOM   1139 C CG  . ASN B 2 66  ? -19.976 3.652   0.017   1.00 40.15 ? 196 ASN B CG  1 
ATOM   1140 O OD1 . ASN B 2 66  ? -20.599 3.547   1.078   1.00 42.82 ? 196 ASN B OD1 1 
ATOM   1141 N ND2 . ASN B 2 66  ? -18.760 4.175   -0.052  1.00 40.87 ? 196 ASN B ND2 1 
ATOM   1142 N N   . THR B 2 67  ? -22.367 1.267   -3.063  1.00 36.02 ? 197 THR B N   1 
ATOM   1143 C CA  . THR B 2 67  ? -22.884 1.028   -4.401  1.00 36.49 ? 197 THR B CA  1 
ATOM   1144 C C   . THR B 2 67  ? -23.464 2.326   -4.955  1.00 37.71 ? 197 THR B C   1 
ATOM   1145 O O   . THR B 2 67  ? -24.156 3.059   -4.236  1.00 38.89 ? 197 THR B O   1 
ATOM   1146 C CB  . THR B 2 67  ? -23.954 -0.070  -4.394  1.00 38.41 ? 197 THR B CB  1 
ATOM   1147 O OG1 . THR B 2 67  ? -23.557 -1.114  -3.496  1.00 40.63 ? 197 THR B OG1 1 
ATOM   1148 C CG2 . THR B 2 67  ? -24.139 -0.648  -5.788  1.00 39.65 ? 197 THR B CG2 1 
ATOM   1149 N N   . ALA B 2 68  ? -23.165 2.604   -6.223  1.00 36.77 ? 198 ALA B N   1 
ATOM   1150 C CA  . ALA B 2 68  ? -23.619 3.815   -6.903  1.00 37.86 ? 198 ALA B CA  1 
ATOM   1151 C C   . ALA B 2 68  ? -24.938 3.620   -7.660  1.00 39.26 ? 198 ALA B C   1 
ATOM   1152 O O   . ALA B 2 68  ? -25.392 2.484   -7.878  1.00 36.84 ? 198 ALA B O   1 
ATOM   1153 C CB  . ALA B 2 68  ? -22.542 4.311   -7.855  1.00 36.55 ? 198 ALA B CB  1 
ATOM   1154 N N   . SER B 2 69  ? -25.527 4.743   -8.071  1.00 39.96 ? 199 SER B N   1 
ATOM   1155 C CA  . SER B 2 69  ? -26.768 4.765   -8.840  1.00 43.44 ? 199 SER B CA  1 
ATOM   1156 C C   . SER B 2 69  ? -26.767 3.780   -10.009 1.00 43.64 ? 199 SER B C   1 
ATOM   1157 O O   . SER B 2 69  ? -27.749 3.056   -10.210 1.00 44.71 ? 199 SER B O   1 
ATOM   1158 C CB  . SER B 2 69  ? -27.054 6.194   -9.333  1.00 47.54 ? 199 SER B CB  1 
ATOM   1159 O OG  . SER B 2 69  ? -27.643 6.208   -10.625 1.00 49.53 ? 199 SER B OG  1 
ATOM   1160 N N   . ASP B 2 70  ? -25.672 3.754   -10.774 1.00 42.60 ? 200 ASP B N   1 
ATOM   1161 C CA  . ASP B 2 70  ? -25.556 2.853   -11.933 1.00 40.55 ? 200 ASP B CA  1 
ATOM   1162 C C   . ASP B 2 70  ? -25.094 1.443   -11.561 1.00 37.97 ? 200 ASP B C   1 
ATOM   1163 O O   . ASP B 2 70  ? -24.905 0.596   -12.441 1.00 35.89 ? 200 ASP B O   1 
ATOM   1164 C CB  . ASP B 2 70  ? -24.650 3.449   -13.028 1.00 43.70 ? 200 ASP B CB  1 
ATOM   1165 C CG  . ASP B 2 70  ? -23.217 3.681   -12.561 1.00 46.94 ? 200 ASP B CG  1 
ATOM   1166 O OD1 . ASP B 2 70  ? -22.857 3.296   -11.422 1.00 48.75 ? 200 ASP B OD1 1 
ATOM   1167 O OD2 . ASP B 2 70  ? -22.442 4.268   -13.344 1.00 48.49 ? 200 ASP B OD2 1 
ATOM   1168 N N   . GLY B 2 71  ? -24.906 1.206   -10.262 1.00 36.50 ? 201 GLY B N   1 
ATOM   1169 C CA  . GLY B 2 71  ? -24.601 -0.129  -9.738  1.00 37.93 ? 201 GLY B CA  1 
ATOM   1170 C C   . GLY B 2 71  ? -23.127 -0.383  -9.467  1.00 39.09 ? 201 GLY B C   1 
ATOM   1171 O O   . GLY B 2 71  ? -22.768 -1.424  -8.911  1.00 37.91 ? 201 GLY B O   1 
ATOM   1172 N N   . LYS B 2 72  ? -22.277 0.569   -9.860  1.00 38.22 ? 202 LYS B N   1 
ATOM   1173 C CA  . LYS B 2 72  ? -20.830 0.436   -9.695  1.00 37.09 ? 202 LYS B CA  1 
ATOM   1174 C C   . LYS B 2 72  ? -20.428 0.514   -8.224  1.00 35.49 ? 202 LYS B C   1 
ATOM   1175 O O   . LYS B 2 72  ? -21.061 1.208   -7.420  1.00 34.36 ? 202 LYS B O   1 
ATOM   1176 C CB  . LYS B 2 72  ? -20.083 1.481   -10.527 1.00 39.24 ? 202 LYS B CB  1 
ATOM   1177 C CG  . LYS B 2 72  ? -20.083 1.220   -12.032 1.00 41.99 ? 202 LYS B CG  1 
ATOM   1178 C CD  . LYS B 2 72  ? -19.182 2.223   -12.744 1.00 43.37 ? 202 LYS B CD  1 
ATOM   1179 C CE  . LYS B 2 72  ? -19.503 2.373   -14.223 1.00 43.01 ? 202 LYS B CE  1 
ATOM   1180 N NZ  . LYS B 2 72  ? -19.215 1.158   -15.034 1.00 44.95 ? 202 LYS B NZ  1 
ATOM   1181 N N   . LEU B 2 73  ? -19.388 -0.234  -7.877  1.00 33.39 ? 203 LEU B N   1 
ATOM   1182 C CA  . LEU B 2 73  ? -18.906 -0.299  -6.504  1.00 31.84 ? 203 LEU B CA  1 
ATOM   1183 C C   . LEU B 2 73  ? -17.766 0.696   -6.329  1.00 30.31 ? 203 LEU B C   1 
ATOM   1184 O O   . LEU B 2 73  ? -17.015 0.974   -7.267  1.00 31.91 ? 203 LEU B O   1 
ATOM   1185 C CB  . LEU B 2 73  ? -18.454 -1.724  -6.151  1.00 31.58 ? 203 LEU B CB  1 
ATOM   1186 C CG  . LEU B 2 73  ? -19.471 -2.877  -6.220  1.00 32.26 ? 203 LEU B CG  1 
ATOM   1187 C CD1 . LEU B 2 73  ? -18.803 -4.205  -6.569  1.00 30.97 ? 203 LEU B CD1 1 
ATOM   1188 C CD2 . LEU B 2 73  ? -20.262 -2.997  -4.927  1.00 31.55 ? 203 LEU B CD2 1 
ATOM   1189 N N   . TYR B 2 74  ? -17.637 1.237   -5.126  1.00 29.78 ? 204 TYR B N   1 
ATOM   1190 C CA  . TYR B 2 74  ? -16.573 2.185   -4.853  1.00 31.22 ? 204 TYR B CA  1 
ATOM   1191 C C   . TYR B 2 74  ? -16.364 2.328   -3.365  1.00 30.55 ? 204 TYR B C   1 
ATOM   1192 O O   . TYR B 2 74  ? -17.271 2.033   -2.582  1.00 28.75 ? 204 TYR B O   1 
ATOM   1193 C CB  . TYR B 2 74  ? -16.890 3.554   -5.479  1.00 33.84 ? 204 TYR B CB  1 
ATOM   1194 C CG  . TYR B 2 74  ? -18.027 4.317   -4.807  1.00 35.58 ? 204 TYR B CG  1 
ATOM   1195 C CD1 . TYR B 2 74  ? -19.355 4.165   -5.236  1.00 36.99 ? 204 TYR B CD1 1 
ATOM   1196 C CD2 . TYR B 2 74  ? -17.771 5.197   -3.754  1.00 35.87 ? 204 TYR B CD2 1 
ATOM   1197 C CE1 . TYR B 2 74  ? -20.387 4.870   -4.624  1.00 37.59 ? 204 TYR B CE1 1 
ATOM   1198 C CE2 . TYR B 2 74  ? -18.794 5.897   -3.138  1.00 37.64 ? 204 TYR B CE2 1 
ATOM   1199 C CZ  . TYR B 2 74  ? -20.096 5.736   -3.579  1.00 36.90 ? 204 TYR B CZ  1 
ATOM   1200 O OH  . TYR B 2 74  ? -21.101 6.439   -2.955  1.00 38.22 ? 204 TYR B OH  1 
ATOM   1201 N N   . VAL B 2 75  ? -15.162 2.777   -2.995  1.00 30.65 ? 205 VAL B N   1 
ATOM   1202 C CA  . VAL B 2 75  ? -14.863 3.263   -1.645  1.00 32.62 ? 205 VAL B CA  1 
ATOM   1203 C C   . VAL B 2 75  ? -14.720 4.787   -1.725  1.00 35.34 ? 205 VAL B C   1 
ATOM   1204 O O   . VAL B 2 75  ? -15.122 5.497   -0.801  1.00 33.72 ? 205 VAL B O   1 
ATOM   1205 C CB  . VAL B 2 75  ? -13.569 2.637   -1.051  1.00 33.98 ? 205 VAL B CB  1 
ATOM   1206 C CG1 . VAL B 2 75  ? -13.190 3.310   0.266   1.00 34.93 ? 205 VAL B CG1 1 
ATOM   1207 C CG2 . VAL B 2 75  ? -13.731 1.145   -0.835  1.00 34.02 ? 205 VAL B CG2 1 
ATOM   1208 N N   . SER B 2 76  ? -14.138 5.267   -2.834  1.00 37.69 ? 206 SER B N   1 
ATOM   1209 C CA  . SER B 2 76  ? -14.064 6.699   -3.162  1.00 40.94 ? 206 SER B CA  1 
ATOM   1210 C C   . SER B 2 76  ? -14.864 7.056   -4.407  1.00 43.18 ? 206 SER B C   1 
ATOM   1211 O O   . SER B 2 76  ? -14.719 6.398   -5.447  1.00 42.40 ? 206 SER B O   1 
ATOM   1212 C CB  . SER B 2 76  ? -12.615 7.154   -3.362  1.00 41.91 ? 206 SER B CB  1 
ATOM   1213 O OG  . SER B 2 76  ? -12.192 7.932   -2.260  1.00 43.10 ? 206 SER B OG  1 
ATOM   1214 N N   . SER B 2 77  ? -15.669 8.121   -4.293  1.00 44.47 ? 207 SER B N   1 
ATOM   1215 C CA  . SER B 2 77  ? -16.574 8.595   -5.361  1.00 46.47 ? 207 SER B CA  1 
ATOM   1216 C C   . SER B 2 77  ? -15.941 8.636   -6.748  1.00 47.14 ? 207 SER B C   1 
ATOM   1217 O O   . SER B 2 77  ? -16.622 8.399   -7.752  1.00 47.11 ? 207 SER B O   1 
ATOM   1218 C CB  . SER B 2 77  ? -17.111 9.996   -5.041  1.00 45.05 ? 207 SER B CB  1 
ATOM   1219 O OG  . SER B 2 77  ? -17.702 10.048  -3.760  1.00 46.43 ? 207 SER B OG  1 
ATOM   1220 N N   . GLU B 2 78  ? -14.647 8.950   -6.795  1.00 47.86 ? 208 GLU B N   1 
ATOM   1221 C CA  . GLU B 2 78  ? -13.948 9.147   -8.064  1.00 48.79 ? 208 GLU B CA  1 
ATOM   1222 C C   . GLU B 2 78  ? -13.522 7.839   -8.756  1.00 45.98 ? 208 GLU B C   1 
ATOM   1223 O O   . GLU B 2 78  ? -13.231 7.841   -9.953  1.00 43.69 ? 208 GLU B O   1 
ATOM   1224 C CB  . GLU B 2 78  ? -12.753 10.097  -7.892  1.00 52.05 ? 208 GLU B CB  1 
ATOM   1225 C CG  . GLU B 2 78  ? -13.142 11.509  -7.459  1.00 57.15 ? 208 GLU B CG  1 
ATOM   1226 C CD  . GLU B 2 78  ? -12.360 12.607  -8.177  1.00 61.93 ? 208 GLU B CD  1 
ATOM   1227 O OE1 . GLU B 2 78  ? -11.260 12.332  -8.713  1.00 63.79 ? 208 GLU B OE1 1 
ATOM   1228 O OE2 . GLU B 2 78  ? -12.849 13.761  -8.209  1.00 62.54 ? 208 GLU B OE2 1 
ATOM   1229 N N   . SER B 2 79  ? -13.506 6.730   -8.018  1.00 43.16 ? 209 SER B N   1 
ATOM   1230 C CA  . SER B 2 79  ? -13.070 5.450   -8.596  1.00 41.22 ? 209 SER B CA  1 
ATOM   1231 C C   . SER B 2 79  ? -14.094 4.341   -8.380  1.00 38.12 ? 209 SER B C   1 
ATOM   1232 O O   . SER B 2 79  ? -14.127 3.710   -7.320  1.00 35.62 ? 209 SER B O   1 
ATOM   1233 C CB  . SER B 2 79  ? -11.701 5.041   -8.046  1.00 41.06 ? 209 SER B CB  1 
ATOM   1234 O OG  . SER B 2 79  ? -10.736 6.048   -8.297  1.00 44.40 ? 209 SER B OG  1 
ATOM   1235 N N   . ARG B 2 80  ? -14.910 4.111   -9.408  1.00 37.85 ? 210 ARG B N   1 
ATOM   1236 C CA  . ARG B 2 80  ? -16.026 3.171   -9.359  1.00 37.97 ? 210 ARG B CA  1 
ATOM   1237 C C   . ARG B 2 80  ? -15.836 2.041   -10.375 1.00 36.64 ? 210 ARG B C   1 
ATOM   1238 O O   . ARG B 2 80  ? -15.365 2.283   -11.499 1.00 35.89 ? 210 ARG B O   1 
ATOM   1239 C CB  . ARG B 2 80  ? -17.335 3.910   -9.646  1.00 40.78 ? 210 ARG B CB  1 
ATOM   1240 C CG  . ARG B 2 80  ? -17.482 5.235   -8.909  1.00 44.10 ? 210 ARG B CG  1 
ATOM   1241 C CD  . ARG B 2 80  ? -18.827 5.879   -9.201  1.00 46.66 ? 210 ARG B CD  1 
ATOM   1242 N NE  . ARG B 2 80  ? -19.106 6.991   -8.291  1.00 49.72 ? 210 ARG B NE  1 
ATOM   1243 C CZ  . ARG B 2 80  ? -20.297 7.573   -8.151  1.00 50.40 ? 210 ARG B CZ  1 
ATOM   1244 N NH1 . ARG B 2 80  ? -21.338 7.148   -8.862  1.00 50.92 ? 210 ARG B NH1 1 
ATOM   1245 N NH2 . ARG B 2 80  ? -20.449 8.582   -7.298  1.00 47.69 ? 210 ARG B NH2 1 
ATOM   1246 N N   . PHE B 2 81  ? -16.221 0.818   -9.996  1.00 33.11 ? 211 PHE B N   1 
ATOM   1247 C CA  . PHE B 2 81  ? -15.963 -0.354  -10.847 1.00 33.44 ? 211 PHE B CA  1 
ATOM   1248 C C   . PHE B 2 81  ? -17.170 -1.276  -10.983 1.00 34.43 ? 211 PHE B C   1 
ATOM   1249 O O   . PHE B 2 81  ? -18.003 -1.342  -10.088 1.00 35.56 ? 211 PHE B O   1 
ATOM   1250 C CB  . PHE B 2 81  ? -14.731 -1.116  -10.328 1.00 31.21 ? 211 PHE B CB  1 
ATOM   1251 C CG  . PHE B 2 81  ? -13.524 -0.233  -10.153 1.00 30.76 ? 211 PHE B CG  1 
ATOM   1252 C CD1 . PHE B 2 81  ? -12.615 -0.062  -11.200 1.00 29.50 ? 211 PHE B CD1 1 
ATOM   1253 C CD2 . PHE B 2 81  ? -13.329 0.474   -8.965  1.00 28.56 ? 211 PHE B CD2 1 
ATOM   1254 C CE1 . PHE B 2 81  ? -11.519 0.774   -11.053 1.00 29.05 ? 211 PHE B CE1 1 
ATOM   1255 C CE2 . PHE B 2 81  ? -12.242 1.318   -8.815  1.00 29.01 ? 211 PHE B CE2 1 
ATOM   1256 C CZ  . PHE B 2 81  ? -11.340 1.468   -9.862  1.00 29.23 ? 211 PHE B CZ  1 
ATOM   1257 N N   . ASN B 2 82  ? -17.255 -1.981  -12.109 1.00 35.23 ? 212 ASN B N   1 
ATOM   1258 C CA  . ASN B 2 82  ? -18.330 -2.942  -12.341 1.00 36.89 ? 212 ASN B CA  1 
ATOM   1259 C C   . ASN B 2 82  ? -18.313 -4.101  -11.352 1.00 38.43 ? 212 ASN B C   1 
ATOM   1260 O O   . ASN B 2 82  ? -19.370 -4.577  -10.930 1.00 39.80 ? 212 ASN B O   1 
ATOM   1261 C CB  . ASN B 2 82  ? -18.264 -3.513  -13.762 1.00 39.52 ? 212 ASN B CB  1 
ATOM   1262 C CG  . ASN B 2 82  ? -18.402 -2.453  -14.839 1.00 41.54 ? 212 ASN B CG  1 
ATOM   1263 O OD1 . ASN B 2 82  ? -18.857 -1.330  -14.588 1.00 42.50 ? 212 ASN B OD1 1 
ATOM   1264 N ND2 . ASN B 2 82  ? -18.016 -2.813  -16.060 1.00 42.60 ? 212 ASN B ND2 1 
ATOM   1265 N N   . THR B 2 83  ? -17.118 -4.575  -10.997 1.00 36.44 ? 213 THR B N   1 
ATOM   1266 C CA  . THR B 2 83  ? -17.006 -5.746  -10.127 1.00 33.34 ? 213 THR B CA  1 
ATOM   1267 C C   . THR B 2 83  ? -16.146 -5.452  -8.917  1.00 31.49 ? 213 THR B C   1 
ATOM   1268 O O   . THR B 2 83  ? -15.358 -4.510  -8.914  1.00 29.83 ? 213 THR B O   1 
ATOM   1269 C CB  . THR B 2 83  ? -16.452 -6.996  -10.870 1.00 36.39 ? 213 THR B CB  1 
ATOM   1270 O OG1 . THR B 2 83  ? -15.252 -6.660  -11.589 1.00 36.82 ? 213 THR B OG1 1 
ATOM   1271 C CG2 . THR B 2 83  ? -17.489 -7.582  -11.836 1.00 35.03 ? 213 THR B CG2 1 
ATOM   1272 N N   . LEU B 2 84  ? -16.303 -6.271  -7.887  1.00 30.78 ? 214 LEU B N   1 
ATOM   1273 C CA  . LEU B 2 84  ? -15.537 -6.114  -6.662  1.00 30.42 ? 214 LEU B CA  1 
ATOM   1274 C C   . LEU B 2 84  ? -14.036 -6.434  -6.848  1.00 30.40 ? 214 LEU B C   1 
ATOM   1275 O O   . LEU B 2 84  ? -13.191 -5.801  -6.225  1.00 29.60 ? 214 LEU B O   1 
ATOM   1276 C CB  . LEU B 2 84  ? -16.160 -6.973  -5.572  1.00 30.10 ? 214 LEU B CB  1 
ATOM   1277 C CG  . LEU B 2 84  ? -15.515 -7.079  -4.198  1.00 31.48 ? 214 LEU B CG  1 
ATOM   1278 C CD1 . LEU B 2 84  ? -15.627 -5.768  -3.425  1.00 31.07 ? 214 LEU B CD1 1 
ATOM   1279 C CD2 . LEU B 2 84  ? -16.177 -8.223  -3.450  1.00 32.05 ? 214 LEU B CD2 1 
ATOM   1280 N N   . ALA B 2 85  ? -13.721 -7.413  -7.700  1.00 30.18 ? 215 ALA B N   1 
ATOM   1281 C CA  . ALA B 2 85  ? -12.333 -7.753  -8.017  1.00 29.25 ? 215 ALA B CA  1 
ATOM   1282 C C   . ALA B 2 85  ? -11.596 -6.567  -8.633  1.00 28.63 ? 215 ALA B C   1 
ATOM   1283 O O   . ALA B 2 85  ? -10.458 -6.295  -8.264  1.00 28.98 ? 215 ALA B O   1 
ATOM   1284 C CB  . ALA B 2 85  ? -12.256 -8.968  -8.937  1.00 27.88 ? 215 ALA B CB  1 
ATOM   1285 N N   . GLU B 2 86  ? -12.248 -5.856  -9.553  1.00 29.04 ? 216 GLU B N   1 
ATOM   1286 C CA  . GLU B 2 86  ? -11.671 -4.645  -10.153 1.00 28.21 ? 216 GLU B CA  1 
ATOM   1287 C C   . GLU B 2 86  ? -11.386 -3.551  -9.126  1.00 25.79 ? 216 GLU B C   1 
ATOM   1288 O O   . GLU B 2 86  ? -10.365 -2.876  -9.206  1.00 26.17 ? 216 GLU B O   1 
ATOM   1289 C CB  . GLU B 2 86  ? -12.588 -4.071  -11.227 1.00 30.89 ? 216 GLU B CB  1 
ATOM   1290 C CG  . GLU B 2 86  ? -12.725 -4.879  -12.509 1.00 33.64 ? 216 GLU B CG  1 
ATOM   1291 C CD  . GLU B 2 86  ? -13.796 -4.285  -13.423 1.00 36.92 ? 216 GLU B CD  1 
ATOM   1292 O OE1 . GLU B 2 86  ? -14.971 -4.175  -12.994 1.00 37.95 ? 216 GLU B OE1 1 
ATOM   1293 O OE2 . GLU B 2 86  ? -13.463 -3.895  -14.562 1.00 39.25 ? 216 GLU B OE2 1 
ATOM   1294 N N   . LEU B 2 87  ? -12.292 -3.372  -8.172  1.00 23.50 ? 217 LEU B N   1 
ATOM   1295 C CA  . LEU B 2 87  ? -12.103 -2.382  -7.116  1.00 22.58 ? 217 LEU B CA  1 
ATOM   1296 C C   . LEU B 2 87  ? -10.901 -2.741  -6.220  1.00 21.28 ? 217 LEU B C   1 
ATOM   1297 O O   . LEU B 2 87  ? -10.052 -1.895  -5.970  1.00 21.02 ? 217 LEU B O   1 
ATOM   1298 C CB  . LEU B 2 87  ? -13.379 -2.229  -6.279  1.00 22.30 ? 217 LEU B CB  1 
ATOM   1299 C CG  . LEU B 2 87  ? -13.273 -1.442  -4.971  1.00 23.17 ? 217 LEU B CG  1 
ATOM   1300 C CD1 . LEU B 2 87  ? -13.178 0.036   -5.272  1.00 26.79 ? 217 LEU B CD1 1 
ATOM   1301 C CD2 . LEU B 2 87  ? -14.469 -1.688  -4.066  1.00 25.69 ? 217 LEU B CD2 1 
ATOM   1302 N N   . VAL B 2 88  ? -10.841 -3.982  -5.745  1.00 19.51 ? 218 VAL B N   1 
ATOM   1303 C CA  . VAL B 2 88  ? -9.696  -4.463  -4.955  1.00 19.85 ? 218 VAL B CA  1 
ATOM   1304 C C   . VAL B 2 88  ? -8.380  -4.298  -5.736  1.00 19.47 ? 218 VAL B C   1 
ATOM   1305 O O   . VAL B 2 88  ? -7.387  -3.851  -5.174  1.00 18.94 ? 218 VAL B O   1 
ATOM   1306 C CB  . VAL B 2 88  ? -9.879  -5.943  -4.516  1.00 19.41 ? 218 VAL B CB  1 
ATOM   1307 C CG1 . VAL B 2 88  ? -8.598  -6.511  -3.927  1.00 19.10 ? 218 VAL B CG1 1 
ATOM   1308 C CG2 . VAL B 2 88  ? -11.035 -6.077  -3.532  1.00 18.95 ? 218 VAL B CG2 1 
ATOM   1309 N N   . HIS B 2 89  ? -8.400  -4.640  -7.030  1.00 20.21 ? 219 HIS B N   1 
ATOM   1310 C CA  . HIS B 2 89  ? -7.182  -4.635  -7.857  1.00 20.84 ? 219 HIS B CA  1 
ATOM   1311 C C   . HIS B 2 89  ? -6.661  -3.246  -8.030  1.00 20.25 ? 219 HIS B C   1 
ATOM   1312 O O   . HIS B 2 89  ? -5.474  -3.017  -7.885  1.00 20.77 ? 219 HIS B O   1 
ATOM   1313 C CB  . HIS B 2 89  ? -7.377  -5.338  -9.204  1.00 21.32 ? 219 HIS B CB  1 
ATOM   1314 C CG  . HIS B 2 89  ? -7.523  -6.837  -9.096  1.00 22.39 ? 219 HIS B CG  1 
ATOM   1315 N ND1 . HIS B 2 89  ? -7.826  -7.613  -10.157 1.00 23.55 ? 219 HIS B ND1 1 
ATOM   1316 C CD2 . HIS B 2 89  ? -7.425  -7.695  -7.997  1.00 23.67 ? 219 HIS B CD2 1 
ATOM   1317 C CE1 . HIS B 2 89  ? -7.906  -8.903  -9.768  1.00 24.27 ? 219 HIS B CE1 1 
ATOM   1318 N NE2 . HIS B 2 89  ? -7.655  -8.954  -8.443  1.00 24.91 ? 219 HIS B NE2 1 
ATOM   1319 N N   . HIS B 2 90  ? -7.560  -2.301  -8.292  1.00 20.61 ? 220 HIS B N   1 
ATOM   1320 C CA  . HIS B 2 90  ? -7.213  -0.875  -8.309  1.00 20.70 ? 220 HIS B CA  1 
ATOM   1321 C C   . HIS B 2 90  ? -6.603  -0.404  -6.997  1.00 20.37 ? 220 HIS B C   1 
ATOM   1322 O O   . HIS B 2 90  ? -5.579  0.273   -6.995  1.00 20.34 ? 220 HIS B O   1 
ATOM   1323 C CB  . HIS B 2 90  ? -8.457  -0.060  -8.622  1.00 21.56 ? 220 HIS B CB  1 
ATOM   1324 C CG  . HIS B 2 90  ? -8.269  1.425   -8.474  1.00 21.64 ? 220 HIS B CG  1 
ATOM   1325 N ND1 . HIS B 2 90  ? -7.733  2.185   -9.447  1.00 22.01 ? 220 HIS B ND1 1 
ATOM   1326 C CD2 . HIS B 2 90  ? -8.593  2.290   -7.423  1.00 21.63 ? 220 HIS B CD2 1 
ATOM   1327 C CE1 . HIS B 2 90  ? -7.701  3.476   -9.044  1.00 22.62 ? 220 HIS B CE1 1 
ATOM   1328 N NE2 . HIS B 2 90  ? -8.236  3.538   -7.802  1.00 23.33 ? 220 HIS B NE2 1 
ATOM   1329 N N   . HIS B 2 91  ? -7.225  -0.743  -5.869  1.00 18.99 ? 221 HIS B N   1 
ATOM   1330 C CA  . HIS B 2 91  ? -6.700  -0.313  -4.569  1.00 18.93 ? 221 HIS B CA  1 
ATOM   1331 C C   . HIS B 2 91  ? -5.418  -0.992  -4.089  1.00 17.87 ? 221 HIS B C   1 
ATOM   1332 O O   . HIS B 2 91  ? -4.846  -0.627  -3.046  1.00 17.75 ? 221 HIS B O   1 
ATOM   1333 C CB  . HIS B 2 91  ? -7.795  -0.354  -3.518  1.00 20.03 ? 221 HIS B CB  1 
ATOM   1334 C CG  . HIS B 2 91  ? -8.763  0.780   -3.637  1.00 21.53 ? 221 HIS B CG  1 
ATOM   1335 N ND1 . HIS B 2 91  ? -8.450  2.040   -3.277  1.00 21.60 ? 221 HIS B ND1 1 
ATOM   1336 C CD2 . HIS B 2 91  ? -10.063 0.825   -4.135  1.00 22.83 ? 221 HIS B CD2 1 
ATOM   1337 C CE1 . HIS B 2 91  ? -9.501  2.844   -3.509  1.00 22.27 ? 221 HIS B CE1 1 
ATOM   1338 N NE2 . HIS B 2 91  ? -10.484 2.104   -4.043  1.00 22.68 ? 221 HIS B NE2 1 
ATOM   1339 N N   . SER B 2 92  ? -4.933  -1.949  -4.872  1.00 16.69 ? 222 SER B N   1 
ATOM   1340 C CA  . SER B 2 92  ? -3.642  -2.555  -4.609  1.00 16.63 ? 222 SER B CA  1 
ATOM   1341 C C   . SER B 2 92  ? -2.508  -1.712  -5.194  1.00 17.29 ? 222 SER B C   1 
ATOM   1342 O O   . SER B 2 92  ? -1.374  -1.824  -4.770  1.00 17.54 ? 222 SER B O   1 
ATOM   1343 C CB  . SER B 2 92  ? -3.590  -4.017  -5.098  1.00 14.83 ? 222 SER B CB  1 
ATOM   1344 O OG  . SER B 2 92  ? -3.353  -4.125  -6.478  1.00 13.98 ? 222 SER B OG  1 
ATOM   1345 N N   . THR B 2 93  ? -2.826  -0.848  -6.148  1.00 19.16 ? 223 THR B N   1 
ATOM   1346 C CA  . THR B 2 93  ? -1.813  -0.014  -6.789  1.00 20.74 ? 223 THR B CA  1 
ATOM   1347 C C   . THR B 2 93  ? -1.871  1.477   -6.415  1.00 22.02 ? 223 THR B C   1 
ATOM   1348 O O   . THR B 2 93  ? -0.856  2.160   -6.523  1.00 21.56 ? 223 THR B O   1 
ATOM   1349 C CB  . THR B 2 93  ? -1.815  -0.171  -8.329  1.00 21.29 ? 223 THR B CB  1 
ATOM   1350 O OG1 . THR B 2 93  ? -3.080  0.254   -8.845  1.00 23.03 ? 223 THR B OG1 1 
ATOM   1351 C CG2 . THR B 2 93  ? -1.562  -1.623  -8.736  1.00 20.69 ? 223 THR B CG2 1 
ATOM   1352 N N   . VAL B 2 94  ? -3.043  1.973   -5.994  1.00 22.38 ? 224 VAL B N   1 
ATOM   1353 C CA  . VAL B 2 94  ? -3.194  3.358   -5.475  1.00 22.52 ? 224 VAL B CA  1 
ATOM   1354 C C   . VAL B 2 94  ? -4.116  3.328   -4.261  1.00 22.25 ? 224 VAL B C   1 
ATOM   1355 O O   . VAL B 2 94  ? -5.184  2.716   -4.310  1.00 22.63 ? 224 VAL B O   1 
ATOM   1356 C CB  . VAL B 2 94  ? -3.778  4.371   -6.516  1.00 23.88 ? 224 VAL B CB  1 
ATOM   1357 C CG1 . VAL B 2 94  ? -2.845  4.590   -7.698  1.00 25.70 ? 224 VAL B CG1 1 
ATOM   1358 C CG2 . VAL B 2 94  ? -5.126  3.906   -7.046  1.00 23.76 ? 224 VAL B CG2 1 
ATOM   1359 N N   . ALA B 2 95  ? -3.723  3.980   -3.175  1.00 21.94 ? 225 ALA B N   1 
ATOM   1360 C CA  . ALA B 2 95  ? -4.528  3.948   -1.973  1.00 23.25 ? 225 ALA B CA  1 
ATOM   1361 C C   . ALA B 2 95  ? -5.916  4.531   -2.275  1.00 25.98 ? 225 ALA B C   1 
ATOM   1362 O O   . ALA B 2 95  ? -6.942  3.902   -1.972  1.00 23.85 ? 225 ALA B O   1 
ATOM   1363 C CB  . ALA B 2 95  ? -3.840  4.699   -0.851  1.00 23.44 ? 225 ALA B CB  1 
ATOM   1364 N N   . ASP B 2 96  ? -5.935  5.714   -2.906  1.00 27.25 ? 226 ASP B N   1 
ATOM   1365 C CA  . ASP B 2 96  ? -7.172  6.328   -3.410  1.00 27.46 ? 226 ASP B CA  1 
ATOM   1366 C C   . ASP B 2 96  ? -8.306  6.335   -2.372  1.00 27.03 ? 226 ASP B C   1 
ATOM   1367 O O   . ASP B 2 96  ? -9.408  5.813   -2.616  1.00 27.72 ? 226 ASP B O   1 
ATOM   1368 C CB  . ASP B 2 96  ? -7.599  5.584   -4.675  1.00 30.11 ? 226 ASP B CB  1 
ATOM   1369 C CG  . ASP B 2 96  ? -8.358  6.453   -5.645  1.00 32.23 ? 226 ASP B CG  1 
ATOM   1370 O OD1 . ASP B 2 96  ? -8.232  7.689   -5.612  1.00 33.59 ? 226 ASP B OD1 1 
ATOM   1371 O OD2 . ASP B 2 96  ? -9.073  5.881   -6.475  1.00 35.95 ? 226 ASP B OD2 1 
ATOM   1372 N N   . GLY B 2 97  ? -8.027  6.881   -1.195  1.00 26.63 ? 227 GLY B N   1 
ATOM   1373 C CA  . GLY B 2 97  ? -9.025  6.924   -0.127  1.00 26.76 ? 227 GLY B CA  1 
ATOM   1374 C C   . GLY B 2 97  ? -8.714  6.055   1.075   1.00 28.63 ? 227 GLY B C   1 
ATOM   1375 O O   . GLY B 2 97  ? -9.028  6.424   2.216   1.00 31.32 ? 227 GLY B O   1 
ATOM   1376 N N   . LEU B 2 98  ? -8.110  4.892   0.845   1.00 26.22 ? 228 LEU B N   1 
ATOM   1377 C CA  . LEU B 2 98  ? -7.754  4.016   1.954   1.00 25.19 ? 228 LEU B CA  1 
ATOM   1378 C C   . LEU B 2 98  ? -6.475  4.512   2.609   1.00 24.78 ? 228 LEU B C   1 
ATOM   1379 O O   . LEU B 2 98  ? -5.678  5.216   1.979   1.00 23.97 ? 228 LEU B O   1 
ATOM   1380 C CB  . LEU B 2 98  ? -7.563  2.579   1.479   1.00 25.23 ? 228 LEU B CB  1 
ATOM   1381 C CG  . LEU B 2 98  ? -8.643  1.947   0.603   1.00 27.13 ? 228 LEU B CG  1 
ATOM   1382 C CD1 . LEU B 2 98  ? -8.100  0.653   0.034   1.00 26.14 ? 228 LEU B CD1 1 
ATOM   1383 C CD2 . LEU B 2 98  ? -9.920  1.684   1.389   1.00 27.38 ? 228 LEU B CD2 1 
ATOM   1384 N N   . ILE B 2 99  ? -6.275  4.128   3.863   1.00 24.00 ? 229 ILE B N   1 
ATOM   1385 C CA  . ILE B 2 99  ? -5.069  4.497   4.613   1.00 24.83 ? 229 ILE B CA  1 
ATOM   1386 C C   . ILE B 2 99  ? -3.779  3.919   3.985   1.00 25.11 ? 229 ILE B C   1 
ATOM   1387 O O   . ILE B 2 99  ? -2.662  4.362   4.304   1.00 24.06 ? 229 ILE B O   1 
ATOM   1388 C CB  . ILE B 2 99  ? -5.209  4.090   6.101   1.00 25.32 ? 229 ILE B CB  1 
ATOM   1389 C CG1 . ILE B 2 99  ? -4.213  4.833   7.001   1.00 25.42 ? 229 ILE B CG1 1 
ATOM   1390 C CG2 . ILE B 2 99  ? -5.155  2.570   6.288   1.00 26.33 ? 229 ILE B CG2 1 
ATOM   1391 C CD1 . ILE B 2 99  ? -4.805  6.051   7.664   1.00 25.62 ? 229 ILE B CD1 1 
ATOM   1392 N N   . THR B 2 100 ? -3.936  2.937   3.090   1.00 23.16 ? 230 THR B N   1 
ATOM   1393 C CA  . THR B 2 100 ? -2.789  2.330   2.396   1.00 20.78 ? 230 THR B CA  1 
ATOM   1394 C C   . THR B 2 100 ? -3.279  1.378   1.289   1.00 19.64 ? 230 THR B C   1 
ATOM   1395 O O   . THR B 2 100 ? -4.483  1.171   1.125   1.00 18.45 ? 230 THR B O   1 
ATOM   1396 C CB  . THR B 2 100 ? -1.861  1.594   3.398   1.00 21.17 ? 230 THR B CB  1 
ATOM   1397 O OG1 . THR B 2 100 ? -0.574  1.377   2.811   1.00 20.54 ? 230 THR B OG1 1 
ATOM   1398 C CG2 . THR B 2 100 ? -2.468  0.254   3.860   1.00 20.70 ? 230 THR B CG2 1 
ATOM   1399 N N   . THR B 2 101 ? -2.347  0.810   0.535   1.00 17.24 ? 231 THR B N   1 
ATOM   1400 C CA  . THR B 2 101 ? -2.711  -0.099  -0.523  1.00 16.48 ? 231 THR B CA  1 
ATOM   1401 C C   . THR B 2 101 ? -2.999  -1.507  0.013   1.00 15.29 ? 231 THR B C   1 
ATOM   1402 O O   . THR B 2 101 ? -2.471  -1.918  1.049   1.00 15.23 ? 231 THR B O   1 
ATOM   1403 C CB  . THR B 2 101 ? -1.656  -0.104  -1.641  1.00 16.70 ? 231 THR B CB  1 
ATOM   1404 O OG1 . THR B 2 101 ? -0.363  -0.332  -1.064  1.00 17.09 ? 231 THR B OG1 1 
ATOM   1405 C CG2 . THR B 2 101 ? -1.661  1.264   -2.365  1.00 17.00 ? 231 THR B CG2 1 
ATOM   1406 N N   . LEU B 2 102 ? -3.864  -2.218  -0.702  1.00 14.44 ? 232 LEU B N   1 
ATOM   1407 C CA  . LEU B 2 102 ? -4.269  -3.597  -0.375  1.00 13.60 ? 232 LEU B CA  1 
ATOM   1408 C C   . LEU B 2 102 ? -3.278  -4.602  -0.980  1.00 13.57 ? 232 LEU B C   1 
ATOM   1409 O O   . LEU B 2 102 ? -3.041  -4.586  -2.199  1.00 13.38 ? 232 LEU B O   1 
ATOM   1410 C CB  . LEU B 2 102 ? -5.669  -3.844  -0.960  1.00 13.91 ? 232 LEU B CB  1 
ATOM   1411 C CG  . LEU B 2 102 ? -6.780  -2.838  -0.617  1.00 13.87 ? 232 LEU B CG  1 
ATOM   1412 C CD1 . LEU B 2 102 ? -8.112  -3.286  -1.175  1.00 13.86 ? 232 LEU B CD1 1 
ATOM   1413 C CD2 . LEU B 2 102 ? -6.900  -2.704  0.895   1.00 13.71 ? 232 LEU B CD2 1 
ATOM   1414 N N   . HIS B 2 103 ? -2.684  -5.460  -0.146  1.00 12.63 ? 233 HIS B N   1 
ATOM   1415 C CA  . HIS B 2 103 ? -1.687  -6.420  -0.634  1.00 12.18 ? 233 HIS B CA  1 
ATOM   1416 C C   . HIS B 2 103 ? -1.858  -7.833  -0.133  1.00 12.35 ? 233 HIS B C   1 
ATOM   1417 O O   . HIS B 2 103 ? -1.958  -8.734  -0.935  1.00 11.97 ? 233 HIS B O   1 
ATOM   1418 C CB  . HIS B 2 103 ? -0.257  -5.937  -0.354  1.00 11.85 ? 233 HIS B CB  1 
ATOM   1419 C CG  . HIS B 2 103 ? 0.073   -4.603  -0.984  1.00 12.06 ? 233 HIS B CG  1 
ATOM   1420 N ND1 . HIS B 2 103 ? 0.027   -4.396  -2.325  1.00 11.65 ? 233 HIS B ND1 1 
ATOM   1421 C CD2 . HIS B 2 103 ? 0.468   -3.386  -0.406  1.00 11.93 ? 233 HIS B CD2 1 
ATOM   1422 C CE1 . HIS B 2 103 ? 0.366   -3.111  -2.595  1.00 12.06 ? 233 HIS B CE1 1 
ATOM   1423 N NE2 . HIS B 2 103 ? 0.636   -2.491  -1.420  1.00 12.15 ? 233 HIS B NE2 1 
ATOM   1424 N N   . TYR B 2 104 ? -1.886  -8.041  1.189   1.00 12.33 ? 234 TYR B N   1 
ATOM   1425 C CA  . TYR B 2 104 ? -1.739  -9.403  1.748   1.00 13.20 ? 234 TYR B CA  1 
ATOM   1426 C C   . TYR B 2 104 ? -3.030  -9.962  2.350   1.00 14.03 ? 234 TYR B C   1 
ATOM   1427 O O   . TYR B 2 104 ? -3.452  -9.506  3.407   1.00 15.05 ? 234 TYR B O   1 
ATOM   1428 C CB  . TYR B 2 104 ? -0.603  -9.446  2.784   1.00 12.28 ? 234 TYR B CB  1 
ATOM   1429 C CG  . TYR B 2 104 ? 0.657   -8.716  2.326   1.00 11.62 ? 234 TYR B CG  1 
ATOM   1430 C CD1 . TYR B 2 104 ? 1.015   -7.465  2.878   1.00 11.55 ? 234 TYR B CD1 1 
ATOM   1431 C CD2 . TYR B 2 104 ? 1.472   -9.258  1.321   1.00 11.01 ? 234 TYR B CD2 1 
ATOM   1432 C CE1 . TYR B 2 104 ? 2.150   -6.780  2.438   1.00 10.94 ? 234 TYR B CE1 1 
ATOM   1433 C CE2 . TYR B 2 104 ? 2.611   -8.595  0.889   1.00 11.07 ? 234 TYR B CE2 1 
ATOM   1434 C CZ  . TYR B 2 104 ? 2.944   -7.357  1.445   1.00 11.38 ? 234 TYR B CZ  1 
ATOM   1435 O OH  . TYR B 2 104 ? 4.102   -6.725  1.011   1.00 11.94 ? 234 TYR B OH  1 
ATOM   1436 N N   . PRO B 2 105 ? -3.660  -10.947 1.680   1.00 14.54 ? 235 PRO B N   1 
ATOM   1437 C CA  . PRO B 2 105 ? -4.919  -11.507 2.195   1.00 14.92 ? 235 PRO B CA  1 
ATOM   1438 C C   . PRO B 2 105 ? -4.726  -12.075 3.602   1.00 15.53 ? 235 PRO B C   1 
ATOM   1439 O O   . PRO B 2 105 ? -3.708  -12.724 3.873   1.00 15.12 ? 235 PRO B O   1 
ATOM   1440 C CB  . PRO B 2 105 ? -5.229  -12.656 1.236   1.00 14.48 ? 235 PRO B CB  1 
ATOM   1441 C CG  . PRO B 2 105 ? -4.498  -12.319 -0.013  1.00 15.73 ? 235 PRO B CG  1 
ATOM   1442 C CD  . PRO B 2 105 ? -3.283  -11.524 0.375   1.00 14.68 ? 235 PRO B CD  1 
ATOM   1443 N N   . ALA B 2 106 ? -5.693  -11.832 4.483   1.00 16.36 ? 236 ALA B N   1 
ATOM   1444 C CA  . ALA B 2 106 ? -5.674  -12.433 5.823   1.00 17.24 ? 236 ALA B CA  1 
ATOM   1445 C C   . ALA B 2 106 ? -5.830  -13.943 5.668   1.00 17.73 ? 236 ALA B C   1 
ATOM   1446 O O   . ALA B 2 106 ? -6.491  -14.402 4.737   1.00 16.88 ? 236 ALA B O   1 
ATOM   1447 C CB  . ALA B 2 106 ? -6.802  -11.863 6.683   1.00 17.67 ? 236 ALA B CB  1 
ATOM   1448 N N   . PRO B 2 107 ? -5.202  -14.730 6.558   1.00 19.61 ? 237 PRO B N   1 
ATOM   1449 C CA  . PRO B 2 107 ? -5.420  -16.181 6.452   1.00 20.95 ? 237 PRO B CA  1 
ATOM   1450 C C   . PRO B 2 107 ? -6.903  -16.569 6.721   1.00 22.97 ? 237 PRO B C   1 
ATOM   1451 O O   . PRO B 2 107 ? -7.569  -15.931 7.538   1.00 24.56 ? 237 PRO B O   1 
ATOM   1452 C CB  . PRO B 2 107 ? -4.451  -16.778 7.492   1.00 21.63 ? 237 PRO B CB  1 
ATOM   1453 C CG  . PRO B 2 107 ? -3.942  -15.644 8.330   1.00 21.08 ? 237 PRO B CG  1 
ATOM   1454 C CD  . PRO B 2 107 ? -4.322  -14.337 7.683   1.00 20.22 ? 237 PRO B CD  1 
ATOM   1455 N N   . LYS B 2 108 ? -7.427  -17.559 5.998   1.00 26.06 ? 238 LYS B N   1 
ATOM   1456 C CA  . LYS B 2 108 ? -8.851  -17.944 6.110   1.00 29.05 ? 238 LYS B CA  1 
ATOM   1457 C C   . LYS B 2 108 ? -9.164  -18.987 7.198   1.00 32.01 ? 238 LYS B C   1 
ATOM   1458 O O   . LYS B 2 108 ? -8.347  -19.253 8.087   1.00 35.90 ? 238 LYS B O   1 
ATOM   1459 C CB  . LYS B 2 108 ? -9.391  -18.445 4.769   1.00 30.76 ? 238 LYS B CB  1 
ATOM   1460 C CG  . LYS B 2 108 ? -9.855  -17.356 3.823   1.00 28.64 ? 238 LYS B CG  1 
ATOM   1461 C CD  . LYS B 2 108 ? -10.471 -17.964 2.576   1.00 28.58 ? 238 LYS B CD  1 
ATOM   1462 C CE  . LYS B 2 108 ? -11.010 -16.886 1.644   1.00 27.28 ? 238 LYS B CE  1 
ATOM   1463 N NZ  . LYS B 2 108 ? -11.672 -17.486 0.458   1.00 27.80 ? 238 LYS B NZ  1 
HETATM 1464 O O   . HOH C 3 .   ? 12.312  6.092   17.788  1.00 11.93 ? 101 HOH A O   1 
HETATM 1465 O O   . HOH C 3 .   ? 5.314   2.610   -15.800 1.00 22.31 ? 102 HOH A O   1 
HETATM 1466 O O   . HOH C 3 .   ? 14.757  -6.545  4.032   1.00 24.55 ? 103 HOH A O   1 
HETATM 1467 O O   . HOH C 3 .   ? 25.645  5.244   5.691   1.00 21.19 ? 104 HOH A O   1 
HETATM 1468 O O   . HOH C 3 .   ? 12.350  12.856  -17.501 1.00 17.89 ? 105 HOH A O   1 
HETATM 1469 O O   . HOH C 3 .   ? 10.250  16.057  -10.107 1.00 32.65 ? 106 HOH A O   1 
HETATM 1470 O O   . HOH C 3 .   ? 21.079  6.741   10.494  1.00 11.42 ? 107 HOH A O   1 
HETATM 1471 O O   . HOH C 3 .   ? 20.083  -1.012  -5.239  1.00 47.57 ? 108 HOH A O   1 
HETATM 1472 O O   . HOH C 3 .   ? 11.733  -7.867  -4.587  1.00 13.07 ? 109 HOH A O   1 
HETATM 1473 O O   . HOH C 3 .   ? 14.125  -7.405  1.217   1.00 22.27 ? 110 HOH A O   1 
HETATM 1474 O O   . HOH C 3 .   ? 13.099  -2.996  6.897   1.00 14.31 ? 111 HOH A O   1 
HETATM 1475 O O   . HOH C 3 .   ? 16.640  12.932  -2.589  1.00 18.88 ? 112 HOH A O   1 
HETATM 1476 O O   . HOH C 3 .   ? 0.300   3.925   -4.469  1.00 36.47 ? 113 HOH A O   1 
HETATM 1477 O O   . HOH C 3 .   ? 13.472  13.526  8.594   1.00 15.59 ? 114 HOH A O   1 
HETATM 1478 O O   . HOH C 3 .   ? 20.237  0.824   14.614  1.00 10.13 ? 115 HOH A O   1 
HETATM 1479 O O   . HOH C 3 .   ? -1.962  2.353   -10.852 1.00 27.71 ? 116 HOH A O   1 
HETATM 1480 O O   . HOH C 3 .   ? 14.762  -1.827  -10.721 1.00 29.79 ? 117 HOH A O   1 
HETATM 1481 O O   . HOH C 3 .   ? 14.947  10.913  -5.538  1.00 18.55 ? 118 HOH A O   1 
HETATM 1482 O O   . HOH C 3 .   ? 10.440  -8.063  -10.368 1.00 25.73 ? 119 HOH A O   1 
HETATM 1483 O O   . HOH C 3 .   ? 3.484   5.160   -18.431 1.00 24.43 ? 120 HOH A O   1 
HETATM 1484 O O   . HOH C 3 .   ? 19.824  4.706   3.043   1.00 12.72 ? 121 HOH A O   1 
HETATM 1485 O O   . HOH C 3 .   ? 21.033  -5.091  3.463   1.00 33.01 ? 122 HOH A O   1 
HETATM 1486 O O   . HOH C 3 .   ? 5.899   5.599   8.220   1.00 26.83 ? 123 HOH A O   1 
HETATM 1487 O O   . HOH C 3 .   ? 15.879  14.335  -8.823  1.00 28.69 ? 124 HOH A O   1 
HETATM 1488 O O   . HOH C 3 .   ? 22.846  4.517   -5.156  1.00 19.99 ? 125 HOH A O   1 
HETATM 1489 O O   . HOH C 3 .   ? 3.013   7.951   -3.976  1.00 19.93 ? 126 HOH A O   1 
HETATM 1490 O O   . HOH C 3 .   ? 8.512   2.791   11.953  1.00 19.00 ? 127 HOH A O   1 
HETATM 1491 O O   . HOH C 3 .   ? 10.918  0.671   13.717  1.00 30.21 ? 128 HOH A O   1 
HETATM 1492 O O   . HOH C 3 .   ? 5.869   -4.539  -14.312 1.00 16.33 ? 129 HOH A O   1 
HETATM 1493 O O   . HOH C 3 .   ? 19.313  2.810   -11.899 1.00 26.40 ? 130 HOH A O   1 
HETATM 1494 O O   . HOH C 3 .   ? 15.903  -4.636  10.016  1.00 41.31 ? 131 HOH A O   1 
HETATM 1495 O O   . HOH C 3 .   ? 16.953  -4.886  -9.054  1.00 40.86 ? 132 HOH A O   1 
HETATM 1496 O O   . HOH C 3 .   ? 18.142  17.158  -10.304 1.00 55.62 ? 133 HOH A O   1 
HETATM 1497 O O   . HOH C 3 .   ? 3.507   0.010   -17.480 1.00 23.78 ? 134 HOH A O   1 
HETATM 1498 O O   . HOH D 3 .   ? -4.981  -13.442 -3.931  1.00 18.48 ? 301 HOH B O   1 
HETATM 1499 O O   . HOH D 3 .   ? -8.546  6.042   5.693   1.00 32.89 ? 302 HOH B O   1 
HETATM 1500 O O   . HOH D 3 .   ? -7.753  -11.022 -6.905  1.00 26.09 ? 303 HOH B O   1 
HETATM 1501 O O   . HOH D 3 .   ? 3.743   3.625   4.913   1.00 38.13 ? 304 HOH B O   1 
HETATM 1502 O O   . HOH D 3 .   ? 0.829   -3.168  10.863  1.00 24.46 ? 305 HOH B O   1 
HETATM 1503 O O   . HOH D 3 .   ? -13.014 3.402   -4.851  1.00 27.74 ? 306 HOH B O   1 
HETATM 1504 O O   . HOH D 3 .   ? -19.161 -7.589  7.837   1.00 29.89 ? 307 HOH B O   1 
HETATM 1505 O O   . HOH D 3 .   ? -6.388  -16.007 2.380   1.00 15.74 ? 308 HOH B O   1 
HETATM 1506 O O   . HOH D 3 .   ? -21.895 -2.679  1.330   1.00 45.57 ? 309 HOH B O   1 
HETATM 1507 O O   . HOH D 3 .   ? -15.244 -9.667  -8.621  1.00 34.76 ? 310 HOH B O   1 
HETATM 1508 O O   . HOH D 3 .   ? -7.074  -15.587 -4.758  1.00 33.19 ? 311 HOH B O   1 
HETATM 1509 O O   . HOH D 3 .   ? -28.609 -7.672  3.147   1.00 48.35 ? 312 HOH B O   1 
HETATM 1510 O O   . HOH D 3 .   ? -20.354 -14.227 14.215  1.00 34.69 ? 313 HOH B O   1 
HETATM 1511 O O   . HOH D 3 .   ? -24.622 7.619   -7.806  1.00 48.63 ? 314 HOH B O   1 
HETATM 1512 O O   . HOH D 3 .   ? 4.201   -3.716  8.750   1.00 21.67 ? 315 HOH B O   1 
HETATM 1513 O O   . HOH D 3 .   ? 3.640   -2.346  -0.496  1.00 28.08 ? 316 HOH B O   1 
HETATM 1514 O O   . HOH D 3 .   ? 2.985   -13.393 11.712  1.00 26.43 ? 317 HOH B O   1 
HETATM 1515 O O   . HOH D 3 .   ? -7.618  -2.269  15.714  1.00 37.03 ? 318 HOH B O   1 
HETATM 1516 O O   . HOH D 3 .   ? -22.652 -9.751  -1.156  1.00 51.30 ? 319 HOH B O   1 
HETATM 1517 O O   . HOH D 3 .   ? -15.003 -0.606  -14.133 1.00 39.02 ? 320 HOH B O   1 
HETATM 1518 O O   . HOH D 3 .   ? -12.026 -16.541 7.506   1.00 24.07 ? 321 HOH B O   1 
# 
